data_1J26
#
_entry.id   1J26
#
_cell.length_a   1.000
_cell.length_b   1.000
_cell.length_c   1.000
_cell.angle_alpha   90.00
_cell.angle_beta   90.00
_cell.angle_gamma   90.00
#
_symmetry.space_group_name_H-M   'P 1'
#
_entity_poly.entity_id   1
_entity_poly.type   'polypeptide(L)'
_entity_poly.pdbx_seq_one_letter_code
;GSSGSSGEHAKQASSYIPLDRLSISYCRSSGPGGQNVNKVNSKAEVRFHLASADWIEEPVRQKIALTHKNKINKAGELVL
TSESSRYQFRNLAECLQKIRDMIAEASGPSSG
;
_entity_poly.pdbx_strand_id   A
#
# COMPACT_ATOMS: atom_id res chain seq x y z
N GLY A 1 34.96 -19.11 -6.90
CA GLY A 1 33.90 -19.99 -6.40
C GLY A 1 33.27 -20.73 -7.56
N SER A 2 32.43 -21.73 -7.29
CA SER A 2 31.51 -22.30 -8.25
C SER A 2 30.43 -21.24 -8.53
N SER A 3 30.72 -20.32 -9.46
CA SER A 3 30.02 -19.05 -9.57
C SER A 3 29.97 -18.37 -8.19
N GLY A 4 28.85 -17.74 -7.83
CA GLY A 4 28.67 -16.90 -6.66
C GLY A 4 28.07 -15.59 -7.15
N SER A 5 26.74 -15.50 -7.12
CA SER A 5 25.95 -14.34 -7.56
C SER A 5 26.38 -13.84 -8.96
N SER A 6 25.97 -14.58 -9.99
CA SER A 6 26.03 -14.15 -11.38
C SER A 6 24.72 -14.54 -12.05
N GLY A 7 23.79 -13.61 -12.01
CA GLY A 7 22.37 -13.66 -12.28
C GLY A 7 21.90 -12.22 -12.13
N GLU A 8 20.60 -12.00 -11.94
CA GLU A 8 20.11 -10.65 -11.67
C GLU A 8 18.99 -10.72 -10.64
N HIS A 9 19.36 -10.90 -9.37
CA HIS A 9 18.44 -10.97 -8.26
C HIS A 9 19.20 -10.66 -6.97
N ALA A 10 19.15 -9.41 -6.51
CA ALA A 10 19.64 -8.96 -5.21
C ALA A 10 18.77 -7.79 -4.77
N LYS A 11 17.71 -8.06 -3.98
CA LYS A 11 16.67 -7.12 -3.64
C LYS A 11 16.29 -7.32 -2.18
N GLN A 12 16.36 -6.26 -1.36
CA GLN A 12 15.83 -6.33 0.01
C GLN A 12 14.31 -6.27 -0.10
N ALA A 13 13.78 -5.08 -0.37
CA ALA A 13 12.36 -4.80 -0.37
C ALA A 13 11.77 -4.82 -1.79
N SER A 14 10.44 -4.74 -1.88
CA SER A 14 9.72 -4.79 -3.14
C SER A 14 9.54 -3.40 -3.75
N SER A 15 8.97 -3.34 -4.95
CA SER A 15 8.44 -2.12 -5.56
C SER A 15 7.23 -2.42 -6.46
N TYR A 16 7.16 -3.64 -7.01
CA TYR A 16 6.16 -4.06 -7.98
C TYR A 16 4.73 -3.88 -7.43
N ILE A 17 4.45 -4.38 -6.22
CA ILE A 17 3.13 -4.44 -5.59
C ILE A 17 2.08 -5.06 -6.53
N PRO A 18 1.83 -6.37 -6.41
CA PRO A 18 0.94 -7.11 -7.28
C PRO A 18 -0.50 -6.75 -6.98
N LEU A 19 -1.07 -5.83 -7.77
CA LEU A 19 -2.42 -5.33 -7.57
C LEU A 19 -3.43 -6.45 -7.42
N ASP A 20 -3.37 -7.47 -8.28
CA ASP A 20 -4.32 -8.56 -8.31
C ASP A 20 -4.16 -9.52 -7.11
N ARG A 21 -2.96 -9.65 -6.52
CA ARG A 21 -2.83 -10.38 -5.26
C ARG A 21 -3.62 -9.66 -4.18
N LEU A 22 -3.55 -8.32 -4.15
CA LEU A 22 -4.31 -7.54 -3.17
C LEU A 22 -5.79 -7.54 -3.57
N SER A 23 -6.60 -6.91 -2.74
CA SER A 23 -7.95 -6.50 -3.02
C SER A 23 -7.89 -5.01 -3.35
N ILE A 24 -8.75 -4.57 -4.26
CA ILE A 24 -8.90 -3.16 -4.63
C ILE A 24 -10.36 -2.84 -4.33
N SER A 25 -10.62 -1.61 -3.91
CA SER A 25 -11.95 -1.04 -3.98
C SER A 25 -11.74 0.41 -4.32
N TYR A 26 -12.30 0.89 -5.42
CA TYR A 26 -12.51 2.33 -5.50
C TYR A 26 -13.73 2.68 -4.66
N CYS A 27 -13.87 3.96 -4.32
CA CYS A 27 -15.04 4.46 -3.65
C CYS A 27 -15.22 5.94 -3.99
N ARG A 28 -16.14 6.60 -3.30
CA ARG A 28 -16.52 7.99 -3.56
C ARG A 28 -16.14 8.93 -2.43
N SER A 29 -15.97 8.39 -1.21
CA SER A 29 -15.58 9.07 0.02
C SER A 29 -16.76 9.78 0.68
N SER A 30 -17.02 9.40 1.93
CA SER A 30 -17.91 10.11 2.84
C SER A 30 -17.03 10.71 3.94
N GLY A 31 -17.36 11.90 4.44
CA GLY A 31 -16.60 12.63 5.44
C GLY A 31 -17.40 13.88 5.81
N PRO A 32 -17.60 14.20 7.09
CA PRO A 32 -18.55 15.24 7.50
C PRO A 32 -17.98 16.65 7.44
N GLY A 33 -16.65 16.80 7.32
CA GLY A 33 -15.97 18.07 7.48
C GLY A 33 -14.47 17.90 7.30
N GLY A 34 -14.04 17.04 6.37
CA GLY A 34 -12.66 16.63 6.18
C GLY A 34 -12.01 17.49 5.11
N GLN A 35 -11.72 16.93 3.93
CA GLN A 35 -11.20 17.62 2.78
C GLN A 35 -12.37 18.14 1.95
N ASN A 36 -11.99 18.61 0.78
CA ASN A 36 -12.68 19.38 -0.25
C ASN A 36 -13.77 18.55 -0.92
N VAL A 37 -13.40 17.55 -1.73
CA VAL A 37 -14.19 16.41 -2.19
C VAL A 37 -15.69 16.73 -2.34
N ASN A 38 -16.04 17.62 -3.28
CA ASN A 38 -17.44 17.96 -3.51
C ASN A 38 -18.13 16.86 -4.31
N LYS A 39 -17.60 16.55 -5.50
CA LYS A 39 -18.22 15.60 -6.43
C LYS A 39 -17.24 14.58 -7.01
N VAL A 40 -15.95 14.77 -6.78
CA VAL A 40 -14.88 13.92 -7.32
C VAL A 40 -14.91 12.57 -6.61
N ASN A 41 -15.72 11.65 -7.13
CA ASN A 41 -15.97 10.35 -6.53
C ASN A 41 -14.88 9.36 -6.95
N SER A 42 -13.61 9.63 -6.68
CA SER A 42 -12.51 8.72 -7.05
C SER A 42 -11.58 8.57 -5.86
N LYS A 43 -11.89 7.59 -5.01
CA LYS A 43 -11.04 7.14 -3.91
C LYS A 43 -10.45 5.80 -4.28
N ALA A 44 -9.28 5.45 -3.75
CA ALA A 44 -8.73 4.11 -3.82
C ALA A 44 -8.61 3.63 -2.38
N GLU A 45 -9.04 2.41 -2.17
CA GLU A 45 -8.93 1.59 -0.97
C GLU A 45 -8.32 0.29 -1.47
N VAL A 46 -7.51 -0.31 -0.62
CA VAL A 46 -6.76 -1.53 -0.87
C VAL A 46 -6.82 -2.32 0.43
N ARG A 47 -7.12 -3.61 0.32
CA ARG A 47 -7.15 -4.55 1.43
C ARG A 47 -6.25 -5.73 1.05
N PHE A 48 -5.47 -6.28 1.97
CA PHE A 48 -4.82 -7.57 1.78
C PHE A 48 -4.65 -8.29 3.12
N HIS A 49 -4.74 -9.62 3.15
CA HIS A 49 -4.38 -10.39 4.34
C HIS A 49 -2.87 -10.42 4.42
N LEU A 50 -2.34 -9.60 5.31
CA LEU A 50 -0.92 -9.35 5.50
C LEU A 50 -0.20 -10.66 5.74
N ALA A 51 -0.77 -11.55 6.57
CA ALA A 51 -0.11 -12.79 6.92
C ALA A 51 0.04 -13.71 5.71
N SER A 52 -0.86 -13.60 4.73
CA SER A 52 -0.86 -14.34 3.49
C SER A 52 -0.02 -13.63 2.41
N ALA A 53 0.66 -12.52 2.71
CA ALA A 53 1.47 -11.82 1.75
C ALA A 53 2.82 -12.54 1.58
N ASP A 54 2.84 -13.65 0.84
CA ASP A 54 4.06 -14.40 0.50
C ASP A 54 5.10 -13.50 -0.21
N TRP A 55 4.65 -12.37 -0.78
CA TRP A 55 5.47 -11.35 -1.43
C TRP A 55 6.12 -10.35 -0.46
N ILE A 56 5.82 -10.42 0.83
CA ILE A 56 6.48 -9.67 1.90
C ILE A 56 7.39 -10.64 2.65
N GLU A 57 8.47 -10.10 3.19
CA GLU A 57 9.44 -10.83 4.00
C GLU A 57 8.79 -11.23 5.32
N GLU A 58 9.15 -12.40 5.83
CA GLU A 58 8.73 -12.85 7.15
C GLU A 58 8.91 -11.80 8.28
N PRO A 59 10.04 -11.07 8.39
CA PRO A 59 10.22 -10.13 9.48
C PRO A 59 9.39 -8.86 9.30
N VAL A 60 8.98 -8.58 8.05
CA VAL A 60 8.25 -7.42 7.63
C VAL A 60 6.75 -7.71 7.74
N ARG A 61 6.29 -8.93 7.40
CA ARG A 61 4.91 -9.37 7.59
C ARG A 61 4.49 -9.06 9.01
N GLN A 62 5.17 -9.67 9.98
CA GLN A 62 4.82 -9.50 11.38
C GLN A 62 5.02 -8.05 11.84
N LYS A 63 5.86 -7.24 11.17
CA LYS A 63 5.97 -5.82 11.50
C LYS A 63 4.66 -5.11 11.19
N ILE A 64 4.19 -5.08 9.94
CA ILE A 64 2.94 -4.48 9.48
C ILE A 64 1.76 -4.97 10.35
N ALA A 65 1.78 -6.22 10.80
CA ALA A 65 0.75 -6.76 11.69
C ALA A 65 0.62 -5.93 12.97
N LEU A 66 1.74 -5.42 13.49
CA LEU A 66 1.86 -4.69 14.74
C LEU A 66 1.95 -3.19 14.50
N THR A 67 2.94 -2.77 13.72
CA THR A 67 3.37 -1.39 13.50
C THR A 67 2.37 -0.62 12.64
N HIS A 68 1.55 -1.33 11.88
CA HIS A 68 0.48 -0.76 11.07
C HIS A 68 -0.84 -1.42 11.45
N LYS A 69 -0.93 -1.95 12.68
CA LYS A 69 -2.15 -2.54 13.19
C LYS A 69 -3.33 -1.59 13.04
N ASN A 70 -3.13 -0.30 13.23
CA ASN A 70 -4.19 0.69 13.07
C ASN A 70 -4.81 0.71 11.68
N LYS A 71 -4.09 0.28 10.63
CA LYS A 71 -4.67 0.08 9.30
C LYS A 71 -5.35 -1.30 9.20
N ILE A 72 -4.93 -2.31 9.95
CA ILE A 72 -5.66 -3.57 10.04
C ILE A 72 -7.05 -3.30 10.61
N ASN A 73 -8.05 -4.00 10.07
CA ASN A 73 -9.44 -3.86 10.52
C ASN A 73 -9.73 -4.60 11.83
N LYS A 74 -8.92 -5.62 12.16
CA LYS A 74 -9.06 -6.67 13.19
C LYS A 74 -8.55 -7.99 12.65
N ALA A 75 -8.99 -8.39 11.44
CA ALA A 75 -8.80 -9.71 10.84
C ALA A 75 -7.35 -9.99 10.44
N GLY A 76 -6.43 -9.05 10.65
CA GLY A 76 -5.10 -9.10 10.08
C GLY A 76 -5.08 -8.71 8.59
N GLU A 77 -6.25 -8.45 7.99
CA GLU A 77 -6.36 -7.78 6.72
C GLU A 77 -6.02 -6.32 6.96
N LEU A 78 -4.98 -5.83 6.29
CA LEU A 78 -4.51 -4.46 6.29
C LEU A 78 -5.39 -3.72 5.31
N VAL A 79 -6.08 -2.66 5.74
CA VAL A 79 -6.92 -1.86 4.86
C VAL A 79 -6.50 -0.40 5.00
N LEU A 80 -6.13 0.25 3.91
CA LEU A 80 -5.86 1.67 3.90
C LEU A 80 -6.43 2.30 2.64
N THR A 81 -6.55 3.62 2.64
CA THR A 81 -7.16 4.38 1.57
C THR A 81 -6.29 5.62 1.33
N SER A 82 -6.14 6.00 0.08
CA SER A 82 -5.36 7.15 -0.32
C SER A 82 -6.12 7.78 -1.49
N GLU A 83 -6.55 9.04 -1.34
CA GLU A 83 -7.21 9.77 -2.41
C GLU A 83 -6.83 11.24 -2.39
N SER A 84 -6.67 11.80 -3.59
CA SER A 84 -6.47 13.21 -3.90
C SER A 84 -6.75 13.52 -5.39
N SER A 85 -7.00 12.54 -6.28
CA SER A 85 -7.03 12.76 -7.72
C SER A 85 -8.33 12.30 -8.38
N ARG A 86 -8.59 12.76 -9.60
CA ARG A 86 -9.73 12.30 -10.39
C ARG A 86 -9.48 10.96 -11.09
N TYR A 87 -8.21 10.55 -11.20
CA TYR A 87 -7.77 9.39 -11.95
C TYR A 87 -7.97 8.11 -11.14
N GLN A 88 -7.99 6.95 -11.79
CA GLN A 88 -8.15 5.68 -11.06
C GLN A 88 -6.81 5.26 -10.45
N PHE A 89 -5.88 4.83 -11.30
CA PHE A 89 -4.58 4.30 -10.95
C PHE A 89 -3.74 5.32 -10.18
N ARG A 90 -3.99 6.63 -10.26
CA ARG A 90 -3.19 7.62 -9.52
C ARG A 90 -3.39 7.49 -8.00
N ASN A 91 -4.64 7.40 -7.57
CA ASN A 91 -5.00 7.28 -6.16
C ASN A 91 -4.50 5.93 -5.66
N LEU A 92 -4.79 4.89 -6.44
CA LEU A 92 -4.35 3.52 -6.19
C LEU A 92 -2.81 3.46 -6.10
N ALA A 93 -2.08 4.20 -6.95
CA ALA A 93 -0.62 4.24 -6.94
C ALA A 93 -0.09 4.75 -5.60
N GLU A 94 -0.75 5.74 -4.98
CA GLU A 94 -0.40 6.23 -3.67
C GLU A 94 -0.66 5.17 -2.61
N CYS A 95 -1.80 4.46 -2.67
CA CYS A 95 -2.07 3.31 -1.80
C CYS A 95 -0.86 2.37 -1.80
N LEU A 96 -0.41 1.96 -3.00
CA LEU A 96 0.71 1.05 -3.15
C LEU A 96 2.02 1.72 -2.74
N GLN A 97 2.18 3.03 -2.92
CA GLN A 97 3.36 3.78 -2.49
C GLN A 97 3.49 3.67 -0.97
N LYS A 98 2.38 3.79 -0.23
CA LYS A 98 2.45 3.69 1.22
C LYS A 98 2.85 2.27 1.53
N ILE A 99 2.14 1.27 1.01
CA ILE A 99 2.43 -0.15 1.21
C ILE A 99 3.94 -0.43 1.08
N ARG A 100 4.62 0.15 0.09
CA ARG A 100 6.05 0.01 -0.13
C ARG A 100 6.83 0.65 1.01
N ASP A 101 6.46 1.86 1.40
CA ASP A 101 7.11 2.58 2.49
C ASP A 101 6.90 1.89 3.84
N MET A 102 5.70 1.35 4.07
CA MET A 102 5.31 0.59 5.26
C MET A 102 6.15 -0.68 5.34
N ILE A 103 6.57 -1.22 4.19
CA ILE A 103 7.44 -2.38 4.08
C ILE A 103 8.88 -1.95 4.29
N ALA A 104 9.30 -0.80 3.76
CA ALA A 104 10.64 -0.27 3.93
C ALA A 104 10.93 -0.05 5.42
N GLU A 105 10.00 0.59 6.13
CA GLU A 105 10.20 0.96 7.53
C GLU A 105 10.23 -0.28 8.43
N ALA A 106 9.56 -1.34 7.99
CA ALA A 106 9.54 -2.65 8.61
C ALA A 106 10.77 -3.49 8.24
N SER A 107 11.39 -3.22 7.09
CA SER A 107 12.50 -4.02 6.53
C SER A 107 13.81 -3.53 7.12
N GLY A 108 14.09 -2.22 7.05
CA GLY A 108 15.28 -1.62 7.61
C GLY A 108 15.35 -0.14 7.24
N PRO A 109 16.07 0.67 8.04
CA PRO A 109 16.29 2.07 7.75
C PRO A 109 17.27 2.23 6.59
N SER A 110 17.30 3.42 6.00
CA SER A 110 17.89 3.66 4.69
C SER A 110 18.27 5.14 4.58
N SER A 111 17.30 6.01 4.83
CA SER A 111 17.39 7.46 4.82
C SER A 111 16.02 7.92 5.29
N GLY A 112 15.93 8.67 6.39
CA GLY A 112 14.67 9.16 6.89
C GLY A 112 14.66 9.15 8.39
N GLY A 1 31.16 -12.27 -33.63
CA GLY A 1 30.55 -13.04 -32.53
C GLY A 1 30.85 -12.34 -31.23
N SER A 2 30.01 -12.52 -30.21
CA SER A 2 30.11 -11.85 -28.92
C SER A 2 29.75 -12.87 -27.83
N SER A 3 29.98 -12.53 -26.57
CA SER A 3 29.69 -13.40 -25.44
C SER A 3 29.41 -12.55 -24.20
N GLY A 4 28.94 -13.17 -23.12
CA GLY A 4 28.60 -12.51 -21.87
C GLY A 4 27.35 -11.65 -21.98
N SER A 5 26.89 -11.09 -20.86
CA SER A 5 25.83 -10.11 -20.77
C SER A 5 25.98 -9.36 -19.44
N SER A 6 25.32 -8.21 -19.32
CA SER A 6 25.11 -7.53 -18.05
C SER A 6 23.98 -8.23 -17.26
N GLY A 7 23.59 -7.66 -16.14
CA GLY A 7 22.43 -8.05 -15.35
C GLY A 7 21.60 -6.82 -15.08
N GLU A 8 21.91 -6.12 -13.99
CA GLU A 8 21.22 -4.93 -13.52
C GLU A 8 19.69 -5.12 -13.51
N HIS A 9 19.25 -6.26 -13.00
CA HIS A 9 17.86 -6.59 -12.72
C HIS A 9 17.79 -7.50 -11.48
N ALA A 10 16.57 -7.70 -10.96
CA ALA A 10 16.29 -8.29 -9.66
C ALA A 10 16.93 -7.50 -8.53
N LYS A 11 16.94 -8.04 -7.31
CA LYS A 11 17.62 -7.49 -6.14
C LYS A 11 17.08 -6.15 -5.62
N GLN A 12 16.10 -5.53 -6.28
CA GLN A 12 15.37 -4.40 -5.73
C GLN A 12 14.63 -4.87 -4.48
N ALA A 13 14.36 -3.96 -3.55
CA ALA A 13 13.55 -4.17 -2.36
C ALA A 13 12.06 -4.17 -2.76
N SER A 14 11.67 -5.11 -3.61
CA SER A 14 10.32 -5.43 -4.08
C SER A 14 9.46 -4.21 -4.42
N SER A 15 9.55 -3.77 -5.68
CA SER A 15 9.02 -2.52 -6.20
C SER A 15 7.80 -2.75 -7.12
N TYR A 16 7.19 -3.93 -7.09
CA TYR A 16 6.12 -4.34 -8.00
C TYR A 16 4.75 -4.05 -7.41
N ILE A 17 4.46 -4.63 -6.24
CA ILE A 17 3.16 -4.70 -5.56
C ILE A 17 2.09 -5.31 -6.49
N PRO A 18 1.76 -6.60 -6.29
CA PRO A 18 0.88 -7.35 -7.17
C PRO A 18 -0.58 -7.00 -6.85
N LEU A 19 -1.16 -6.07 -7.60
CA LEU A 19 -2.50 -5.54 -7.34
C LEU A 19 -3.51 -6.66 -7.16
N ASP A 20 -3.57 -7.60 -8.11
CA ASP A 20 -4.55 -8.67 -8.10
C ASP A 20 -4.38 -9.64 -6.92
N ARG A 21 -3.19 -9.75 -6.33
CA ARG A 21 -3.01 -10.51 -5.08
C ARG A 21 -3.56 -9.76 -3.86
N LEU A 22 -3.90 -8.48 -3.99
CA LEU A 22 -4.57 -7.69 -2.95
C LEU A 22 -6.08 -7.75 -3.22
N SER A 23 -6.85 -6.83 -2.63
CA SER A 23 -8.26 -6.61 -2.89
C SER A 23 -8.40 -5.09 -3.02
N ILE A 24 -8.68 -4.58 -4.21
CA ILE A 24 -8.75 -3.14 -4.45
C ILE A 24 -10.24 -2.75 -4.52
N SER A 25 -10.55 -1.56 -4.03
CA SER A 25 -11.89 -0.99 -4.03
C SER A 25 -11.80 0.47 -4.46
N TYR A 26 -12.68 0.90 -5.38
CA TYR A 26 -12.86 2.33 -5.65
C TYR A 26 -14.24 2.78 -5.16
N CYS A 27 -14.25 3.42 -3.99
CA CYS A 27 -15.37 4.12 -3.40
C CYS A 27 -15.44 5.54 -3.99
N ARG A 28 -16.31 6.36 -3.40
CA ARG A 28 -16.32 7.80 -3.59
C ARG A 28 -15.08 8.49 -3.01
N SER A 29 -14.94 8.48 -1.68
CA SER A 29 -14.42 9.60 -0.89
C SER A 29 -15.28 10.85 -1.09
N SER A 30 -15.54 11.55 0.02
CA SER A 30 -16.42 12.70 0.26
C SER A 30 -17.22 12.47 1.54
N GLY A 31 -17.78 13.56 2.07
CA GLY A 31 -18.59 13.63 3.27
C GLY A 31 -19.62 14.76 3.15
N PRO A 32 -20.35 15.07 4.22
CA PRO A 32 -21.58 15.88 4.20
C PRO A 32 -21.34 17.40 4.09
N GLY A 33 -20.46 17.87 3.20
CA GLY A 33 -20.38 19.29 2.88
C GLY A 33 -19.21 19.70 2.01
N GLY A 34 -18.14 18.91 1.93
CA GLY A 34 -16.91 19.21 1.20
C GLY A 34 -15.69 19.04 2.10
N GLN A 35 -14.50 19.12 1.49
CA GLN A 35 -13.18 18.75 2.00
C GLN A 35 -12.30 18.40 0.80
N ASN A 36 -12.09 19.33 -0.13
CA ASN A 36 -11.13 19.22 -1.25
C ASN A 36 -11.67 18.36 -2.38
N VAL A 37 -12.03 17.11 -2.07
CA VAL A 37 -12.66 16.18 -2.99
C VAL A 37 -13.95 16.83 -3.52
N ASN A 38 -14.82 17.29 -2.61
CA ASN A 38 -16.12 17.94 -2.78
C ASN A 38 -17.17 17.06 -3.49
N LYS A 39 -16.80 16.54 -4.65
CA LYS A 39 -17.62 15.86 -5.64
C LYS A 39 -16.74 14.70 -6.12
N VAL A 40 -16.38 14.66 -7.40
CA VAL A 40 -15.31 13.85 -7.97
C VAL A 40 -15.63 12.35 -7.85
N ASN A 41 -15.40 11.70 -6.70
CA ASN A 41 -15.74 10.31 -6.36
C ASN A 41 -14.84 9.30 -7.09
N SER A 42 -13.59 9.17 -6.65
CA SER A 42 -12.62 8.23 -7.21
C SER A 42 -11.61 7.74 -6.16
N LYS A 43 -12.09 7.25 -5.02
CA LYS A 43 -11.23 6.77 -3.93
C LYS A 43 -10.52 5.50 -4.37
N ALA A 44 -9.40 5.19 -3.74
CA ALA A 44 -8.72 3.94 -3.89
C ALA A 44 -8.52 3.43 -2.47
N GLU A 45 -9.17 2.32 -2.15
CA GLU A 45 -8.93 1.51 -0.96
C GLU A 45 -8.23 0.27 -1.49
N VAL A 46 -7.35 -0.29 -0.68
CA VAL A 46 -6.85 -1.62 -0.91
C VAL A 46 -6.77 -2.31 0.43
N ARG A 47 -7.08 -3.59 0.41
CA ARG A 47 -7.18 -4.49 1.53
C ARG A 47 -6.39 -5.71 1.14
N PHE A 48 -5.62 -6.27 2.06
CA PHE A 48 -5.02 -7.57 1.86
C PHE A 48 -4.88 -8.25 3.22
N HIS A 49 -5.18 -9.55 3.31
CA HIS A 49 -4.80 -10.35 4.45
C HIS A 49 -3.28 -10.40 4.49
N LEU A 50 -2.71 -9.60 5.39
CA LEU A 50 -1.28 -9.40 5.59
C LEU A 50 -0.63 -10.76 5.85
N ALA A 51 -1.26 -11.61 6.67
CA ALA A 51 -0.72 -12.93 6.98
C ALA A 51 -0.56 -13.80 5.73
N SER A 52 -1.38 -13.57 4.70
CA SER A 52 -1.39 -14.25 3.43
C SER A 52 -0.57 -13.50 2.36
N ALA A 53 0.02 -12.34 2.66
CA ALA A 53 0.73 -11.52 1.69
C ALA A 53 2.11 -12.12 1.36
N ASP A 54 2.16 -13.10 0.48
CA ASP A 54 3.33 -13.92 0.12
C ASP A 54 4.19 -13.24 -0.93
N TRP A 55 4.29 -11.93 -0.78
CA TRP A 55 5.11 -10.99 -1.51
C TRP A 55 5.68 -9.93 -0.55
N ILE A 56 5.32 -10.03 0.74
CA ILE A 56 6.00 -9.38 1.86
C ILE A 56 6.85 -10.47 2.54
N GLU A 57 7.98 -10.03 3.08
CA GLU A 57 8.99 -10.80 3.80
C GLU A 57 8.40 -11.26 5.13
N GLU A 58 8.75 -12.45 5.58
CA GLU A 58 8.41 -12.97 6.91
C GLU A 58 8.77 -12.02 8.06
N PRO A 59 9.90 -11.28 8.06
CA PRO A 59 10.20 -10.33 9.14
C PRO A 59 9.51 -8.98 8.96
N VAL A 60 9.05 -8.67 7.76
CA VAL A 60 8.37 -7.43 7.47
C VAL A 60 6.87 -7.63 7.76
N ARG A 61 6.27 -8.77 7.40
CA ARG A 61 4.87 -9.07 7.66
C ARG A 61 4.53 -8.85 9.13
N GLN A 62 5.32 -9.44 10.01
CA GLN A 62 5.06 -9.37 11.44
C GLN A 62 5.22 -7.93 11.95
N LYS A 63 6.01 -7.08 11.30
CA LYS A 63 6.02 -5.66 11.60
C LYS A 63 4.66 -5.05 11.27
N ILE A 64 4.22 -5.06 10.00
CA ILE A 64 2.98 -4.49 9.52
C ILE A 64 1.79 -4.98 10.35
N ALA A 65 1.83 -6.22 10.83
CA ALA A 65 0.84 -6.84 11.71
C ALA A 65 0.58 -5.99 12.95
N LEU A 66 1.64 -5.39 13.46
CA LEU A 66 1.70 -4.57 14.67
C LEU A 66 1.74 -3.09 14.34
N THR A 67 2.73 -2.66 13.57
CA THR A 67 3.11 -1.28 13.34
C THR A 67 2.04 -0.55 12.54
N HIS A 68 1.23 -1.27 11.76
CA HIS A 68 0.08 -0.70 11.06
C HIS A 68 -1.18 -1.41 11.53
N LYS A 69 -1.20 -1.91 12.76
CA LYS A 69 -2.40 -2.50 13.36
C LYS A 69 -3.58 -1.53 13.34
N ASN A 70 -3.33 -0.22 13.40
CA ASN A 70 -4.39 0.77 13.29
C ASN A 70 -5.09 0.75 11.91
N LYS A 71 -4.44 0.21 10.87
CA LYS A 71 -5.02 -0.07 9.57
C LYS A 71 -5.65 -1.46 9.50
N ILE A 72 -5.40 -2.33 10.47
CA ILE A 72 -5.87 -3.70 10.42
C ILE A 72 -7.29 -3.74 10.95
N ASN A 73 -8.15 -4.43 10.22
CA ASN A 73 -9.59 -4.49 10.47
C ASN A 73 -10.01 -5.32 11.68
N LYS A 74 -9.12 -6.15 12.22
CA LYS A 74 -9.25 -7.20 13.24
C LYS A 74 -8.54 -8.44 12.76
N ALA A 75 -8.97 -8.98 11.62
CA ALA A 75 -8.53 -10.32 11.21
C ALA A 75 -7.03 -10.37 10.90
N GLY A 76 -6.42 -9.23 10.59
CA GLY A 76 -5.12 -9.18 9.96
C GLY A 76 -5.24 -8.84 8.48
N GLU A 77 -6.42 -8.43 7.99
CA GLU A 77 -6.46 -7.68 6.75
C GLU A 77 -5.97 -6.28 7.07
N LEU A 78 -4.95 -5.84 6.36
CA LEU A 78 -4.45 -4.48 6.38
C LEU A 78 -5.34 -3.73 5.38
N VAL A 79 -6.03 -2.69 5.83
CA VAL A 79 -6.95 -1.92 4.99
C VAL A 79 -6.55 -0.45 5.09
N LEU A 80 -6.08 0.15 3.99
CA LEU A 80 -5.82 1.57 3.91
C LEU A 80 -6.43 2.12 2.62
N THR A 81 -6.65 3.43 2.58
CA THR A 81 -7.16 4.14 1.43
C THR A 81 -6.29 5.37 1.31
N SER A 82 -5.92 5.77 0.09
CA SER A 82 -5.08 6.92 -0.13
C SER A 82 -5.59 7.59 -1.39
N GLU A 83 -6.33 8.68 -1.23
CA GLU A 83 -7.08 9.26 -2.32
C GLU A 83 -7.05 10.77 -2.19
N SER A 84 -6.72 11.46 -3.27
CA SER A 84 -6.55 12.91 -3.24
C SER A 84 -6.91 13.59 -4.56
N SER A 85 -7.04 12.85 -5.65
CA SER A 85 -7.20 13.36 -7.01
C SER A 85 -8.34 12.64 -7.72
N ARG A 86 -8.60 12.94 -9.00
CA ARG A 86 -9.71 12.34 -9.75
C ARG A 86 -9.37 10.98 -10.37
N TYR A 87 -8.08 10.71 -10.59
CA TYR A 87 -7.65 9.55 -11.34
C TYR A 87 -7.90 8.28 -10.54
N GLN A 88 -7.88 7.13 -11.21
CA GLN A 88 -8.01 5.84 -10.55
C GLN A 88 -6.62 5.34 -10.18
N PHE A 89 -5.91 4.67 -11.11
CA PHE A 89 -4.60 4.06 -10.87
C PHE A 89 -3.59 5.01 -10.19
N ARG A 90 -3.68 6.34 -10.36
CA ARG A 90 -2.86 7.32 -9.64
C ARG A 90 -3.18 7.35 -8.14
N ASN A 91 -4.45 7.45 -7.75
CA ASN A 91 -4.86 7.40 -6.34
C ASN A 91 -4.41 6.06 -5.77
N LEU A 92 -4.74 4.97 -6.48
CA LEU A 92 -4.34 3.62 -6.11
C LEU A 92 -2.81 3.51 -5.95
N ALA A 93 -2.02 4.23 -6.76
CA ALA A 93 -0.57 4.26 -6.66
C ALA A 93 -0.12 4.84 -5.33
N GLU A 94 -0.80 5.83 -4.74
CA GLU A 94 -0.46 6.31 -3.41
C GLU A 94 -0.69 5.22 -2.36
N CYS A 95 -1.77 4.43 -2.51
CA CYS A 95 -1.96 3.25 -1.67
C CYS A 95 -0.74 2.34 -1.75
N LEU A 96 -0.27 2.04 -2.97
CA LEU A 96 0.87 1.14 -3.15
C LEU A 96 2.17 1.79 -2.66
N GLN A 97 2.29 3.11 -2.80
CA GLN A 97 3.39 3.88 -2.27
C GLN A 97 3.47 3.65 -0.78
N LYS A 98 2.35 3.76 -0.02
CA LYS A 98 2.50 3.56 1.41
C LYS A 98 2.80 2.11 1.65
N ILE A 99 2.16 1.14 1.01
CA ILE A 99 2.53 -0.26 1.16
C ILE A 99 4.04 -0.45 1.00
N ARG A 100 4.71 0.17 0.01
CA ARG A 100 6.15 0.06 -0.17
C ARG A 100 6.89 0.73 0.98
N ASP A 101 6.42 1.88 1.44
CA ASP A 101 7.01 2.60 2.57
C ASP A 101 6.84 1.83 3.88
N MET A 102 5.64 1.33 4.17
CA MET A 102 5.27 0.46 5.28
C MET A 102 6.18 -0.78 5.33
N ILE A 103 6.65 -1.24 4.18
CA ILE A 103 7.53 -2.38 4.03
C ILE A 103 8.97 -1.91 4.21
N ALA A 104 9.36 -0.77 3.63
CA ALA A 104 10.68 -0.16 3.80
C ALA A 104 10.96 0.15 5.27
N GLU A 105 10.00 0.75 5.96
CA GLU A 105 10.07 1.21 7.34
C GLU A 105 10.02 0.05 8.33
N ALA A 106 9.70 -1.15 7.83
CA ALA A 106 9.70 -2.41 8.55
C ALA A 106 10.86 -3.32 8.09
N SER A 107 11.60 -2.92 7.05
CA SER A 107 12.77 -3.62 6.52
C SER A 107 14.04 -2.95 7.04
N GLY A 108 14.00 -1.63 7.23
CA GLY A 108 14.98 -0.85 7.94
C GLY A 108 14.56 -0.69 9.40
N PRO A 109 15.13 0.29 10.11
CA PRO A 109 14.82 0.54 11.51
C PRO A 109 13.35 0.87 11.71
N SER A 110 12.79 0.52 12.87
CA SER A 110 11.61 1.18 13.39
C SER A 110 12.00 2.62 13.75
N SER A 111 11.72 3.53 12.82
CA SER A 111 11.91 4.98 12.86
C SER A 111 13.39 5.39 12.90
N GLY A 112 13.69 6.56 12.32
CA GLY A 112 15.04 6.97 11.95
C GLY A 112 15.36 6.32 10.63
N GLY A 1 16.64 -29.91 -31.17
CA GLY A 1 16.22 -28.63 -30.57
C GLY A 1 17.45 -27.82 -30.20
N SER A 2 17.27 -26.56 -29.81
CA SER A 2 18.30 -25.72 -29.23
C SER A 2 17.58 -24.65 -28.39
N SER A 3 18.33 -23.75 -27.77
CA SER A 3 17.85 -22.63 -26.98
C SER A 3 18.90 -21.49 -27.06
N GLY A 4 18.62 -20.30 -26.54
CA GLY A 4 19.56 -19.19 -26.58
C GLY A 4 19.07 -18.01 -25.75
N SER A 5 19.81 -16.90 -25.84
CA SER A 5 19.62 -15.66 -25.09
C SER A 5 19.79 -15.85 -23.57
N SER A 6 19.67 -14.75 -22.80
CA SER A 6 19.62 -14.74 -21.34
C SER A 6 18.65 -13.63 -20.96
N GLY A 7 17.80 -13.86 -19.95
CA GLY A 7 17.15 -12.78 -19.25
C GLY A 7 18.20 -12.12 -18.37
N GLU A 8 17.88 -10.93 -17.90
CA GLU A 8 18.70 -10.20 -16.94
C GLU A 8 18.40 -10.70 -15.52
N HIS A 9 19.18 -10.23 -14.54
CA HIS A 9 18.97 -10.60 -13.14
C HIS A 9 17.69 -9.96 -12.58
N ALA A 10 17.38 -10.24 -11.31
CA ALA A 10 16.35 -9.57 -10.53
C ALA A 10 16.97 -9.09 -9.22
N LYS A 11 17.24 -7.80 -9.08
CA LYS A 11 17.83 -7.28 -7.84
C LYS A 11 16.86 -7.53 -6.69
N GLN A 12 17.31 -8.26 -5.68
CA GLN A 12 16.48 -8.66 -4.55
C GLN A 12 15.95 -7.42 -3.79
N ALA A 13 14.77 -7.58 -3.18
CA ALA A 13 13.89 -6.67 -2.43
C ALA A 13 12.51 -6.62 -3.12
N SER A 14 11.46 -6.24 -2.39
CA SER A 14 10.09 -6.23 -2.86
C SER A 14 9.51 -4.80 -2.78
N SER A 15 9.59 -4.09 -3.89
CA SER A 15 8.97 -2.79 -4.10
C SER A 15 8.17 -2.75 -5.42
N TYR A 16 7.89 -3.92 -6.01
CA TYR A 16 7.00 -4.05 -7.18
C TYR A 16 5.56 -3.70 -6.83
N ILE A 17 5.03 -4.30 -5.75
CA ILE A 17 3.61 -4.33 -5.36
C ILE A 17 2.71 -4.85 -6.49
N PRO A 18 2.23 -6.11 -6.38
CA PRO A 18 1.29 -6.68 -7.32
C PRO A 18 -0.09 -6.03 -7.17
N LEU A 19 -1.07 -6.45 -7.99
CA LEU A 19 -2.45 -5.96 -7.91
C LEU A 19 -3.43 -7.11 -7.88
N ASP A 20 -3.21 -8.16 -8.66
CA ASP A 20 -4.15 -9.29 -8.70
C ASP A 20 -4.03 -10.18 -7.47
N ARG A 21 -2.93 -10.05 -6.71
CA ARG A 21 -2.76 -10.61 -5.37
C ARG A 21 -3.60 -9.90 -4.30
N LEU A 22 -4.15 -8.72 -4.57
CA LEU A 22 -4.70 -7.81 -3.55
C LEU A 22 -6.22 -7.80 -3.67
N SER A 23 -6.85 -6.89 -2.91
CA SER A 23 -8.27 -6.60 -2.95
C SER A 23 -8.46 -5.09 -3.02
N ILE A 24 -8.43 -4.51 -4.23
CA ILE A 24 -8.61 -3.07 -4.42
C ILE A 24 -10.11 -2.78 -4.31
N SER A 25 -10.47 -1.54 -4.01
CA SER A 25 -11.82 -1.03 -4.16
C SER A 25 -11.75 0.48 -4.37
N TYR A 26 -12.68 1.03 -5.15
CA TYR A 26 -12.89 2.47 -5.24
C TYR A 26 -14.26 2.84 -4.66
N CYS A 27 -14.28 3.37 -3.43
CA CYS A 27 -15.51 3.70 -2.69
C CYS A 27 -16.25 4.85 -3.38
N ARG A 28 -15.62 6.04 -3.42
CA ARG A 28 -15.98 7.35 -3.99
C ARG A 28 -15.55 8.55 -3.14
N SER A 29 -15.29 8.34 -1.85
CA SER A 29 -14.94 9.28 -0.78
C SER A 29 -15.93 10.44 -0.54
N SER A 30 -16.03 10.85 0.72
CA SER A 30 -16.97 11.87 1.18
C SER A 30 -16.37 12.81 2.22
N GLY A 31 -15.46 12.30 3.08
CA GLY A 31 -14.84 12.94 4.25
C GLY A 31 -15.48 14.27 4.67
N PRO A 32 -16.67 14.22 5.29
CA PRO A 32 -17.48 15.41 5.53
C PRO A 32 -16.75 16.35 6.50
N GLY A 33 -16.62 17.61 6.10
CA GLY A 33 -15.99 18.65 6.88
C GLY A 33 -15.07 19.46 5.99
N GLY A 34 -14.05 18.82 5.44
CA GLY A 34 -13.01 19.47 4.66
C GLY A 34 -11.66 18.82 4.93
N GLN A 35 -11.15 18.06 3.96
CA GLN A 35 -9.73 17.73 3.85
C GLN A 35 -9.39 17.89 2.36
N ASN A 36 -8.95 16.82 1.70
CA ASN A 36 -8.51 16.83 0.30
C ASN A 36 -9.68 16.50 -0.64
N VAL A 37 -10.77 15.99 -0.07
CA VAL A 37 -11.92 15.36 -0.71
C VAL A 37 -12.89 16.43 -1.23
N ASN A 38 -12.36 17.35 -2.04
CA ASN A 38 -13.09 18.44 -2.63
C ASN A 38 -13.87 17.91 -3.83
N LYS A 39 -15.13 17.58 -3.60
CA LYS A 39 -16.18 17.32 -4.58
C LYS A 39 -15.72 16.43 -5.73
N VAL A 40 -15.09 15.32 -5.40
CA VAL A 40 -14.72 14.24 -6.29
C VAL A 40 -15.87 13.22 -6.30
N ASN A 41 -15.64 12.02 -6.84
CA ASN A 41 -16.40 10.81 -6.54
C ASN A 41 -15.54 9.55 -6.78
N SER A 42 -14.26 9.60 -6.44
CA SER A 42 -13.29 8.53 -6.67
C SER A 42 -12.42 8.45 -5.41
N LYS A 43 -12.45 7.29 -4.76
CA LYS A 43 -11.53 6.92 -3.69
C LYS A 43 -10.68 5.77 -4.17
N ALA A 44 -9.51 5.56 -3.57
CA ALA A 44 -8.85 4.29 -3.67
C ALA A 44 -8.65 3.73 -2.27
N GLU A 45 -8.88 2.43 -2.17
CA GLU A 45 -8.75 1.56 -1.01
C GLU A 45 -8.12 0.28 -1.55
N VAL A 46 -7.26 -0.34 -0.79
CA VAL A 46 -6.79 -1.69 -1.08
C VAL A 46 -6.71 -2.41 0.25
N ARG A 47 -6.94 -3.72 0.20
CA ARG A 47 -7.05 -4.59 1.35
C ARG A 47 -6.32 -5.86 1.01
N PHE A 48 -5.53 -6.38 1.94
CA PHE A 48 -4.90 -7.67 1.78
C PHE A 48 -4.74 -8.33 3.14
N HIS A 49 -4.96 -9.64 3.23
CA HIS A 49 -4.52 -10.43 4.37
C HIS A 49 -3.00 -10.46 4.34
N LEU A 50 -2.40 -9.65 5.22
CA LEU A 50 -0.98 -9.46 5.38
C LEU A 50 -0.29 -10.81 5.58
N ALA A 51 -0.84 -11.68 6.44
CA ALA A 51 -0.25 -12.98 6.73
C ALA A 51 -0.12 -13.80 5.45
N SER A 52 -1.18 -13.80 4.64
CA SER A 52 -1.28 -14.57 3.42
C SER A 52 -0.69 -13.79 2.24
N ALA A 53 -0.04 -12.63 2.46
CA ALA A 53 0.43 -11.78 1.37
C ALA A 53 1.35 -12.57 0.45
N ASP A 54 2.36 -13.24 1.01
CA ASP A 54 3.35 -14.10 0.35
C ASP A 54 4.44 -13.29 -0.36
N TRP A 55 4.09 -12.18 -1.02
CA TRP A 55 5.06 -11.24 -1.59
C TRP A 55 5.77 -10.40 -0.52
N ILE A 56 5.30 -10.41 0.73
CA ILE A 56 5.97 -9.78 1.88
C ILE A 56 6.77 -10.84 2.62
N GLU A 57 7.96 -10.42 3.07
CA GLU A 57 8.92 -11.15 3.88
C GLU A 57 8.38 -11.41 5.26
N GLU A 58 8.65 -12.58 5.84
CA GLU A 58 8.43 -12.87 7.26
C GLU A 58 8.68 -11.69 8.19
N PRO A 59 9.89 -11.09 8.17
CA PRO A 59 10.24 -10.22 9.26
C PRO A 59 9.52 -8.87 9.10
N VAL A 60 9.03 -8.58 7.88
CA VAL A 60 8.29 -7.40 7.50
C VAL A 60 6.78 -7.68 7.71
N ARG A 61 6.30 -8.91 7.47
CA ARG A 61 4.89 -9.30 7.63
C ARG A 61 4.45 -8.96 9.05
N GLN A 62 5.09 -9.61 10.01
CA GLN A 62 4.78 -9.41 11.42
C GLN A 62 4.98 -7.96 11.82
N LYS A 63 5.90 -7.23 11.16
CA LYS A 63 6.07 -5.83 11.45
C LYS A 63 4.78 -5.10 11.15
N ILE A 64 4.23 -5.16 9.95
CA ILE A 64 2.98 -4.52 9.57
C ILE A 64 1.84 -5.02 10.47
N ALA A 65 1.86 -6.28 10.88
CA ALA A 65 0.83 -6.91 11.71
C ALA A 65 0.67 -6.12 13.02
N LEU A 66 1.78 -5.57 13.52
CA LEU A 66 1.94 -4.84 14.75
C LEU A 66 1.99 -3.33 14.50
N THR A 67 2.94 -2.87 13.69
CA THR A 67 3.28 -1.49 13.44
C THR A 67 2.11 -0.76 12.79
N HIS A 68 1.34 -1.47 11.96
CA HIS A 68 0.19 -0.92 11.24
C HIS A 68 -1.07 -1.66 11.67
N LYS A 69 -1.07 -2.18 12.90
CA LYS A 69 -2.26 -2.64 13.61
C LYS A 69 -3.36 -1.58 13.58
N ASN A 70 -2.99 -0.32 13.63
CA ASN A 70 -3.89 0.81 13.41
C ASN A 70 -4.65 0.73 12.08
N LYS A 71 -4.02 0.29 10.98
CA LYS A 71 -4.65 0.10 9.67
C LYS A 71 -5.40 -1.22 9.56
N ILE A 72 -5.12 -2.20 10.41
CA ILE A 72 -5.83 -3.49 10.38
C ILE A 72 -7.27 -3.27 10.84
N ASN A 73 -8.24 -4.04 10.30
CA ASN A 73 -9.63 -3.99 10.77
C ASN A 73 -9.71 -4.66 12.15
N LYS A 74 -9.36 -5.94 12.18
CA LYS A 74 -9.15 -6.83 13.32
C LYS A 74 -8.64 -8.16 12.76
N ALA A 75 -9.20 -8.60 11.61
CA ALA A 75 -8.92 -9.87 10.94
C ALA A 75 -7.48 -10.03 10.44
N GLY A 76 -6.64 -9.02 10.65
CA GLY A 76 -5.27 -9.05 10.16
C GLY A 76 -5.16 -8.67 8.69
N GLU A 77 -6.29 -8.42 8.00
CA GLU A 77 -6.29 -7.72 6.73
C GLU A 77 -5.88 -6.28 7.01
N LEU A 78 -4.87 -5.83 6.28
CA LEU A 78 -4.42 -4.45 6.30
C LEU A 78 -5.28 -3.73 5.28
N VAL A 79 -5.91 -2.62 5.66
CA VAL A 79 -6.64 -1.77 4.75
C VAL A 79 -6.10 -0.36 4.92
N LEU A 80 -5.89 0.37 3.83
CA LEU A 80 -5.67 1.80 3.86
C LEU A 80 -6.27 2.41 2.60
N THR A 81 -6.43 3.73 2.62
CA THR A 81 -7.17 4.46 1.62
C THR A 81 -6.46 5.80 1.45
N SER A 82 -6.19 6.19 0.20
CA SER A 82 -5.61 7.47 -0.13
C SER A 82 -6.27 7.94 -1.45
N GLU A 83 -6.76 9.18 -1.52
CA GLU A 83 -7.41 9.70 -2.72
C GLU A 83 -7.27 11.22 -2.80
N SER A 84 -7.20 11.75 -4.03
CA SER A 84 -7.19 13.18 -4.31
C SER A 84 -7.66 13.54 -5.72
N SER A 85 -8.01 12.56 -6.57
CA SER A 85 -8.19 12.78 -8.00
C SER A 85 -9.36 11.95 -8.55
N ARG A 86 -9.75 12.21 -9.79
CA ARG A 86 -10.82 11.47 -10.48
C ARG A 86 -10.45 10.04 -10.84
N TYR A 87 -9.16 9.74 -11.06
CA TYR A 87 -8.69 8.52 -11.71
C TYR A 87 -8.91 7.26 -10.84
N GLN A 88 -8.45 6.10 -11.32
CA GLN A 88 -8.48 4.83 -10.60
C GLN A 88 -7.06 4.51 -10.11
N PHE A 89 -6.22 3.89 -10.93
CA PHE A 89 -4.82 3.56 -10.65
C PHE A 89 -4.05 4.79 -10.15
N ARG A 90 -4.33 6.01 -10.63
CA ARG A 90 -3.58 7.19 -10.15
C ARG A 90 -3.75 7.44 -8.66
N ASN A 91 -5.00 7.32 -8.17
CA ASN A 91 -5.28 7.47 -6.75
C ASN A 91 -4.58 6.32 -6.04
N LEU A 92 -4.92 5.10 -6.45
CA LEU A 92 -4.53 3.80 -5.93
C LEU A 92 -3.01 3.62 -5.86
N ALA A 93 -2.26 4.27 -6.73
CA ALA A 93 -0.81 4.31 -6.78
C ALA A 93 -0.22 4.78 -5.45
N GLU A 94 -0.87 5.73 -4.78
CA GLU A 94 -0.42 6.23 -3.50
C GLU A 94 -0.52 5.11 -2.47
N CYS A 95 -1.67 4.44 -2.40
CA CYS A 95 -1.88 3.27 -1.55
C CYS A 95 -0.72 2.28 -1.72
N LEU A 96 -0.37 1.96 -2.98
CA LEU A 96 0.74 1.06 -3.27
C LEU A 96 2.06 1.63 -2.77
N GLN A 97 2.33 2.92 -2.98
CA GLN A 97 3.53 3.57 -2.47
C GLN A 97 3.59 3.45 -0.95
N LYS A 98 2.49 3.71 -0.23
CA LYS A 98 2.52 3.66 1.24
C LYS A 98 2.90 2.26 1.62
N ILE A 99 2.22 1.24 1.08
CA ILE A 99 2.57 -0.14 1.32
C ILE A 99 4.09 -0.39 1.20
N ARG A 100 4.78 0.17 0.20
CA ARG A 100 6.25 0.04 0.09
C ARG A 100 6.98 0.77 1.19
N ASP A 101 6.53 1.96 1.54
CA ASP A 101 7.02 2.76 2.65
C ASP A 101 6.90 1.97 3.96
N MET A 102 5.69 1.46 4.24
CA MET A 102 5.34 0.67 5.40
C MET A 102 6.18 -0.62 5.45
N ILE A 103 6.59 -1.15 4.30
CA ILE A 103 7.45 -2.34 4.16
C ILE A 103 8.91 -1.96 4.37
N ALA A 104 9.35 -0.83 3.81
CA ALA A 104 10.67 -0.27 4.00
C ALA A 104 10.92 0.04 5.47
N GLU A 105 9.94 0.66 6.13
CA GLU A 105 10.01 1.05 7.53
C GLU A 105 9.97 -0.19 8.41
N ALA A 106 9.39 -1.29 7.90
CA ALA A 106 9.37 -2.61 8.50
C ALA A 106 10.59 -3.46 8.12
N SER A 107 11.52 -2.92 7.32
CA SER A 107 12.72 -3.57 6.81
C SER A 107 13.98 -2.80 7.25
N GLY A 108 13.84 -1.71 8.01
CA GLY A 108 14.94 -0.88 8.49
C GLY A 108 14.44 -0.01 9.63
N PRO A 109 15.01 1.19 9.83
CA PRO A 109 14.45 2.22 10.70
C PRO A 109 12.98 2.53 10.36
N SER A 110 12.18 3.08 11.28
CA SER A 110 10.97 3.81 10.88
C SER A 110 11.36 5.11 10.16
N SER A 111 12.38 5.79 10.68
CA SER A 111 12.83 7.10 10.24
C SER A 111 14.29 7.29 10.65
N GLY A 112 14.92 8.38 10.21
CA GLY A 112 16.19 8.88 10.72
C GLY A 112 16.18 10.39 10.66
N GLY A 1 4.93 24.00 -28.06
CA GLY A 1 4.65 22.64 -27.62
C GLY A 1 5.90 21.78 -27.68
N SER A 2 5.70 20.46 -27.70
CA SER A 2 6.60 19.31 -27.59
C SER A 2 6.32 18.65 -26.24
N SER A 3 6.04 17.35 -26.25
CA SER A 3 5.46 16.62 -25.12
C SER A 3 5.80 15.12 -25.22
N GLY A 4 5.46 14.37 -24.17
CA GLY A 4 5.43 12.91 -24.14
C GLY A 4 6.49 12.37 -23.18
N SER A 5 6.20 11.24 -22.54
CA SER A 5 7.14 10.54 -21.69
C SER A 5 6.75 9.06 -21.58
N SER A 6 7.75 8.21 -21.48
CA SER A 6 7.68 6.81 -21.09
C SER A 6 9.03 6.42 -20.47
N GLY A 7 9.11 5.25 -19.86
CA GLY A 7 10.31 4.70 -19.22
C GLY A 7 9.92 3.37 -18.57
N GLU A 8 10.85 2.64 -17.96
CA GLU A 8 10.57 1.37 -17.30
C GLU A 8 10.56 1.57 -15.78
N HIS A 9 9.54 1.04 -15.10
CA HIS A 9 9.48 1.04 -13.64
C HIS A 9 10.11 -0.25 -13.14
N ALA A 10 11.45 -0.29 -13.14
CA ALA A 10 12.22 -1.41 -12.62
C ALA A 10 13.41 -0.84 -11.84
N LYS A 11 13.66 -1.40 -10.66
CA LYS A 11 14.69 -1.06 -9.68
C LYS A 11 14.63 -2.18 -8.63
N GLN A 12 15.63 -2.29 -7.75
CA GLN A 12 15.66 -3.34 -6.73
C GLN A 12 14.56 -3.17 -5.68
N ALA A 13 14.48 -4.11 -4.74
CA ALA A 13 13.52 -4.23 -3.64
C ALA A 13 12.05 -4.39 -4.08
N SER A 14 11.15 -4.60 -3.12
CA SER A 14 9.73 -4.84 -3.35
C SER A 14 9.08 -3.59 -3.92
N SER A 15 8.75 -3.61 -5.21
CA SER A 15 8.13 -2.46 -5.87
C SER A 15 7.04 -2.81 -6.87
N TYR A 16 6.80 -4.10 -7.14
CA TYR A 16 5.76 -4.49 -8.09
C TYR A 16 4.39 -4.17 -7.50
N ILE A 17 4.14 -4.65 -6.28
CA ILE A 17 2.90 -4.57 -5.52
C ILE A 17 1.74 -5.20 -6.32
N PRO A 18 1.50 -6.51 -6.12
CA PRO A 18 0.75 -7.35 -7.04
C PRO A 18 -0.74 -7.05 -6.96
N LEU A 19 -1.25 -6.28 -7.93
CA LEU A 19 -2.63 -5.81 -7.94
C LEU A 19 -3.64 -6.94 -8.04
N ASP A 20 -3.27 -8.10 -8.60
CA ASP A 20 -4.19 -9.25 -8.66
C ASP A 20 -4.23 -9.97 -7.32
N ARG A 21 -3.14 -9.94 -6.53
CA ARG A 21 -3.13 -10.51 -5.19
C ARG A 21 -3.94 -9.65 -4.23
N LEU A 22 -3.86 -8.31 -4.33
CA LEU A 22 -4.53 -7.40 -3.41
C LEU A 22 -6.04 -7.41 -3.66
N SER A 23 -6.78 -6.66 -2.84
CA SER A 23 -8.18 -6.36 -3.00
C SER A 23 -8.32 -4.85 -3.14
N ILE A 24 -8.16 -4.34 -4.36
CA ILE A 24 -8.35 -2.94 -4.70
C ILE A 24 -9.85 -2.70 -4.74
N SER A 25 -10.28 -1.58 -4.19
CA SER A 25 -11.66 -1.15 -4.34
C SER A 25 -11.73 0.37 -4.41
N TYR A 26 -12.19 0.88 -5.55
CA TYR A 26 -12.60 2.27 -5.65
C TYR A 26 -13.99 2.38 -5.05
N CYS A 27 -14.26 3.50 -4.38
CA CYS A 27 -15.45 3.66 -3.57
C CYS A 27 -16.09 4.99 -3.96
N ARG A 28 -15.97 6.00 -3.09
CA ARG A 28 -16.52 7.34 -3.30
C ARG A 28 -15.59 8.37 -2.68
N SER A 29 -15.42 8.31 -1.35
CA SER A 29 -14.63 9.15 -0.44
C SER A 29 -15.36 9.19 0.90
N SER A 30 -14.63 9.03 2.01
CA SER A 30 -15.16 9.13 3.37
C SER A 30 -14.00 9.45 4.33
N GLY A 31 -14.33 9.91 5.55
CA GLY A 31 -13.34 10.05 6.61
C GLY A 31 -12.29 11.09 6.22
N PRO A 32 -10.98 10.80 6.32
CA PRO A 32 -9.93 11.74 5.95
C PRO A 32 -9.82 11.83 4.41
N GLY A 33 -10.81 12.44 3.78
CA GLY A 33 -10.97 12.52 2.33
C GLY A 33 -11.91 13.66 2.00
N GLY A 34 -11.35 14.86 1.88
CA GLY A 34 -12.07 16.09 1.54
C GLY A 34 -11.21 17.02 0.69
N GLN A 35 -10.39 16.45 -0.20
CA GLN A 35 -9.66 17.12 -1.27
C GLN A 35 -10.67 17.42 -2.40
N ASN A 36 -10.22 17.35 -3.65
CA ASN A 36 -10.88 17.61 -4.93
C ASN A 36 -12.11 16.74 -5.22
N VAL A 37 -12.69 16.12 -4.20
CA VAL A 37 -13.73 15.10 -4.30
C VAL A 37 -15.06 15.72 -3.89
N ASN A 38 -15.71 16.34 -4.87
CA ASN A 38 -17.05 16.89 -4.74
C ASN A 38 -17.99 15.99 -5.51
N LYS A 39 -17.85 15.98 -6.84
CA LYS A 39 -18.73 15.27 -7.76
C LYS A 39 -18.04 14.02 -8.31
N VAL A 40 -16.72 14.04 -8.36
CA VAL A 40 -15.92 13.03 -9.05
C VAL A 40 -15.98 11.68 -8.32
N ASN A 41 -16.17 11.69 -7.00
CA ASN A 41 -16.26 10.54 -6.12
C ASN A 41 -15.21 9.46 -6.41
N SER A 42 -13.94 9.88 -6.41
CA SER A 42 -12.77 9.10 -6.74
C SER A 42 -12.04 8.81 -5.43
N LYS A 43 -12.11 7.57 -4.95
CA LYS A 43 -11.35 7.10 -3.81
C LYS A 43 -10.69 5.79 -4.20
N ALA A 44 -9.58 5.46 -3.54
CA ALA A 44 -8.95 4.16 -3.58
C ALA A 44 -8.96 3.62 -2.17
N GLU A 45 -9.41 2.40 -1.99
CA GLU A 45 -9.06 1.55 -0.88
C GLU A 45 -8.22 0.42 -1.51
N VAL A 46 -7.30 -0.13 -0.73
CA VAL A 46 -6.80 -1.47 -1.00
C VAL A 46 -6.76 -2.22 0.32
N ARG A 47 -6.93 -3.53 0.23
CA ARG A 47 -6.97 -4.46 1.35
C ARG A 47 -6.10 -5.66 0.99
N PHE A 48 -5.40 -6.24 1.96
CA PHE A 48 -4.84 -7.57 1.83
C PHE A 48 -4.78 -8.26 3.19
N HIS A 49 -5.06 -9.57 3.24
CA HIS A 49 -4.70 -10.41 4.39
C HIS A 49 -3.19 -10.46 4.42
N LEU A 50 -2.63 -9.67 5.34
CA LEU A 50 -1.20 -9.48 5.52
C LEU A 50 -0.54 -10.84 5.68
N ALA A 51 -1.17 -11.76 6.41
CA ALA A 51 -0.57 -13.06 6.71
C ALA A 51 -0.61 -14.03 5.51
N SER A 52 -1.27 -13.69 4.40
CA SER A 52 -1.17 -14.41 3.13
C SER A 52 -0.17 -13.72 2.18
N ALA A 53 0.34 -12.53 2.53
CA ALA A 53 1.17 -11.71 1.66
C ALA A 53 2.59 -12.26 1.59
N ASP A 54 2.77 -13.40 0.93
CA ASP A 54 4.06 -14.06 0.72
C ASP A 54 5.00 -13.22 -0.14
N TRP A 55 4.51 -12.14 -0.74
CA TRP A 55 5.34 -11.17 -1.43
C TRP A 55 6.09 -10.27 -0.45
N ILE A 56 5.71 -10.27 0.84
CA ILE A 56 6.35 -9.55 1.93
C ILE A 56 7.27 -10.52 2.67
N GLU A 57 8.40 -9.98 3.11
CA GLU A 57 9.38 -10.60 4.01
C GLU A 57 8.68 -10.95 5.29
N GLU A 58 8.94 -12.13 5.84
CA GLU A 58 8.42 -12.47 7.14
C GLU A 58 8.78 -11.47 8.26
N PRO A 59 9.98 -10.86 8.32
CA PRO A 59 10.29 -9.90 9.38
C PRO A 59 9.51 -8.59 9.19
N VAL A 60 9.02 -8.34 7.99
CA VAL A 60 8.19 -7.21 7.63
C VAL A 60 6.72 -7.55 7.88
N ARG A 61 6.26 -8.77 7.58
CA ARG A 61 4.86 -9.16 7.78
C ARG A 61 4.47 -8.95 9.24
N GLN A 62 5.27 -9.52 10.14
CA GLN A 62 5.03 -9.40 11.58
C GLN A 62 5.12 -7.94 12.02
N LYS A 63 5.87 -7.08 11.32
CA LYS A 63 5.85 -5.66 11.59
C LYS A 63 4.48 -5.11 11.25
N ILE A 64 4.04 -5.12 10.00
CA ILE A 64 2.77 -4.60 9.52
C ILE A 64 1.60 -5.17 10.34
N ALA A 65 1.68 -6.42 10.82
CA ALA A 65 0.72 -7.04 11.71
C ALA A 65 0.45 -6.18 12.94
N LEU A 66 1.53 -5.61 13.50
CA LEU A 66 1.62 -4.86 14.75
C LEU A 66 1.69 -3.35 14.50
N THR A 67 2.71 -2.90 13.77
CA THR A 67 3.06 -1.51 13.56
C THR A 67 1.97 -0.78 12.77
N HIS A 68 1.24 -1.51 11.92
CA HIS A 68 0.19 -0.96 11.09
C HIS A 68 -1.15 -1.61 11.47
N LYS A 69 -1.26 -2.03 12.74
CA LYS A 69 -2.46 -2.68 13.26
C LYS A 69 -3.68 -1.80 13.13
N ASN A 70 -3.57 -0.47 13.26
CA ASN A 70 -4.70 0.40 13.05
C ASN A 70 -5.19 0.39 11.60
N LYS A 71 -4.29 0.17 10.63
CA LYS A 71 -4.70 -0.06 9.24
C LYS A 71 -5.39 -1.41 9.12
N ILE A 72 -4.95 -2.43 9.85
CA ILE A 72 -5.70 -3.68 9.92
C ILE A 72 -7.10 -3.43 10.49
N ASN A 73 -8.05 -4.21 9.98
CA ASN A 73 -9.41 -4.41 10.49
C ASN A 73 -9.36 -5.37 11.69
N LYS A 74 -10.34 -6.26 11.86
CA LYS A 74 -10.35 -7.28 12.90
C LYS A 74 -9.79 -8.61 12.41
N ALA A 75 -9.60 -8.79 11.10
CA ALA A 75 -9.21 -10.04 10.46
C ALA A 75 -7.72 -10.16 10.21
N GLY A 76 -6.89 -9.15 10.54
CA GLY A 76 -5.51 -9.15 10.08
C GLY A 76 -5.40 -8.74 8.61
N GLU A 77 -6.50 -8.31 7.98
CA GLU A 77 -6.55 -7.71 6.66
C GLU A 77 -6.18 -6.25 6.84
N LEU A 78 -5.06 -5.85 6.26
CA LEU A 78 -4.54 -4.49 6.26
C LEU A 78 -5.36 -3.71 5.24
N VAL A 79 -6.08 -2.69 5.67
CA VAL A 79 -6.91 -1.87 4.80
C VAL A 79 -6.50 -0.42 4.99
N LEU A 80 -6.19 0.27 3.91
CA LEU A 80 -5.90 1.69 3.94
C LEU A 80 -6.52 2.36 2.72
N THR A 81 -6.73 3.67 2.79
CA THR A 81 -7.30 4.45 1.72
C THR A 81 -6.35 5.65 1.54
N SER A 82 -5.98 5.97 0.30
CA SER A 82 -5.16 7.14 -0.02
C SER A 82 -5.69 7.67 -1.34
N GLU A 83 -6.19 8.90 -1.36
CA GLU A 83 -6.79 9.51 -2.53
C GLU A 83 -6.65 11.04 -2.46
N SER A 84 -6.78 11.70 -3.62
CA SER A 84 -6.65 13.14 -3.80
C SER A 84 -7.19 13.60 -5.17
N SER A 85 -7.18 12.72 -6.19
CA SER A 85 -7.40 13.08 -7.60
C SER A 85 -8.57 12.33 -8.22
N ARG A 86 -8.95 12.75 -9.43
CA ARG A 86 -10.07 12.23 -10.23
C ARG A 86 -9.89 10.81 -10.77
N TYR A 87 -8.68 10.28 -10.78
CA TYR A 87 -8.33 9.04 -11.47
C TYR A 87 -8.55 7.81 -10.60
N GLN A 88 -8.42 6.63 -11.20
CA GLN A 88 -8.50 5.34 -10.55
C GLN A 88 -7.10 4.91 -10.06
N PHE A 89 -6.29 4.25 -10.90
CA PHE A 89 -4.90 3.87 -10.63
C PHE A 89 -4.13 4.98 -9.91
N ARG A 90 -4.25 6.27 -10.27
CA ARG A 90 -3.42 7.33 -9.67
C ARG A 90 -3.57 7.40 -8.14
N ASN A 91 -4.82 7.39 -7.65
CA ASN A 91 -5.09 7.43 -6.22
C ASN A 91 -4.55 6.15 -5.59
N LEU A 92 -4.94 5.03 -6.18
CA LEU A 92 -4.60 3.68 -5.79
C LEU A 92 -3.06 3.52 -5.73
N ALA A 93 -2.31 4.13 -6.63
CA ALA A 93 -0.86 4.10 -6.71
C ALA A 93 -0.21 4.71 -5.47
N GLU A 94 -0.88 5.63 -4.77
CA GLU A 94 -0.40 6.15 -3.50
C GLU A 94 -0.60 5.11 -2.40
N CYS A 95 -1.73 4.40 -2.40
CA CYS A 95 -1.92 3.24 -1.54
C CYS A 95 -0.75 2.25 -1.76
N LEU A 96 -0.44 1.93 -3.02
CA LEU A 96 0.68 1.04 -3.35
C LEU A 96 2.02 1.64 -2.95
N GLN A 97 2.20 2.96 -3.02
CA GLN A 97 3.43 3.61 -2.62
C GLN A 97 3.60 3.46 -1.11
N LYS A 98 2.52 3.62 -0.32
CA LYS A 98 2.63 3.47 1.12
C LYS A 98 3.00 2.03 1.37
N ILE A 99 2.31 1.05 0.79
CA ILE A 99 2.68 -0.35 0.89
C ILE A 99 4.21 -0.55 0.79
N ARG A 100 4.91 0.08 -0.15
CA ARG A 100 6.36 -0.05 -0.28
C ARG A 100 7.09 0.59 0.90
N ASP A 101 6.70 1.80 1.28
CA ASP A 101 7.34 2.54 2.36
C ASP A 101 7.14 1.81 3.68
N MET A 102 5.91 1.35 3.93
CA MET A 102 5.48 0.56 5.07
C MET A 102 6.31 -0.71 5.19
N ILE A 103 6.77 -1.28 4.06
CA ILE A 103 7.60 -2.46 4.00
C ILE A 103 9.05 -2.05 4.29
N ALA A 104 9.52 -0.94 3.70
CA ALA A 104 10.86 -0.42 3.94
C ALA A 104 11.08 -0.15 5.43
N GLU A 105 10.15 0.58 6.06
CA GLU A 105 10.26 1.00 7.46
C GLU A 105 10.20 -0.19 8.41
N ALA A 106 9.69 -1.31 7.92
CA ALA A 106 9.54 -2.56 8.64
C ALA A 106 10.67 -3.55 8.30
N SER A 107 11.44 -3.26 7.25
CA SER A 107 12.52 -4.10 6.74
C SER A 107 13.85 -3.61 7.33
N GLY A 108 14.04 -2.29 7.40
CA GLY A 108 15.20 -1.65 7.99
C GLY A 108 15.40 -2.06 9.46
N PRO A 109 16.53 -1.63 10.03
CA PRO A 109 17.05 -2.09 11.32
C PRO A 109 16.37 -1.30 12.46
N SER A 110 15.05 -1.11 12.39
CA SER A 110 14.38 0.05 12.98
C SER A 110 15.03 1.36 12.52
N SER A 111 14.61 2.46 13.15
CA SER A 111 15.38 3.70 13.16
C SER A 111 15.37 4.39 11.79
N GLY A 112 14.38 4.12 10.95
CA GLY A 112 14.19 4.77 9.67
C GLY A 112 12.97 4.22 8.96
N GLY A 1 32.46 -9.08 -16.73
CA GLY A 1 32.56 -8.87 -15.28
C GLY A 1 31.51 -9.74 -14.64
N SER A 2 30.30 -9.22 -14.49
CA SER A 2 29.11 -10.04 -14.57
C SER A 2 29.04 -10.74 -15.94
N SER A 3 28.07 -11.65 -16.07
CA SER A 3 27.67 -12.30 -17.30
C SER A 3 27.09 -11.25 -18.26
N GLY A 4 27.42 -11.35 -19.55
CA GLY A 4 26.80 -10.57 -20.60
C GLY A 4 25.39 -11.10 -20.87
N SER A 5 24.40 -10.59 -20.15
CA SER A 5 23.01 -10.99 -20.24
C SER A 5 22.12 -9.75 -20.33
N SER A 6 20.81 -9.97 -20.36
CA SER A 6 19.76 -8.96 -20.20
C SER A 6 20.03 -8.16 -18.93
N GLY A 7 19.79 -8.73 -17.75
CA GLY A 7 20.14 -8.06 -16.50
C GLY A 7 19.56 -8.76 -15.27
N GLU A 8 18.25 -8.92 -15.25
CA GLU A 8 17.37 -9.22 -14.11
C GLU A 8 18.02 -10.10 -13.03
N HIS A 9 18.53 -9.50 -11.94
CA HIS A 9 19.27 -10.24 -10.92
C HIS A 9 19.20 -9.72 -9.48
N ALA A 10 18.46 -8.64 -9.18
CA ALA A 10 18.59 -7.99 -7.87
C ALA A 10 18.27 -8.98 -6.75
N LYS A 11 19.06 -8.97 -5.68
CA LYS A 11 18.67 -9.51 -4.39
C LYS A 11 17.83 -8.43 -3.68
N GLN A 12 17.23 -8.80 -2.54
CA GLN A 12 16.64 -7.93 -1.52
C GLN A 12 16.00 -6.67 -2.13
N ALA A 13 14.95 -6.85 -2.94
CA ALA A 13 14.22 -5.76 -3.58
C ALA A 13 12.77 -6.20 -3.80
N SER A 14 11.83 -5.29 -3.61
CA SER A 14 10.40 -5.60 -3.62
C SER A 14 9.55 -4.47 -4.22
N SER A 15 10.15 -3.77 -5.17
CA SER A 15 9.74 -2.52 -5.81
C SER A 15 8.48 -2.62 -6.69
N TYR A 16 7.56 -3.57 -6.45
CA TYR A 16 6.53 -3.99 -7.41
C TYR A 16 5.10 -3.74 -6.92
N ILE A 17 4.63 -4.53 -5.95
CA ILE A 17 3.22 -4.67 -5.52
C ILE A 17 2.32 -5.23 -6.63
N PRO A 18 1.89 -6.50 -6.53
CA PRO A 18 0.98 -7.15 -7.46
C PRO A 18 -0.46 -6.85 -7.07
N LEU A 19 -1.15 -6.02 -7.85
CA LEU A 19 -2.50 -5.55 -7.50
C LEU A 19 -3.48 -6.70 -7.29
N ASP A 20 -3.49 -7.73 -8.15
CA ASP A 20 -4.48 -8.81 -8.05
C ASP A 20 -4.35 -9.64 -6.78
N ARG A 21 -3.14 -9.76 -6.19
CA ARG A 21 -2.98 -10.42 -4.91
C ARG A 21 -3.54 -9.58 -3.75
N LEU A 22 -3.84 -8.30 -3.98
CA LEU A 22 -4.58 -7.45 -3.06
C LEU A 22 -6.06 -7.53 -3.43
N SER A 23 -6.90 -6.70 -2.82
CA SER A 23 -8.31 -6.53 -3.13
C SER A 23 -8.56 -5.04 -3.19
N ILE A 24 -8.75 -4.48 -4.38
CA ILE A 24 -8.91 -3.05 -4.60
C ILE A 24 -10.40 -2.72 -4.43
N SER A 25 -10.70 -1.50 -4.03
CA SER A 25 -12.02 -0.94 -4.06
C SER A 25 -11.88 0.53 -4.39
N TYR A 26 -12.39 0.97 -5.55
CA TYR A 26 -12.61 2.39 -5.72
C TYR A 26 -13.94 2.73 -5.05
N CYS A 27 -13.97 3.86 -4.34
CA CYS A 27 -15.17 4.39 -3.68
C CYS A 27 -15.32 5.86 -4.07
N ARG A 28 -16.18 6.60 -3.36
CA ARG A 28 -16.40 8.02 -3.64
C ARG A 28 -15.45 8.95 -2.89
N SER A 29 -14.92 8.55 -1.73
CA SER A 29 -14.05 9.26 -0.76
C SER A 29 -14.22 8.60 0.60
N SER A 30 -13.50 9.08 1.61
CA SER A 30 -13.55 8.65 3.00
C SER A 30 -13.26 9.89 3.85
N GLY A 31 -13.69 9.88 5.12
CA GLY A 31 -13.47 11.00 6.02
C GLY A 31 -14.49 12.09 5.73
N PRO A 32 -15.65 12.11 6.41
CA PRO A 32 -16.81 12.87 5.99
C PRO A 32 -16.69 14.35 6.33
N GLY A 33 -15.97 15.12 5.51
CA GLY A 33 -15.76 16.54 5.72
C GLY A 33 -16.52 17.32 4.66
N GLY A 34 -16.04 17.26 3.43
CA GLY A 34 -16.50 18.02 2.28
C GLY A 34 -15.26 18.47 1.52
N GLN A 35 -14.57 19.51 2.00
CA GLN A 35 -13.42 20.16 1.38
C GLN A 35 -13.72 20.57 -0.07
N ASN A 36 -13.61 19.63 -1.02
CA ASN A 36 -13.73 19.85 -2.46
C ASN A 36 -14.40 18.66 -3.15
N VAL A 37 -15.11 17.83 -2.39
CA VAL A 37 -15.71 16.55 -2.79
C VAL A 37 -17.19 16.75 -3.15
N ASN A 38 -17.70 17.99 -3.26
CA ASN A 38 -19.07 18.28 -3.70
C ASN A 38 -19.43 17.54 -5.00
N LYS A 39 -18.51 17.56 -5.97
CA LYS A 39 -18.69 17.11 -7.34
C LYS A 39 -17.48 16.29 -7.79
N VAL A 40 -16.81 15.61 -6.86
CA VAL A 40 -15.83 14.58 -7.17
C VAL A 40 -16.24 13.35 -6.37
N ASN A 41 -15.94 12.16 -6.87
CA ASN A 41 -16.39 10.91 -6.28
C ASN A 41 -15.38 9.81 -6.61
N SER A 42 -14.16 9.95 -6.11
CA SER A 42 -13.03 9.11 -6.51
C SER A 42 -12.14 8.80 -5.31
N LYS A 43 -12.13 7.54 -4.87
CA LYS A 43 -11.28 7.03 -3.79
C LYS A 43 -10.59 5.76 -4.26
N ALA A 44 -9.47 5.39 -3.66
CA ALA A 44 -8.86 4.09 -3.83
C ALA A 44 -8.65 3.52 -2.43
N GLU A 45 -9.32 2.42 -2.12
CA GLU A 45 -9.08 1.58 -0.97
C GLU A 45 -8.42 0.34 -1.55
N VAL A 46 -7.54 -0.29 -0.78
CA VAL A 46 -7.01 -1.58 -1.13
C VAL A 46 -6.80 -2.34 0.17
N ARG A 47 -6.98 -3.65 0.10
CA ARG A 47 -6.96 -4.58 1.20
C ARG A 47 -6.00 -5.71 0.85
N PHE A 48 -5.28 -6.23 1.83
CA PHE A 48 -4.74 -7.57 1.72
C PHE A 48 -4.67 -8.20 3.12
N HIS A 49 -5.03 -9.47 3.27
CA HIS A 49 -4.65 -10.26 4.44
C HIS A 49 -3.13 -10.30 4.49
N LEU A 50 -2.57 -9.52 5.41
CA LEU A 50 -1.15 -9.29 5.57
C LEU A 50 -0.47 -10.63 5.81
N ALA A 51 -1.02 -11.45 6.71
CA ALA A 51 -0.40 -12.71 7.06
C ALA A 51 -0.33 -13.62 5.83
N SER A 52 -1.27 -13.51 4.91
CA SER A 52 -1.32 -14.32 3.70
C SER A 52 -0.35 -13.84 2.65
N ALA A 53 0.24 -12.64 2.74
CA ALA A 53 0.71 -11.87 1.59
C ALA A 53 1.32 -12.73 0.48
N ASP A 54 2.47 -13.35 0.74
CA ASP A 54 3.28 -14.25 -0.11
C ASP A 54 4.28 -13.46 -0.98
N TRP A 55 4.40 -12.15 -0.75
CA TRP A 55 5.32 -11.22 -1.41
C TRP A 55 5.97 -10.28 -0.38
N ILE A 56 5.77 -10.54 0.91
CA ILE A 56 6.36 -9.78 2.01
C ILE A 56 7.26 -10.71 2.81
N GLU A 57 8.40 -10.18 3.21
CA GLU A 57 9.40 -10.79 4.05
C GLU A 57 8.75 -11.18 5.36
N GLU A 58 9.09 -12.36 5.88
CA GLU A 58 8.68 -12.81 7.18
C GLU A 58 8.75 -11.73 8.27
N PRO A 59 9.88 -11.00 8.39
CA PRO A 59 10.00 -10.11 9.53
C PRO A 59 9.16 -8.85 9.31
N VAL A 60 8.99 -8.46 8.05
CA VAL A 60 8.23 -7.30 7.64
C VAL A 60 6.74 -7.60 7.79
N ARG A 61 6.26 -8.81 7.49
CA ARG A 61 4.86 -9.21 7.67
C ARG A 61 4.44 -8.85 9.09
N GLN A 62 5.11 -9.46 10.07
CA GLN A 62 4.74 -9.27 11.46
C GLN A 62 5.12 -7.89 11.98
N LYS A 63 5.94 -7.09 11.30
CA LYS A 63 6.01 -5.69 11.61
C LYS A 63 4.66 -5.05 11.30
N ILE A 64 4.22 -4.96 10.06
CA ILE A 64 2.94 -4.41 9.63
C ILE A 64 1.78 -4.93 10.49
N ALA A 65 1.81 -6.21 10.91
CA ALA A 65 0.78 -6.81 11.77
C ALA A 65 0.59 -6.03 13.08
N LEU A 66 1.72 -5.53 13.61
CA LEU A 66 1.90 -4.83 14.86
C LEU A 66 2.02 -3.32 14.64
N THR A 67 3.09 -2.90 13.95
CA THR A 67 3.51 -1.53 13.70
C THR A 67 2.38 -0.75 13.03
N HIS A 68 1.67 -1.39 12.11
CA HIS A 68 0.68 -0.75 11.26
C HIS A 68 -0.71 -1.32 11.55
N LYS A 69 -0.91 -1.88 12.75
CA LYS A 69 -2.20 -2.45 13.15
C LYS A 69 -3.35 -1.45 13.05
N ASN A 70 -3.06 -0.16 13.11
CA ASN A 70 -4.08 0.86 12.99
C ASN A 70 -4.75 0.81 11.62
N LYS A 71 -4.07 0.25 10.60
CA LYS A 71 -4.62 0.02 9.27
C LYS A 71 -5.26 -1.35 9.15
N ILE A 72 -5.22 -2.20 10.18
CA ILE A 72 -5.80 -3.54 10.11
C ILE A 72 -7.27 -3.47 10.53
N ASN A 73 -8.12 -4.23 9.85
CA ASN A 73 -9.55 -4.36 10.15
C ASN A 73 -9.84 -5.05 11.48
N LYS A 74 -9.34 -6.28 11.66
CA LYS A 74 -9.52 -7.21 12.77
C LYS A 74 -8.85 -8.52 12.38
N ALA A 75 -9.21 -9.05 11.21
CA ALA A 75 -8.78 -10.35 10.71
C ALA A 75 -7.32 -10.35 10.21
N GLY A 76 -6.55 -9.29 10.47
CA GLY A 76 -5.19 -9.15 9.95
C GLY A 76 -5.18 -8.67 8.51
N GLU A 77 -6.33 -8.24 7.97
CA GLU A 77 -6.39 -7.62 6.67
C GLU A 77 -6.02 -6.16 6.85
N LEU A 78 -4.95 -5.76 6.20
CA LEU A 78 -4.46 -4.40 6.16
C LEU A 78 -5.28 -3.70 5.11
N VAL A 79 -6.12 -2.76 5.50
CA VAL A 79 -6.99 -2.04 4.60
C VAL A 79 -6.76 -0.55 4.79
N LEU A 80 -6.00 0.07 3.89
CA LEU A 80 -5.81 1.51 3.86
C LEU A 80 -6.49 2.09 2.62
N THR A 81 -6.75 3.38 2.67
CA THR A 81 -7.26 4.15 1.55
C THR A 81 -6.27 5.29 1.33
N SER A 82 -6.11 5.74 0.09
CA SER A 82 -5.37 6.94 -0.21
C SER A 82 -6.10 7.61 -1.35
N GLU A 83 -6.61 8.80 -1.09
CA GLU A 83 -7.38 9.55 -2.04
C GLU A 83 -7.26 11.04 -1.75
N SER A 84 -7.00 11.81 -2.80
CA SER A 84 -7.10 13.25 -2.80
C SER A 84 -7.39 13.74 -4.24
N SER A 85 -6.87 13.04 -5.26
CA SER A 85 -7.14 13.35 -6.66
C SER A 85 -8.46 12.71 -7.11
N ARG A 86 -8.79 12.87 -8.40
CA ARG A 86 -9.96 12.28 -9.05
C ARG A 86 -9.66 10.95 -9.74
N TYR A 87 -8.39 10.58 -9.90
CA TYR A 87 -8.04 9.40 -10.66
C TYR A 87 -8.44 8.11 -9.91
N GLN A 88 -8.35 6.94 -10.55
CA GLN A 88 -8.45 5.65 -9.90
C GLN A 88 -7.02 5.19 -9.66
N PHE A 89 -6.33 4.67 -10.68
CA PHE A 89 -4.99 4.12 -10.54
C PHE A 89 -4.00 5.12 -9.91
N ARG A 90 -4.12 6.43 -10.15
CA ARG A 90 -3.19 7.38 -9.50
C ARG A 90 -3.36 7.42 -7.98
N ASN A 91 -4.61 7.51 -7.51
CA ASN A 91 -4.93 7.48 -6.08
C ASN A 91 -4.48 6.13 -5.52
N LEU A 92 -4.84 5.03 -6.21
CA LEU A 92 -4.43 3.68 -5.87
C LEU A 92 -2.90 3.57 -5.77
N ALA A 93 -2.14 4.24 -6.64
CA ALA A 93 -0.69 4.21 -6.65
C ALA A 93 -0.08 4.93 -5.45
N GLU A 94 -0.80 5.83 -4.77
CA GLU A 94 -0.37 6.29 -3.46
C GLU A 94 -0.53 5.16 -2.45
N CYS A 95 -1.66 4.43 -2.49
CA CYS A 95 -1.82 3.24 -1.65
C CYS A 95 -0.63 2.29 -1.86
N LEU A 96 -0.27 1.97 -3.11
CA LEU A 96 0.88 1.11 -3.42
C LEU A 96 2.19 1.72 -2.95
N GLN A 97 2.36 3.03 -3.09
CA GLN A 97 3.53 3.74 -2.58
C GLN A 97 3.62 3.56 -1.07
N LYS A 98 2.52 3.71 -0.32
CA LYS A 98 2.59 3.60 1.13
C LYS A 98 2.93 2.17 1.44
N ILE A 99 2.25 1.17 0.87
CA ILE A 99 2.54 -0.23 1.08
C ILE A 99 4.04 -0.50 1.01
N ARG A 100 4.74 -0.01 -0.04
CA ARG A 100 6.18 -0.17 -0.21
C ARG A 100 6.96 0.54 0.88
N ASP A 101 6.48 1.70 1.32
CA ASP A 101 7.13 2.48 2.37
C ASP A 101 6.97 1.82 3.71
N MET A 102 5.77 1.33 4.02
CA MET A 102 5.41 0.60 5.22
C MET A 102 6.24 -0.68 5.34
N ILE A 103 6.63 -1.24 4.19
CA ILE A 103 7.48 -2.42 4.08
C ILE A 103 8.94 -2.00 4.29
N ALA A 104 9.36 -0.89 3.69
CA ALA A 104 10.69 -0.34 3.86
C ALA A 104 10.96 0.05 5.32
N GLU A 105 10.02 0.72 5.95
CA GLU A 105 10.15 1.23 7.31
C GLU A 105 10.16 0.05 8.28
N ALA A 106 9.39 -1.01 7.97
CA ALA A 106 9.38 -2.27 8.70
C ALA A 106 10.64 -3.11 8.48
N SER A 107 11.57 -2.71 7.60
CA SER A 107 12.73 -3.50 7.21
C SER A 107 14.06 -2.79 7.49
N GLY A 108 14.05 -1.50 7.84
CA GLY A 108 15.23 -0.73 8.19
C GLY A 108 15.94 -0.14 6.97
N PRO A 109 16.82 0.87 7.18
CA PRO A 109 17.40 1.69 6.12
C PRO A 109 18.73 1.14 5.56
N SER A 110 19.43 0.32 6.33
CA SER A 110 20.67 -0.32 5.90
C SER A 110 20.30 -1.49 4.99
N SER A 111 20.70 -1.39 3.72
CA SER A 111 20.66 -2.43 2.70
C SER A 111 21.90 -2.26 1.80
N GLY A 112 21.93 -2.90 0.63
CA GLY A 112 23.02 -2.82 -0.34
C GLY A 112 23.57 -4.20 -0.52
N GLY A 1 1.90 -32.28 -27.37
CA GLY A 1 1.65 -30.89 -26.93
C GLY A 1 2.95 -30.21 -26.54
N SER A 2 2.86 -28.99 -25.98
CA SER A 2 4.00 -28.15 -25.60
C SER A 2 3.77 -27.58 -24.19
N SER A 3 4.70 -26.76 -23.68
CA SER A 3 4.52 -25.93 -22.50
C SER A 3 5.28 -24.61 -22.71
N GLY A 4 5.07 -23.64 -21.83
CA GLY A 4 5.94 -22.48 -21.67
C GLY A 4 7.15 -22.86 -20.82
N SER A 5 7.99 -21.88 -20.49
CA SER A 5 9.14 -22.05 -19.61
C SER A 5 9.53 -20.68 -19.04
N SER A 6 10.61 -20.63 -18.25
CA SER A 6 11.05 -19.48 -17.47
C SER A 6 9.93 -18.95 -16.55
N GLY A 7 10.05 -17.71 -16.05
CA GLY A 7 8.99 -17.02 -15.33
C GLY A 7 9.33 -16.70 -13.87
N GLU A 8 10.59 -16.41 -13.55
CA GLU A 8 11.01 -15.94 -12.24
C GLU A 8 12.31 -15.16 -12.47
N HIS A 9 12.40 -13.89 -12.03
CA HIS A 9 13.64 -13.13 -12.23
C HIS A 9 13.93 -12.06 -11.16
N ALA A 10 13.37 -12.18 -9.95
CA ALA A 10 13.61 -11.22 -8.87
C ALA A 10 15.07 -11.22 -8.39
N LYS A 11 15.82 -10.18 -8.73
CA LYS A 11 17.16 -9.87 -8.21
C LYS A 11 17.23 -8.42 -7.72
N GLN A 12 16.07 -7.79 -7.48
CA GLN A 12 15.93 -6.46 -6.92
C GLN A 12 14.94 -6.49 -5.74
N ALA A 13 14.79 -5.35 -5.07
CA ALA A 13 13.81 -5.14 -4.01
C ALA A 13 12.37 -5.09 -4.55
N SER A 14 11.40 -5.10 -3.63
CA SER A 14 9.99 -4.95 -3.91
C SER A 14 9.64 -3.51 -4.30
N SER A 15 9.05 -3.33 -5.49
CA SER A 15 8.34 -2.11 -5.85
C SER A 15 7.13 -2.42 -6.74
N TYR A 16 6.93 -3.68 -7.14
CA TYR A 16 5.99 -4.10 -8.17
C TYR A 16 4.52 -4.13 -7.70
N ILE A 17 4.28 -4.23 -6.40
CA ILE A 17 2.99 -4.33 -5.69
C ILE A 17 1.91 -5.01 -6.56
N PRO A 18 1.75 -6.33 -6.41
CA PRO A 18 0.97 -7.17 -7.31
C PRO A 18 -0.52 -6.87 -7.11
N LEU A 19 -1.11 -6.07 -8.01
CA LEU A 19 -2.47 -5.59 -7.81
C LEU A 19 -3.43 -6.76 -7.68
N ASP A 20 -3.30 -7.79 -8.53
CA ASP A 20 -4.12 -9.01 -8.55
C ASP A 20 -3.98 -9.87 -7.28
N ARG A 21 -3.01 -9.62 -6.38
CA ARG A 21 -2.97 -10.32 -5.09
C ARG A 21 -3.79 -9.61 -4.02
N LEU A 22 -4.10 -8.33 -4.21
CA LEU A 22 -4.75 -7.51 -3.19
C LEU A 22 -6.19 -7.26 -3.63
N SER A 23 -6.93 -6.59 -2.77
CA SER A 23 -8.37 -6.44 -2.87
C SER A 23 -8.66 -4.95 -2.95
N ILE A 24 -8.68 -4.42 -4.17
CA ILE A 24 -8.91 -3.01 -4.44
C ILE A 24 -10.39 -2.74 -4.24
N SER A 25 -10.71 -1.49 -3.94
CA SER A 25 -12.06 -0.98 -4.08
C SER A 25 -11.98 0.50 -4.38
N TYR A 26 -12.53 0.93 -5.52
CA TYR A 26 -12.77 2.35 -5.72
C TYR A 26 -14.11 2.68 -5.10
N CYS A 27 -14.04 3.25 -3.91
CA CYS A 27 -15.14 3.94 -3.26
C CYS A 27 -15.25 5.34 -3.88
N ARG A 28 -16.10 6.22 -3.35
CA ARG A 28 -16.33 7.55 -3.92
C ARG A 28 -15.40 8.58 -3.30
N SER A 29 -15.44 8.72 -1.97
CA SER A 29 -14.51 9.51 -1.17
C SER A 29 -14.89 9.44 0.31
N SER A 30 -14.05 9.97 1.21
CA SER A 30 -14.26 9.94 2.65
C SER A 30 -14.40 11.34 3.24
N GLY A 31 -13.53 12.29 2.88
CA GLY A 31 -13.40 13.66 3.40
C GLY A 31 -14.54 14.14 4.29
N PRO A 32 -14.49 13.89 5.62
CA PRO A 32 -15.55 14.31 6.53
C PRO A 32 -15.53 15.83 6.68
N GLY A 33 -16.50 16.51 6.06
CA GLY A 33 -16.64 17.96 6.05
C GLY A 33 -16.08 18.48 4.74
N GLY A 34 -14.81 18.89 4.71
CA GLY A 34 -14.14 19.00 3.42
C GLY A 34 -12.68 19.42 3.48
N GLN A 35 -11.91 18.96 2.49
CA GLN A 35 -10.52 19.30 2.21
C GLN A 35 -10.40 19.56 0.70
N ASN A 36 -9.37 18.97 0.11
CA ASN A 36 -8.98 18.86 -1.28
C ASN A 36 -10.02 18.16 -2.16
N VAL A 37 -10.84 17.26 -1.61
CA VAL A 37 -11.67 16.40 -2.43
C VAL A 37 -12.83 17.20 -3.04
N ASN A 38 -13.54 18.01 -2.25
CA ASN A 38 -14.67 18.86 -2.63
C ASN A 38 -15.79 18.11 -3.36
N LYS A 39 -15.66 17.84 -4.65
CA LYS A 39 -16.62 17.10 -5.50
C LYS A 39 -15.91 16.10 -6.41
N VAL A 40 -14.66 15.78 -6.10
CA VAL A 40 -13.95 14.63 -6.61
C VAL A 40 -14.77 13.38 -6.25
N ASN A 41 -14.91 12.54 -7.27
CA ASN A 41 -15.48 11.21 -7.22
C ASN A 41 -14.39 10.26 -7.73
N SER A 42 -13.81 9.48 -6.82
CA SER A 42 -12.81 8.43 -6.98
C SER A 42 -12.02 8.40 -5.69
N LYS A 43 -12.24 7.36 -4.90
CA LYS A 43 -11.41 6.96 -3.79
C LYS A 43 -10.64 5.74 -4.26
N ALA A 44 -9.50 5.44 -3.64
CA ALA A 44 -8.87 4.14 -3.80
C ALA A 44 -8.68 3.59 -2.42
N GLU A 45 -9.29 2.44 -2.17
CA GLU A 45 -8.98 1.56 -1.07
C GLU A 45 -8.24 0.38 -1.70
N VAL A 46 -7.36 -0.23 -0.91
CA VAL A 46 -6.91 -1.58 -1.14
C VAL A 46 -6.78 -2.26 0.23
N ARG A 47 -6.97 -3.58 0.22
CA ARG A 47 -6.93 -4.45 1.38
C ARG A 47 -6.14 -5.69 1.01
N PHE A 48 -5.37 -6.26 1.92
CA PHE A 48 -4.76 -7.56 1.72
C PHE A 48 -4.60 -8.27 3.06
N HIS A 49 -4.67 -9.62 3.09
CA HIS A 49 -4.24 -10.36 4.27
C HIS A 49 -2.72 -10.33 4.35
N LEU A 50 -2.23 -9.49 5.26
CA LEU A 50 -0.84 -9.15 5.42
C LEU A 50 -0.05 -10.39 5.83
N ALA A 51 -0.54 -11.15 6.81
CA ALA A 51 0.22 -12.29 7.29
C ALA A 51 0.28 -13.41 6.25
N SER A 52 -0.49 -13.35 5.16
CA SER A 52 -0.40 -14.26 4.03
C SER A 52 0.16 -13.55 2.79
N ALA A 53 0.78 -12.36 2.92
CA ALA A 53 1.12 -11.54 1.75
C ALA A 53 1.94 -12.31 0.72
N ASP A 54 3.05 -12.95 1.14
CA ASP A 54 3.91 -13.85 0.36
C ASP A 54 4.95 -13.05 -0.44
N TRP A 55 4.56 -11.88 -0.95
CA TRP A 55 5.46 -10.92 -1.61
C TRP A 55 6.10 -9.94 -0.62
N ILE A 56 5.70 -9.95 0.65
CA ILE A 56 6.40 -9.26 1.75
C ILE A 56 7.49 -10.22 2.27
N GLU A 57 8.34 -9.75 3.16
CA GLU A 57 9.34 -10.55 3.87
C GLU A 57 8.74 -11.02 5.17
N GLU A 58 9.13 -12.19 5.65
CA GLU A 58 8.72 -12.69 6.95
C GLU A 58 8.89 -11.70 8.12
N PRO A 59 10.03 -10.99 8.25
CA PRO A 59 10.20 -10.12 9.40
C PRO A 59 9.38 -8.84 9.22
N VAL A 60 9.13 -8.48 7.96
CA VAL A 60 8.35 -7.32 7.59
C VAL A 60 6.86 -7.65 7.79
N ARG A 61 6.37 -8.84 7.41
CA ARG A 61 4.95 -9.22 7.54
C ARG A 61 4.51 -8.91 8.96
N GLN A 62 5.15 -9.51 9.94
CA GLN A 62 4.75 -9.36 11.33
C GLN A 62 4.97 -7.93 11.82
N LYS A 63 5.85 -7.12 11.19
CA LYS A 63 5.91 -5.72 11.53
C LYS A 63 4.57 -5.07 11.25
N ILE A 64 4.07 -5.01 10.02
CA ILE A 64 2.82 -4.41 9.63
C ILE A 64 1.65 -4.97 10.48
N ALA A 65 1.72 -6.24 10.93
CA ALA A 65 0.73 -6.84 11.82
C ALA A 65 0.54 -6.00 13.10
N LEU A 66 1.65 -5.47 13.61
CA LEU A 66 1.79 -4.71 14.83
C LEU A 66 1.87 -3.21 14.54
N THR A 67 2.88 -2.79 13.77
CA THR A 67 3.24 -1.41 13.46
C THR A 67 2.06 -0.65 12.81
N HIS A 68 1.23 -1.35 12.04
CA HIS A 68 0.07 -0.78 11.36
C HIS A 68 -1.18 -1.55 11.80
N LYS A 69 -1.21 -2.02 13.05
CA LYS A 69 -2.40 -2.68 13.58
C LYS A 69 -3.65 -1.82 13.43
N ASN A 70 -3.47 -0.54 13.64
CA ASN A 70 -4.38 0.56 13.42
C ASN A 70 -4.99 0.61 12.01
N LYS A 71 -4.26 0.16 10.98
CA LYS A 71 -4.75 0.00 9.61
C LYS A 71 -5.30 -1.41 9.38
N ILE A 72 -4.96 -2.38 10.20
CA ILE A 72 -5.59 -3.69 10.14
C ILE A 72 -7.00 -3.56 10.71
N ASN A 73 -7.95 -4.20 10.02
CA ASN A 73 -9.34 -4.25 10.49
C ASN A 73 -9.39 -4.99 11.83
N LYS A 74 -9.07 -6.29 11.83
CA LYS A 74 -9.22 -7.27 12.92
C LYS A 74 -8.73 -8.62 12.40
N ALA A 75 -9.16 -8.99 11.18
CA ALA A 75 -8.76 -10.22 10.49
C ALA A 75 -7.28 -10.27 10.15
N GLY A 76 -6.49 -9.24 10.49
CA GLY A 76 -5.12 -9.16 10.04
C GLY A 76 -5.04 -8.69 8.59
N GLU A 77 -6.18 -8.46 7.94
CA GLU A 77 -6.22 -7.80 6.65
C GLU A 77 -5.97 -6.33 6.90
N LEU A 78 -4.85 -5.85 6.35
CA LEU A 78 -4.45 -4.46 6.32
C LEU A 78 -5.36 -3.79 5.31
N VAL A 79 -6.02 -2.69 5.68
CA VAL A 79 -6.85 -1.92 4.80
C VAL A 79 -6.34 -0.48 4.88
N LEU A 80 -5.99 0.11 3.75
CA LEU A 80 -5.64 1.52 3.71
C LEU A 80 -6.24 2.16 2.46
N THR A 81 -6.39 3.47 2.51
CA THR A 81 -7.04 4.23 1.47
C THR A 81 -6.21 5.51 1.33
N SER A 82 -5.92 5.94 0.10
CA SER A 82 -5.18 7.17 -0.12
C SER A 82 -5.75 7.85 -1.35
N GLU A 83 -6.49 8.94 -1.13
CA GLU A 83 -7.39 9.50 -2.11
C GLU A 83 -7.32 11.02 -2.10
N SER A 84 -7.17 11.63 -3.28
CA SER A 84 -7.26 13.08 -3.49
C SER A 84 -7.61 13.48 -4.94
N SER A 85 -7.57 12.55 -5.90
CA SER A 85 -7.69 12.87 -7.32
C SER A 85 -8.95 12.24 -7.95
N ARG A 86 -9.36 12.67 -9.16
CA ARG A 86 -10.55 12.13 -9.85
C ARG A 86 -10.23 10.88 -10.68
N TYR A 87 -8.99 10.40 -10.62
CA TYR A 87 -8.48 9.26 -11.38
C TYR A 87 -8.65 7.97 -10.55
N GLN A 88 -8.40 6.78 -11.11
CA GLN A 88 -8.55 5.50 -10.41
C GLN A 88 -7.17 4.94 -10.02
N PHE A 89 -6.40 4.42 -10.99
CA PHE A 89 -5.02 3.95 -10.79
C PHE A 89 -4.20 5.00 -10.03
N ARG A 90 -4.34 6.29 -10.32
CA ARG A 90 -3.47 7.30 -9.71
C ARG A 90 -3.64 7.37 -8.20
N ASN A 91 -4.89 7.39 -7.71
CA ASN A 91 -5.18 7.35 -6.29
C ASN A 91 -4.62 6.05 -5.72
N LEU A 92 -4.94 4.94 -6.38
CA LEU A 92 -4.50 3.60 -6.00
C LEU A 92 -2.97 3.53 -5.89
N ALA A 93 -2.23 4.24 -6.75
CA ALA A 93 -0.79 4.26 -6.80
C ALA A 93 -0.20 4.77 -5.49
N GLU A 94 -0.85 5.71 -4.82
CA GLU A 94 -0.39 6.23 -3.54
C GLU A 94 -0.58 5.20 -2.44
N CYS A 95 -1.70 4.47 -2.45
CA CYS A 95 -1.87 3.28 -1.63
C CYS A 95 -0.65 2.36 -1.79
N LEU A 96 -0.27 2.06 -3.04
CA LEU A 96 0.85 1.18 -3.33
C LEU A 96 2.18 1.82 -2.91
N GLN A 97 2.30 3.15 -2.97
CA GLN A 97 3.48 3.85 -2.47
C GLN A 97 3.62 3.54 -0.99
N LYS A 98 2.56 3.71 -0.18
CA LYS A 98 2.76 3.54 1.25
C LYS A 98 3.01 2.09 1.53
N ILE A 99 2.33 1.14 0.88
CA ILE A 99 2.66 -0.27 0.98
C ILE A 99 4.17 -0.53 0.90
N ARG A 100 4.92 0.16 0.01
CA ARG A 100 6.37 -0.01 -0.09
C ARG A 100 7.07 0.61 1.11
N ASP A 101 6.69 1.82 1.53
CA ASP A 101 7.20 2.45 2.75
C ASP A 101 6.90 1.62 3.99
N MET A 102 5.68 1.12 4.17
CA MET A 102 5.26 0.25 5.25
C MET A 102 6.13 -1.00 5.35
N ILE A 103 6.72 -1.45 4.23
CA ILE A 103 7.63 -2.58 4.16
C ILE A 103 9.04 -2.11 4.49
N ALA A 104 9.49 -1.00 3.90
CA ALA A 104 10.80 -0.42 4.10
C ALA A 104 11.00 0.03 5.55
N GLU A 105 10.03 0.73 6.13
CA GLU A 105 10.00 1.24 7.49
C GLU A 105 9.93 0.10 8.51
N ALA A 106 9.54 -1.10 8.04
CA ALA A 106 9.44 -2.32 8.81
C ALA A 106 10.68 -3.20 8.67
N SER A 107 11.65 -2.80 7.84
CA SER A 107 12.88 -3.53 7.57
C SER A 107 14.05 -2.70 8.09
N GLY A 108 14.10 -1.41 7.74
CA GLY A 108 15.11 -0.46 8.14
C GLY A 108 14.92 0.00 9.59
N PRO A 109 15.70 1.00 10.04
CA PRO A 109 15.47 1.65 11.33
C PRO A 109 14.11 2.34 11.30
N SER A 110 13.32 2.18 12.37
CA SER A 110 11.92 2.58 12.37
C SER A 110 11.76 4.10 12.31
N SER A 111 10.71 4.51 11.61
CA SER A 111 10.21 5.87 11.58
C SER A 111 9.40 6.10 12.86
N GLY A 112 9.99 6.84 13.79
CA GLY A 112 9.39 7.23 15.04
C GLY A 112 9.50 6.09 16.03
N GLY A 1 20.53 -35.04 13.17
CA GLY A 1 20.71 -34.56 11.79
C GLY A 1 20.75 -33.05 11.80
N SER A 2 21.22 -32.44 10.71
CA SER A 2 21.44 -31.00 10.63
C SER A 2 20.98 -30.51 9.25
N SER A 3 20.76 -29.22 9.10
CA SER A 3 20.47 -28.51 7.86
C SER A 3 20.80 -27.04 8.12
N GLY A 4 20.59 -26.14 7.16
CA GLY A 4 20.84 -24.72 7.30
C GLY A 4 20.94 -24.07 5.92
N SER A 5 21.26 -22.78 5.88
CA SER A 5 21.69 -22.05 4.70
C SER A 5 22.99 -21.35 5.07
N SER A 6 24.10 -21.71 4.42
CA SER A 6 25.34 -20.94 4.54
C SER A 6 25.21 -19.61 3.75
N GLY A 7 26.28 -18.82 3.72
CA GLY A 7 26.51 -17.69 2.81
C GLY A 7 25.30 -16.77 2.66
N GLU A 8 24.93 -16.05 3.71
CA GLU A 8 23.85 -15.07 3.65
C GLU A 8 24.23 -13.95 2.68
N HIS A 9 23.39 -13.72 1.67
CA HIS A 9 23.53 -12.67 0.66
C HIS A 9 22.22 -11.87 0.64
N ALA A 10 22.26 -10.63 0.15
CA ALA A 10 21.07 -9.78 0.06
C ALA A 10 19.97 -10.44 -0.77
N LYS A 11 18.71 -10.04 -0.56
CA LYS A 11 17.60 -10.50 -1.39
C LYS A 11 17.24 -9.43 -2.41
N GLN A 12 16.68 -9.87 -3.53
CA GLN A 12 16.10 -9.00 -4.54
C GLN A 12 14.98 -8.19 -3.89
N ALA A 13 14.95 -6.89 -4.19
CA ALA A 13 14.01 -5.94 -3.61
C ALA A 13 12.58 -6.19 -4.11
N SER A 14 11.61 -5.51 -3.49
CA SER A 14 10.24 -5.42 -3.96
C SER A 14 9.88 -3.95 -4.20
N SER A 15 8.72 -3.69 -4.84
CA SER A 15 8.15 -2.40 -5.26
C SER A 15 7.16 -2.55 -6.42
N TYR A 16 7.16 -3.71 -7.11
CA TYR A 16 6.19 -4.08 -8.13
C TYR A 16 4.75 -3.96 -7.60
N ILE A 17 4.49 -4.48 -6.40
CA ILE A 17 3.19 -4.50 -5.71
C ILE A 17 2.07 -5.06 -6.62
N PRO A 18 1.81 -6.39 -6.59
CA PRO A 18 0.96 -7.11 -7.52
C PRO A 18 -0.53 -6.88 -7.22
N LEU A 19 -1.22 -6.10 -8.06
CA LEU A 19 -2.60 -5.69 -7.82
C LEU A 19 -3.54 -6.90 -7.71
N ASP A 20 -3.32 -7.92 -8.54
CA ASP A 20 -4.13 -9.14 -8.54
C ASP A 20 -4.10 -9.84 -7.18
N ARG A 21 -2.99 -9.81 -6.45
CA ARG A 21 -2.87 -10.40 -5.13
C ARG A 21 -3.58 -9.61 -4.04
N LEU A 22 -3.88 -8.33 -4.26
CA LEU A 22 -4.56 -7.51 -3.27
C LEU A 22 -6.03 -7.39 -3.69
N SER A 23 -6.80 -6.63 -2.92
CA SER A 23 -8.25 -6.50 -3.04
C SER A 23 -8.55 -5.00 -3.14
N ILE A 24 -8.55 -4.45 -4.36
CA ILE A 24 -8.68 -3.02 -4.61
C ILE A 24 -10.17 -2.66 -4.67
N SER A 25 -10.54 -1.46 -4.25
CA SER A 25 -11.88 -0.91 -4.40
C SER A 25 -11.79 0.59 -4.70
N TYR A 26 -12.80 1.14 -5.38
CA TYR A 26 -13.06 2.57 -5.43
C TYR A 26 -14.50 2.84 -4.97
N CYS A 27 -14.63 3.28 -3.72
CA CYS A 27 -15.88 3.76 -3.13
C CYS A 27 -16.27 5.11 -3.72
N ARG A 28 -17.53 5.48 -3.53
CA ARG A 28 -17.95 6.87 -3.53
C ARG A 28 -17.17 7.56 -2.41
N SER A 29 -16.39 8.57 -2.75
CA SER A 29 -16.01 9.61 -1.80
C SER A 29 -17.31 10.34 -1.43
N SER A 30 -17.61 10.50 -0.15
CA SER A 30 -18.90 10.93 0.39
C SER A 30 -20.02 9.94 -0.01
N GLY A 31 -21.29 10.34 0.18
CA GLY A 31 -22.43 9.52 -0.18
C GLY A 31 -22.79 9.72 -1.66
N PRO A 32 -23.61 8.83 -2.24
CA PRO A 32 -24.18 9.02 -3.56
C PRO A 32 -25.11 10.23 -3.58
N GLY A 33 -25.28 10.82 -4.76
CA GLY A 33 -25.85 12.13 -4.95
C GLY A 33 -24.66 13.05 -4.83
N GLY A 34 -24.27 13.31 -3.58
CA GLY A 34 -23.04 13.99 -3.23
C GLY A 34 -23.37 15.22 -2.37
N GLN A 35 -22.37 16.03 -2.07
CA GLN A 35 -22.55 17.34 -1.45
C GLN A 35 -21.70 18.33 -2.28
N ASN A 36 -20.63 18.91 -1.71
CA ASN A 36 -19.78 19.88 -2.42
C ASN A 36 -18.85 19.19 -3.42
N VAL A 37 -18.85 17.86 -3.48
CA VAL A 37 -17.87 17.06 -4.20
C VAL A 37 -17.84 17.45 -5.69
N ASN A 38 -19.01 17.58 -6.32
CA ASN A 38 -19.29 18.33 -7.57
C ASN A 38 -18.52 17.93 -8.83
N LYS A 39 -17.61 16.96 -8.76
CA LYS A 39 -16.67 16.67 -9.81
C LYS A 39 -16.79 15.19 -10.01
N VAL A 40 -16.07 14.42 -9.20
CA VAL A 40 -15.96 13.00 -9.43
C VAL A 40 -15.60 12.27 -8.16
N ASN A 41 -16.29 11.15 -7.94
CA ASN A 41 -15.94 10.21 -6.90
C ASN A 41 -14.87 9.28 -7.44
N SER A 42 -13.67 9.33 -6.86
CA SER A 42 -12.60 8.39 -7.18
C SER A 42 -11.81 8.08 -5.91
N LYS A 43 -12.44 7.43 -4.92
CA LYS A 43 -11.70 6.96 -3.77
C LYS A 43 -10.80 5.81 -4.22
N ALA A 44 -9.73 5.52 -3.50
CA ALA A 44 -9.00 4.28 -3.71
C ALA A 44 -8.85 3.63 -2.35
N GLU A 45 -9.20 2.36 -2.26
CA GLU A 45 -8.96 1.49 -1.15
C GLU A 45 -8.21 0.28 -1.68
N VAL A 46 -7.36 -0.31 -0.86
CA VAL A 46 -6.84 -1.63 -1.13
C VAL A 46 -6.73 -2.37 0.19
N ARG A 47 -7.01 -3.66 0.15
CA ARG A 47 -7.04 -4.56 1.28
C ARG A 47 -6.22 -5.78 0.90
N PHE A 48 -5.43 -6.32 1.82
CA PHE A 48 -4.78 -7.62 1.64
C PHE A 48 -4.63 -8.29 3.00
N HIS A 49 -4.78 -9.61 3.09
CA HIS A 49 -4.43 -10.36 4.28
C HIS A 49 -2.91 -10.38 4.36
N LEU A 50 -2.39 -9.48 5.20
CA LEU A 50 -0.99 -9.21 5.43
C LEU A 50 -0.24 -10.50 5.71
N ALA A 51 -0.77 -11.33 6.61
CA ALA A 51 -0.09 -12.52 7.08
C ALA A 51 0.15 -13.52 5.97
N SER A 52 -0.67 -13.49 4.93
CA SER A 52 -0.62 -14.34 3.76
C SER A 52 -0.16 -13.57 2.52
N ALA A 53 0.49 -12.41 2.69
CA ALA A 53 1.00 -11.64 1.57
C ALA A 53 1.91 -12.50 0.70
N ASP A 54 2.95 -13.11 1.28
CA ASP A 54 3.93 -14.01 0.62
C ASP A 54 4.79 -13.32 -0.45
N TRP A 55 4.50 -12.07 -0.81
CA TRP A 55 5.41 -11.11 -1.44
C TRP A 55 5.98 -10.13 -0.40
N ILE A 56 5.58 -10.23 0.87
CA ILE A 56 6.22 -9.55 2.00
C ILE A 56 7.02 -10.59 2.79
N GLU A 57 8.25 -10.20 3.11
CA GLU A 57 9.19 -10.81 4.04
C GLU A 57 8.46 -11.17 5.32
N GLU A 58 8.63 -12.39 5.82
CA GLU A 58 8.05 -12.79 7.09
C GLU A 58 8.42 -11.87 8.27
N PRO A 59 9.61 -11.23 8.35
CA PRO A 59 9.86 -10.29 9.45
C PRO A 59 9.11 -8.97 9.24
N VAL A 60 8.94 -8.55 7.99
CA VAL A 60 8.25 -7.32 7.61
C VAL A 60 6.75 -7.54 7.79
N ARG A 61 6.21 -8.72 7.45
CA ARG A 61 4.82 -9.09 7.67
C ARG A 61 4.46 -8.80 9.11
N GLN A 62 5.16 -9.44 10.04
CA GLN A 62 4.84 -9.28 11.44
C GLN A 62 5.21 -7.88 11.97
N LYS A 63 6.01 -7.07 11.26
CA LYS A 63 6.10 -5.66 11.57
C LYS A 63 4.78 -4.98 11.30
N ILE A 64 4.26 -4.93 10.08
CA ILE A 64 2.95 -4.42 9.68
C ILE A 64 1.85 -4.98 10.61
N ALA A 65 1.94 -6.24 11.05
CA ALA A 65 0.99 -6.84 11.98
C ALA A 65 0.84 -6.03 13.27
N LEU A 66 1.95 -5.46 13.74
CA LEU A 66 2.09 -4.71 14.98
C LEU A 66 2.08 -3.22 14.69
N THR A 67 3.04 -2.75 13.89
CA THR A 67 3.35 -1.35 13.66
C THR A 67 2.27 -0.66 12.83
N HIS A 68 1.46 -1.43 12.10
CA HIS A 68 0.33 -0.92 11.35
C HIS A 68 -0.92 -1.63 11.84
N LYS A 69 -0.94 -2.08 13.10
CA LYS A 69 -2.10 -2.74 13.68
C LYS A 69 -3.33 -1.85 13.64
N ASN A 70 -3.22 -0.55 13.85
CA ASN A 70 -4.36 0.34 13.79
C ASN A 70 -4.88 0.47 12.36
N LYS A 71 -4.03 0.22 11.37
CA LYS A 71 -4.40 0.19 9.95
C LYS A 71 -5.03 -1.14 9.58
N ILE A 72 -4.61 -2.24 10.22
CA ILE A 72 -5.26 -3.53 10.07
C ILE A 72 -6.70 -3.40 10.55
N ASN A 73 -7.62 -4.09 9.88
CA ASN A 73 -9.03 -4.10 10.25
C ASN A 73 -9.23 -4.70 11.66
N LYS A 74 -8.93 -5.99 11.80
CA LYS A 74 -9.22 -6.87 12.91
C LYS A 74 -8.73 -8.28 12.55
N ALA A 75 -9.00 -8.73 11.32
CA ALA A 75 -8.62 -10.07 10.85
C ALA A 75 -7.13 -10.21 10.54
N GLY A 76 -6.40 -9.11 10.42
CA GLY A 76 -5.08 -9.14 9.80
C GLY A 76 -5.17 -8.79 8.31
N GLU A 77 -6.32 -8.35 7.81
CA GLU A 77 -6.34 -7.66 6.53
C GLU A 77 -5.87 -6.24 6.79
N LEU A 78 -4.79 -5.85 6.11
CA LEU A 78 -4.31 -4.49 6.09
C LEU A 78 -5.17 -3.81 5.04
N VAL A 79 -6.02 -2.88 5.44
CA VAL A 79 -6.86 -2.14 4.53
C VAL A 79 -6.64 -0.66 4.79
N LEU A 80 -6.16 0.04 3.77
CA LEU A 80 -5.99 1.48 3.78
C LEU A 80 -6.66 2.07 2.55
N THR A 81 -6.84 3.38 2.55
CA THR A 81 -7.39 4.13 1.45
C THR A 81 -6.44 5.29 1.19
N SER A 82 -6.51 5.88 0.00
CA SER A 82 -5.79 7.09 -0.34
C SER A 82 -6.73 7.93 -1.23
N GLU A 83 -6.72 9.26 -1.09
CA GLU A 83 -7.53 10.17 -1.88
C GLU A 83 -6.86 11.54 -1.99
N SER A 84 -6.37 11.89 -3.18
CA SER A 84 -5.94 13.23 -3.57
C SER A 84 -6.34 13.51 -5.02
N SER A 85 -5.93 12.70 -6.00
CA SER A 85 -6.22 13.01 -7.39
C SER A 85 -7.63 12.52 -7.74
N ARG A 86 -8.02 12.71 -9.00
CA ARG A 86 -9.37 12.46 -9.49
C ARG A 86 -9.47 11.21 -10.36
N TYR A 87 -8.34 10.56 -10.64
CA TYR A 87 -8.24 9.28 -11.34
C TYR A 87 -8.52 8.09 -10.41
N GLN A 88 -8.50 6.85 -10.93
CA GLN A 88 -8.49 5.63 -10.12
C GLN A 88 -7.06 5.20 -9.82
N PHE A 89 -6.33 4.66 -10.81
CA PHE A 89 -4.98 4.10 -10.60
C PHE A 89 -4.03 5.12 -9.95
N ARG A 90 -4.24 6.44 -10.08
CA ARG A 90 -3.39 7.44 -9.43
C ARG A 90 -3.48 7.37 -7.89
N ASN A 91 -4.67 7.61 -7.32
CA ASN A 91 -4.89 7.52 -5.87
C ASN A 91 -4.49 6.14 -5.37
N LEU A 92 -4.86 5.13 -6.15
CA LEU A 92 -4.60 3.75 -5.85
C LEU A 92 -3.08 3.49 -5.84
N ALA A 93 -2.31 4.10 -6.73
CA ALA A 93 -0.86 3.99 -6.79
C ALA A 93 -0.22 4.59 -5.53
N GLU A 94 -0.77 5.66 -4.95
CA GLU A 94 -0.30 6.15 -3.66
C GLU A 94 -0.58 5.12 -2.55
N CYS A 95 -1.70 4.39 -2.59
CA CYS A 95 -1.92 3.26 -1.69
C CYS A 95 -0.73 2.28 -1.79
N LEU A 96 -0.30 1.95 -3.01
CA LEU A 96 0.81 1.03 -3.26
C LEU A 96 2.13 1.63 -2.79
N GLN A 97 2.34 2.93 -3.01
CA GLN A 97 3.47 3.68 -2.51
C GLN A 97 3.55 3.59 -0.99
N LYS A 98 2.43 3.74 -0.26
CA LYS A 98 2.50 3.66 1.20
C LYS A 98 2.92 2.25 1.53
N ILE A 99 2.22 1.22 1.02
CA ILE A 99 2.56 -0.18 1.22
C ILE A 99 4.07 -0.43 1.13
N ARG A 100 4.76 0.14 0.13
CA ARG A 100 6.20 0.00 -0.05
C ARG A 100 6.97 0.71 1.04
N ASP A 101 6.58 1.93 1.40
CA ASP A 101 7.21 2.71 2.46
C ASP A 101 7.11 1.96 3.79
N MET A 102 5.92 1.41 4.03
CA MET A 102 5.52 0.67 5.22
C MET A 102 6.31 -0.64 5.31
N ILE A 103 6.78 -1.16 4.18
CA ILE A 103 7.62 -2.36 4.07
C ILE A 103 9.08 -1.97 4.25
N ALA A 104 9.53 -0.86 3.65
CA ALA A 104 10.87 -0.32 3.81
C ALA A 104 11.14 -0.08 5.30
N GLU A 105 10.21 0.61 5.97
CA GLU A 105 10.33 1.01 7.38
C GLU A 105 10.30 -0.22 8.29
N ALA A 106 9.62 -1.28 7.83
CA ALA A 106 9.48 -2.51 8.56
C ALA A 106 10.66 -3.47 8.33
N SER A 107 11.47 -3.23 7.29
CA SER A 107 12.60 -4.07 6.93
C SER A 107 13.87 -3.51 7.58
N GLY A 108 14.02 -2.18 7.60
CA GLY A 108 15.24 -1.50 8.02
C GLY A 108 15.02 0.01 8.11
N PRO A 109 16.11 0.79 8.30
CA PRO A 109 16.03 2.23 8.45
C PRO A 109 15.45 2.87 7.19
N SER A 110 14.64 3.93 7.33
CA SER A 110 13.95 4.57 6.22
C SER A 110 13.42 5.94 6.66
N SER A 111 13.23 6.86 5.71
CA SER A 111 12.63 8.18 5.85
C SER A 111 12.01 8.60 4.52
N GLY A 112 11.51 9.82 4.45
CA GLY A 112 11.15 10.52 3.24
C GLY A 112 11.77 11.91 3.32
N GLY A 1 35.01 -6.85 -25.14
CA GLY A 1 34.41 -6.47 -23.85
C GLY A 1 34.55 -4.97 -23.70
N SER A 2 33.65 -4.33 -22.97
CA SER A 2 33.48 -2.89 -23.00
C SER A 2 33.24 -2.38 -21.58
N SER A 3 33.38 -1.07 -21.38
CA SER A 3 32.94 -0.38 -20.18
C SER A 3 31.40 -0.47 -20.05
N GLY A 4 30.89 0.09 -18.95
CA GLY A 4 29.48 0.13 -18.61
C GLY A 4 28.92 -1.23 -18.22
N SER A 5 27.73 -1.21 -17.63
CA SER A 5 26.76 -2.29 -17.62
C SER A 5 25.39 -1.67 -17.34
N SER A 6 24.33 -2.46 -17.35
CA SER A 6 22.96 -2.01 -17.11
C SER A 6 22.04 -3.16 -16.65
N GLY A 7 22.61 -4.26 -16.14
CA GLY A 7 21.89 -5.49 -15.82
C GLY A 7 22.23 -5.92 -14.40
N GLU A 8 21.62 -5.28 -13.40
CA GLU A 8 21.60 -5.81 -12.04
C GLU A 8 20.63 -7.02 -11.99
N HIS A 9 20.47 -7.66 -10.84
CA HIS A 9 19.69 -8.88 -10.66
C HIS A 9 18.86 -8.70 -9.40
N ALA A 10 17.61 -8.23 -9.53
CA ALA A 10 16.73 -7.92 -8.41
C ALA A 10 16.68 -9.09 -7.43
N LYS A 11 16.96 -8.83 -6.15
CA LYS A 11 17.03 -9.87 -5.11
C LYS A 11 16.40 -9.38 -3.81
N GLN A 12 16.91 -8.25 -3.33
CA GLN A 12 16.65 -7.60 -2.06
C GLN A 12 16.11 -6.22 -2.40
N ALA A 13 15.04 -6.18 -3.21
CA ALA A 13 14.46 -4.94 -3.70
C ALA A 13 13.06 -5.26 -4.23
N SER A 14 12.06 -4.49 -3.81
CA SER A 14 10.66 -4.90 -3.80
C SER A 14 9.73 -3.71 -4.05
N SER A 15 9.86 -3.11 -5.23
CA SER A 15 8.98 -2.05 -5.70
C SER A 15 8.21 -2.49 -6.95
N TYR A 16 7.39 -3.52 -6.80
CA TYR A 16 6.37 -3.90 -7.78
C TYR A 16 4.99 -3.51 -7.24
N ILE A 17 4.59 -4.07 -6.11
CA ILE A 17 3.22 -4.15 -5.59
C ILE A 17 2.24 -4.63 -6.67
N PRO A 18 1.77 -5.88 -6.54
CA PRO A 18 0.72 -6.41 -7.40
C PRO A 18 -0.63 -5.85 -6.98
N LEU A 19 -1.66 -6.18 -7.75
CA LEU A 19 -3.01 -5.71 -7.58
C LEU A 19 -3.96 -6.87 -7.45
N ASP A 20 -3.85 -7.87 -8.31
CA ASP A 20 -4.75 -9.03 -8.29
C ASP A 20 -4.52 -9.90 -7.04
N ARG A 21 -3.31 -9.86 -6.48
CA ARG A 21 -2.97 -10.42 -5.17
C ARG A 21 -3.58 -9.65 -4.01
N LEU A 22 -3.99 -8.39 -4.19
CA LEU A 22 -4.57 -7.58 -3.13
C LEU A 22 -6.08 -7.55 -3.32
N SER A 23 -6.78 -6.76 -2.51
CA SER A 23 -8.19 -6.47 -2.61
C SER A 23 -8.29 -4.96 -2.80
N ILE A 24 -8.16 -4.51 -4.05
CA ILE A 24 -8.41 -3.11 -4.36
C ILE A 24 -9.92 -2.91 -4.39
N SER A 25 -10.37 -1.73 -3.96
CA SER A 25 -11.73 -1.28 -4.15
C SER A 25 -11.69 0.21 -4.42
N TYR A 26 -12.13 0.63 -5.60
CA TYR A 26 -12.44 2.04 -5.78
C TYR A 26 -13.79 2.32 -5.13
N CYS A 27 -14.05 3.60 -4.87
CA CYS A 27 -15.26 4.06 -4.23
C CYS A 27 -15.46 5.53 -4.51
N ARG A 28 -16.42 6.13 -3.81
CA ARG A 28 -16.59 7.57 -3.69
C ARG A 28 -15.73 8.07 -2.53
N SER A 29 -15.84 9.36 -2.24
CA SER A 29 -15.40 9.90 -0.97
C SER A 29 -16.48 10.82 -0.40
N SER A 30 -16.75 11.98 -1.03
CA SER A 30 -17.61 13.03 -0.47
C SER A 30 -17.14 13.52 0.92
N GLY A 31 -17.79 14.58 1.39
CA GLY A 31 -17.70 15.15 2.73
C GLY A 31 -18.90 16.10 2.88
N PRO A 32 -19.20 16.59 4.10
CA PRO A 32 -20.40 17.39 4.36
C PRO A 32 -20.30 18.84 3.85
N GLY A 33 -19.52 19.11 2.80
CA GLY A 33 -19.30 20.44 2.24
C GLY A 33 -18.68 20.40 0.85
N GLY A 34 -17.79 19.45 0.58
CA GLY A 34 -17.17 19.26 -0.73
C GLY A 34 -15.85 20.00 -0.82
N GLN A 35 -14.82 19.29 -1.26
CA GLN A 35 -13.44 19.74 -1.31
C GLN A 35 -12.82 19.19 -2.58
N ASN A 36 -13.00 19.84 -3.73
CA ASN A 36 -12.53 19.40 -5.05
C ASN A 36 -13.41 18.26 -5.58
N VAL A 37 -13.73 17.30 -4.71
CA VAL A 37 -14.72 16.24 -4.76
C VAL A 37 -16.17 16.81 -4.81
N ASN A 38 -16.36 18.06 -5.22
CA ASN A 38 -17.67 18.69 -5.37
C ASN A 38 -18.43 18.01 -6.51
N LYS A 39 -17.86 18.05 -7.72
CA LYS A 39 -18.51 17.65 -8.98
C LYS A 39 -17.96 16.33 -9.52
N VAL A 40 -17.07 15.67 -8.78
CA VAL A 40 -16.48 14.39 -9.13
C VAL A 40 -16.30 13.62 -7.82
N ASN A 41 -16.06 12.30 -7.87
CA ASN A 41 -15.44 11.54 -6.79
C ASN A 41 -14.60 10.42 -7.38
N SER A 42 -13.64 9.93 -6.59
CA SER A 42 -12.91 8.70 -6.81
C SER A 42 -12.20 8.40 -5.49
N LYS A 43 -12.12 7.14 -5.08
CA LYS A 43 -11.32 6.68 -3.94
C LYS A 43 -10.51 5.48 -4.39
N ALA A 44 -9.40 5.18 -3.71
CA ALA A 44 -8.66 3.96 -3.86
C ALA A 44 -8.44 3.38 -2.47
N GLU A 45 -9.13 2.29 -2.17
CA GLU A 45 -8.85 1.45 -1.02
C GLU A 45 -8.04 0.27 -1.51
N VAL A 46 -7.20 -0.26 -0.63
CA VAL A 46 -6.51 -1.51 -0.76
C VAL A 46 -6.64 -2.21 0.58
N ARG A 47 -7.11 -3.46 0.55
CA ARG A 47 -7.04 -4.40 1.65
C ARG A 47 -6.15 -5.54 1.19
N PHE A 48 -5.42 -6.18 2.10
CA PHE A 48 -4.90 -7.52 1.91
C PHE A 48 -4.82 -8.20 3.27
N HIS A 49 -5.07 -9.51 3.34
CA HIS A 49 -4.62 -10.33 4.46
C HIS A 49 -3.11 -10.36 4.50
N LEU A 50 -2.56 -9.53 5.39
CA LEU A 50 -1.14 -9.31 5.58
C LEU A 50 -0.42 -10.63 5.79
N ALA A 51 -0.96 -11.51 6.63
CA ALA A 51 -0.32 -12.76 6.96
C ALA A 51 -0.12 -13.60 5.69
N SER A 52 -1.14 -13.65 4.85
CA SER A 52 -1.16 -14.39 3.61
C SER A 52 -0.69 -13.52 2.44
N ALA A 53 -0.01 -12.40 2.69
CA ALA A 53 0.41 -11.50 1.62
C ALA A 53 1.27 -12.28 0.64
N ASP A 54 2.32 -12.94 1.12
CA ASP A 54 3.19 -13.86 0.37
C ASP A 54 4.10 -13.14 -0.63
N TRP A 55 3.89 -11.84 -0.87
CA TRP A 55 4.81 -10.93 -1.57
C TRP A 55 5.47 -9.93 -0.61
N ILE A 56 5.14 -10.00 0.69
CA ILE A 56 5.86 -9.34 1.79
C ILE A 56 6.81 -10.37 2.42
N GLU A 57 8.00 -9.89 2.86
CA GLU A 57 9.00 -10.59 3.64
C GLU A 57 8.39 -11.07 4.94
N GLU A 58 8.66 -12.31 5.32
CA GLU A 58 8.33 -12.84 6.63
C GLU A 58 8.58 -11.84 7.79
N PRO A 59 9.76 -11.20 7.93
CA PRO A 59 10.01 -10.35 9.09
C PRO A 59 9.27 -9.01 8.98
N VAL A 60 8.93 -8.60 7.77
CA VAL A 60 8.17 -7.39 7.50
C VAL A 60 6.70 -7.66 7.78
N ARG A 61 6.18 -8.87 7.47
CA ARG A 61 4.78 -9.21 7.72
C ARG A 61 4.44 -8.95 9.19
N GLN A 62 5.19 -9.58 10.09
CA GLN A 62 4.94 -9.43 11.52
C GLN A 62 5.21 -8.00 11.99
N LYS A 63 5.99 -7.17 11.26
CA LYS A 63 6.01 -5.75 11.55
C LYS A 63 4.66 -5.14 11.23
N ILE A 64 4.17 -5.08 9.98
CA ILE A 64 2.90 -4.51 9.58
C ILE A 64 1.76 -4.99 10.48
N ALA A 65 1.79 -6.25 10.93
CA ALA A 65 0.81 -6.86 11.82
C ALA A 65 0.64 -6.02 13.10
N LEU A 66 1.75 -5.48 13.57
CA LEU A 66 1.95 -4.69 14.77
C LEU A 66 2.00 -3.22 14.42
N THR A 67 3.02 -2.81 13.67
CA THR A 67 3.39 -1.45 13.37
C THR A 67 2.26 -0.70 12.67
N HIS A 68 1.46 -1.39 11.86
CA HIS A 68 0.33 -0.79 11.16
C HIS A 68 -0.96 -1.46 11.59
N LYS A 69 -1.02 -1.95 12.83
CA LYS A 69 -2.26 -2.46 13.42
C LYS A 69 -3.39 -1.43 13.36
N ASN A 70 -3.05 -0.15 13.38
CA ASN A 70 -4.00 0.94 13.23
C ASN A 70 -4.76 0.86 11.91
N LYS A 71 -4.19 0.24 10.86
CA LYS A 71 -4.83 0.00 9.58
C LYS A 71 -5.49 -1.37 9.51
N ILE A 72 -5.30 -2.23 10.51
CA ILE A 72 -5.90 -3.55 10.51
C ILE A 72 -7.33 -3.43 11.05
N ASN A 73 -8.22 -4.30 10.59
CA ASN A 73 -9.63 -4.27 11.01
C ASN A 73 -9.95 -5.08 12.27
N LYS A 74 -9.10 -6.05 12.65
CA LYS A 74 -9.26 -7.15 13.64
C LYS A 74 -8.78 -8.47 13.04
N ALA A 75 -9.30 -8.80 11.87
CA ALA A 75 -9.06 -10.05 11.13
C ALA A 75 -7.59 -10.24 10.75
N GLY A 76 -6.76 -9.20 10.89
CA GLY A 76 -5.38 -9.24 10.45
C GLY A 76 -5.22 -8.77 9.00
N GLU A 77 -6.32 -8.46 8.31
CA GLU A 77 -6.27 -7.78 7.01
C GLU A 77 -5.93 -6.31 7.26
N LEU A 78 -4.90 -5.85 6.54
CA LEU A 78 -4.45 -4.47 6.50
C LEU A 78 -5.31 -3.78 5.46
N VAL A 79 -6.08 -2.78 5.84
CA VAL A 79 -6.88 -1.99 4.91
C VAL A 79 -6.58 -0.51 5.10
N LEU A 80 -6.17 0.17 4.02
CA LEU A 80 -5.98 1.61 3.99
C LEU A 80 -6.65 2.17 2.74
N THR A 81 -6.95 3.46 2.75
CA THR A 81 -7.45 4.17 1.58
C THR A 81 -6.55 5.38 1.40
N SER A 82 -6.37 5.83 0.17
CA SER A 82 -5.74 7.09 -0.16
C SER A 82 -6.49 7.64 -1.37
N GLU A 83 -6.83 8.92 -1.36
CA GLU A 83 -7.35 9.61 -2.53
C GLU A 83 -7.17 11.11 -2.38
N SER A 84 -7.28 11.80 -3.51
CA SER A 84 -7.45 13.24 -3.63
C SER A 84 -7.86 13.54 -5.08
N SER A 85 -7.40 12.72 -6.03
CA SER A 85 -7.61 12.97 -7.45
C SER A 85 -8.93 12.37 -7.93
N ARG A 86 -9.39 12.80 -9.10
CA ARG A 86 -10.52 12.16 -9.78
C ARG A 86 -10.14 10.85 -10.48
N TYR A 87 -8.84 10.65 -10.75
CA TYR A 87 -8.35 9.57 -11.60
C TYR A 87 -8.63 8.19 -11.00
N GLN A 88 -8.29 7.15 -11.75
CA GLN A 88 -8.40 5.78 -11.28
C GLN A 88 -7.04 5.33 -10.70
N PHE A 89 -6.17 4.65 -11.46
CA PHE A 89 -4.92 4.08 -10.93
C PHE A 89 -4.04 5.14 -10.28
N ARG A 90 -4.10 6.41 -10.69
CA ARG A 90 -3.32 7.49 -10.12
C ARG A 90 -3.49 7.59 -8.60
N ASN A 91 -4.72 7.50 -8.09
CA ASN A 91 -4.99 7.49 -6.64
C ASN A 91 -4.43 6.21 -6.04
N LEU A 92 -4.74 5.08 -6.68
CA LEU A 92 -4.35 3.74 -6.23
C LEU A 92 -2.83 3.65 -6.07
N ALA A 93 -2.07 4.37 -6.90
CA ALA A 93 -0.62 4.47 -6.83
C ALA A 93 -0.15 4.99 -5.47
N GLU A 94 -0.84 5.95 -4.82
CA GLU A 94 -0.47 6.38 -3.48
C GLU A 94 -0.62 5.21 -2.51
N CYS A 95 -1.74 4.50 -2.57
CA CYS A 95 -1.96 3.31 -1.75
C CYS A 95 -0.79 2.34 -1.89
N LEU A 96 -0.41 2.00 -3.13
CA LEU A 96 0.69 1.08 -3.39
C LEU A 96 2.02 1.66 -2.90
N GLN A 97 2.22 2.98 -3.00
CA GLN A 97 3.42 3.59 -2.48
C GLN A 97 3.48 3.43 -0.95
N LYS A 98 2.39 3.69 -0.21
CA LYS A 98 2.52 3.63 1.25
C LYS A 98 2.84 2.21 1.61
N ILE A 99 2.19 1.20 1.01
CA ILE A 99 2.55 -0.19 1.18
C ILE A 99 4.07 -0.41 1.05
N ARG A 100 4.78 0.21 0.09
CA ARG A 100 6.23 0.05 -0.02
C ARG A 100 6.97 0.74 1.13
N ASP A 101 6.51 1.91 1.54
CA ASP A 101 7.10 2.66 2.65
C ASP A 101 6.93 1.89 3.95
N MET A 102 5.70 1.41 4.19
CA MET A 102 5.26 0.55 5.28
C MET A 102 6.08 -0.74 5.34
N ILE A 103 6.67 -1.16 4.22
CA ILE A 103 7.51 -2.35 4.09
C ILE A 103 8.98 -1.96 4.31
N ALA A 104 9.41 -0.79 3.83
CA ALA A 104 10.76 -0.27 4.06
C ALA A 104 10.97 -0.03 5.57
N GLU A 105 10.02 0.65 6.20
CA GLU A 105 10.04 1.05 7.61
C GLU A 105 9.89 -0.16 8.52
N ALA A 106 9.34 -1.24 8.00
CA ALA A 106 9.17 -2.50 8.69
C ALA A 106 10.34 -3.45 8.48
N SER A 107 11.28 -3.14 7.58
CA SER A 107 12.43 -3.97 7.26
C SER A 107 13.65 -3.30 7.92
N GLY A 108 13.93 -2.05 7.54
CA GLY A 108 14.77 -1.12 8.28
C GLY A 108 14.07 -0.61 9.54
N PRO A 109 14.57 0.45 10.19
CA PRO A 109 13.86 1.11 11.28
C PRO A 109 12.62 1.86 10.76
N SER A 110 11.67 2.09 11.67
CA SER A 110 10.57 3.05 11.54
C SER A 110 10.69 4.05 12.69
N SER A 111 10.09 5.22 12.55
CA SER A 111 10.04 6.25 13.58
C SER A 111 8.67 6.94 13.53
N GLY A 112 8.47 7.96 14.36
CA GLY A 112 7.17 8.46 14.75
C GLY A 112 6.67 7.54 15.83
N GLY A 1 14.37 -0.83 2.43
CA GLY A 1 14.34 0.64 2.55
C GLY A 1 15.76 1.14 2.40
N SER A 2 16.57 1.00 3.45
CA SER A 2 18.00 0.76 3.27
C SER A 2 18.18 -0.46 2.36
N SER A 3 19.20 -0.46 1.50
CA SER A 3 19.68 -1.62 0.77
C SER A 3 21.05 -1.29 0.19
N GLY A 4 21.97 -2.25 0.19
CA GLY A 4 23.31 -2.06 -0.39
C GLY A 4 23.33 -2.41 -1.87
N SER A 5 24.47 -2.14 -2.51
CA SER A 5 24.71 -2.38 -3.92
C SER A 5 24.50 -3.84 -4.34
N SER A 6 25.02 -4.78 -3.54
CA SER A 6 25.05 -6.21 -3.82
C SER A 6 25.56 -6.61 -5.22
N GLY A 7 26.29 -5.73 -5.90
CA GLY A 7 26.71 -5.89 -7.28
C GLY A 7 26.42 -4.57 -7.97
N GLU A 8 25.92 -4.63 -9.19
CA GLU A 8 25.36 -3.49 -9.90
C GLU A 8 24.23 -4.06 -10.75
N HIS A 9 22.99 -3.87 -10.30
CA HIS A 9 21.80 -4.34 -10.99
C HIS A 9 20.65 -3.43 -10.57
N ALA A 10 19.67 -3.28 -11.47
CA ALA A 10 18.44 -2.54 -11.23
C ALA A 10 17.31 -3.50 -10.88
N LYS A 11 16.15 -2.94 -10.52
CA LYS A 11 14.91 -3.69 -10.26
C LYS A 11 15.09 -4.74 -9.15
N GLN A 12 16.12 -4.61 -8.32
CA GLN A 12 16.55 -5.60 -7.36
C GLN A 12 15.95 -5.25 -6.00
N ALA A 13 14.64 -4.98 -5.99
CA ALA A 13 13.91 -4.58 -4.80
C ALA A 13 12.42 -4.81 -5.01
N SER A 14 11.66 -4.84 -3.93
CA SER A 14 10.24 -5.17 -3.90
C SER A 14 9.36 -3.99 -4.32
N SER A 15 9.78 -3.25 -5.35
CA SER A 15 9.08 -2.06 -5.83
C SER A 15 7.76 -2.41 -6.53
N TYR A 16 7.56 -3.69 -6.87
CA TYR A 16 6.65 -4.09 -7.94
C TYR A 16 5.17 -4.13 -7.54
N ILE A 17 4.84 -4.36 -6.25
CA ILE A 17 3.50 -4.49 -5.66
C ILE A 17 2.43 -4.99 -6.64
N PRO A 18 2.21 -6.31 -6.72
CA PRO A 18 1.21 -6.90 -7.59
C PRO A 18 -0.17 -6.42 -7.19
N LEU A 19 -1.00 -6.13 -8.18
CA LEU A 19 -2.35 -5.62 -7.97
C LEU A 19 -3.33 -6.76 -7.84
N ASP A 20 -3.26 -7.74 -8.74
CA ASP A 20 -4.15 -8.90 -8.71
C ASP A 20 -4.05 -9.68 -7.39
N ARG A 21 -2.90 -9.66 -6.73
CA ARG A 21 -2.69 -10.27 -5.42
C ARG A 21 -3.47 -9.59 -4.29
N LEU A 22 -3.87 -8.32 -4.43
CA LEU A 22 -4.52 -7.55 -3.37
C LEU A 22 -5.99 -7.36 -3.73
N SER A 23 -6.72 -6.78 -2.79
CA SER A 23 -8.12 -6.39 -2.93
C SER A 23 -8.06 -4.88 -3.14
N ILE A 24 -8.79 -4.33 -4.11
CA ILE A 24 -8.80 -2.90 -4.43
C ILE A 24 -10.25 -2.51 -4.61
N SER A 25 -10.63 -1.38 -4.03
CA SER A 25 -12.00 -0.93 -3.94
C SER A 25 -12.06 0.57 -4.17
N TYR A 26 -12.72 1.02 -5.24
CA TYR A 26 -12.84 2.45 -5.52
C TYR A 26 -14.15 2.98 -4.95
N CYS A 27 -14.08 4.12 -4.27
CA CYS A 27 -15.21 4.79 -3.64
C CYS A 27 -15.26 6.23 -4.12
N ARG A 28 -16.37 6.92 -3.83
CA ARG A 28 -16.48 8.37 -4.05
C ARG A 28 -15.66 9.10 -3.00
N SER A 29 -15.90 8.79 -1.73
CA SER A 29 -15.29 9.34 -0.51
C SER A 29 -15.99 10.62 -0.07
N SER A 30 -16.58 10.58 1.11
CA SER A 30 -17.26 11.71 1.73
C SER A 30 -16.68 11.97 3.14
N GLY A 31 -17.13 13.05 3.75
CA GLY A 31 -17.02 13.36 5.16
C GLY A 31 -18.10 14.40 5.46
N PRO A 32 -18.01 15.11 6.58
CA PRO A 32 -18.79 16.32 6.80
C PRO A 32 -18.26 17.47 5.93
N GLY A 33 -16.95 17.54 5.72
CA GLY A 33 -16.26 18.49 4.87
C GLY A 33 -14.86 17.95 4.66
N GLY A 34 -14.71 16.94 3.80
CA GLY A 34 -13.47 16.19 3.63
C GLY A 34 -12.67 16.80 2.48
N GLN A 35 -11.90 17.85 2.76
CA GLN A 35 -11.14 18.65 1.80
C GLN A 35 -12.07 19.36 0.81
N ASN A 36 -12.63 18.59 -0.12
CA ASN A 36 -13.67 18.99 -1.05
C ASN A 36 -14.42 17.70 -1.41
N VAL A 37 -13.67 16.75 -1.97
CA VAL A 37 -14.08 15.69 -2.86
C VAL A 37 -15.43 16.01 -3.54
N ASN A 38 -15.42 17.13 -4.27
CA ASN A 38 -16.50 17.63 -5.11
C ASN A 38 -16.06 17.55 -6.57
N LYS A 39 -14.83 17.96 -6.86
CA LYS A 39 -14.25 17.97 -8.20
C LYS A 39 -13.20 16.87 -8.37
N VAL A 40 -12.59 16.43 -7.28
CA VAL A 40 -12.17 15.05 -7.14
C VAL A 40 -13.43 14.32 -6.67
N ASN A 41 -13.63 13.09 -7.13
CA ASN A 41 -14.79 12.27 -6.81
C ASN A 41 -14.45 10.79 -6.87
N SER A 42 -13.18 10.45 -6.65
CA SER A 42 -12.55 9.17 -6.89
C SER A 42 -11.60 8.96 -5.73
N LYS A 43 -11.75 7.82 -5.06
CA LYS A 43 -10.95 7.37 -3.91
C LYS A 43 -10.50 5.94 -4.18
N ALA A 44 -9.43 5.47 -3.55
CA ALA A 44 -8.93 4.12 -3.73
C ALA A 44 -8.64 3.54 -2.35
N GLU A 45 -9.27 2.39 -2.05
CA GLU A 45 -8.94 1.53 -0.92
C GLU A 45 -8.16 0.36 -1.48
N VAL A 46 -7.23 -0.17 -0.69
CA VAL A 46 -6.57 -1.45 -0.90
C VAL A 46 -6.69 -2.23 0.40
N ARG A 47 -6.86 -3.54 0.29
CA ARG A 47 -6.93 -4.47 1.41
C ARG A 47 -6.18 -5.75 1.05
N PHE A 48 -5.39 -6.29 1.97
CA PHE A 48 -4.82 -7.62 1.79
C PHE A 48 -4.64 -8.28 3.16
N HIS A 49 -4.92 -9.58 3.27
CA HIS A 49 -4.54 -10.44 4.37
C HIS A 49 -3.01 -10.55 4.40
N LEU A 50 -2.39 -9.56 5.04
CA LEU A 50 -0.96 -9.36 5.23
C LEU A 50 -0.31 -10.65 5.72
N ALA A 51 -0.97 -11.33 6.66
CA ALA A 51 -0.44 -12.53 7.27
C ALA A 51 -0.17 -13.63 6.25
N SER A 52 -0.85 -13.65 5.11
CA SER A 52 -0.65 -14.61 4.03
C SER A 52 -0.04 -13.95 2.78
N ALA A 53 0.48 -12.72 2.85
CA ALA A 53 0.95 -11.99 1.66
C ALA A 53 1.92 -12.84 0.84
N ASP A 54 2.97 -13.38 1.48
CA ASP A 54 4.00 -14.28 0.92
C ASP A 54 5.03 -13.54 0.07
N TRP A 55 4.64 -12.56 -0.72
CA TRP A 55 5.57 -11.64 -1.41
C TRP A 55 6.23 -10.64 -0.44
N ILE A 56 5.80 -10.60 0.82
CA ILE A 56 6.40 -9.81 1.92
C ILE A 56 7.34 -10.71 2.74
N GLU A 57 8.47 -10.15 3.16
CA GLU A 57 9.45 -10.72 4.09
C GLU A 57 8.74 -11.15 5.36
N GLU A 58 9.09 -12.30 5.92
CA GLU A 58 8.61 -12.70 7.23
C GLU A 58 8.81 -11.62 8.31
N PRO A 59 9.97 -10.94 8.41
CA PRO A 59 10.18 -9.98 9.48
C PRO A 59 9.39 -8.69 9.23
N VAL A 60 9.01 -8.42 7.98
CA VAL A 60 8.17 -7.30 7.61
C VAL A 60 6.71 -7.64 7.85
N ARG A 61 6.25 -8.86 7.54
CA ARG A 61 4.87 -9.27 7.79
C ARG A 61 4.53 -8.97 9.24
N GLN A 62 5.31 -9.53 10.16
CA GLN A 62 5.01 -9.40 11.58
C GLN A 62 5.19 -7.95 12.07
N LYS A 63 5.93 -7.08 11.36
CA LYS A 63 5.93 -5.66 11.66
C LYS A 63 4.55 -5.11 11.38
N ILE A 64 4.09 -5.05 10.14
CA ILE A 64 2.80 -4.53 9.70
C ILE A 64 1.62 -5.23 10.39
N ALA A 65 1.80 -6.46 10.92
CA ALA A 65 0.83 -7.12 11.76
C ALA A 65 0.55 -6.34 13.05
N LEU A 66 1.61 -5.78 13.64
CA LEU A 66 1.62 -5.08 14.91
C LEU A 66 1.65 -3.57 14.69
N THR A 67 2.68 -3.07 14.00
CA THR A 67 3.02 -1.65 13.89
C THR A 67 1.93 -0.88 13.14
N HIS A 68 1.20 -1.55 12.26
CA HIS A 68 0.12 -0.97 11.47
C HIS A 68 -1.19 -1.67 11.83
N LYS A 69 -1.32 -2.09 13.10
CA LYS A 69 -2.55 -2.65 13.64
C LYS A 69 -3.75 -1.72 13.48
N ASN A 70 -3.50 -0.42 13.49
CA ASN A 70 -4.51 0.58 13.20
C ASN A 70 -5.14 0.40 11.82
N LYS A 71 -4.30 0.17 10.80
CA LYS A 71 -4.71 -0.09 9.43
C LYS A 71 -5.36 -1.48 9.30
N ILE A 72 -4.94 -2.45 10.12
CA ILE A 72 -5.62 -3.74 10.17
C ILE A 72 -7.09 -3.52 10.55
N ASN A 73 -7.97 -4.37 10.02
CA ASN A 73 -9.32 -4.59 10.53
C ASN A 73 -9.22 -5.25 11.91
N LYS A 74 -9.36 -6.58 12.01
CA LYS A 74 -8.93 -7.35 13.17
C LYS A 74 -8.31 -8.67 12.76
N ALA A 75 -8.68 -9.24 11.60
CA ALA A 75 -8.17 -10.56 11.21
C ALA A 75 -6.73 -10.53 10.72
N GLY A 76 -6.16 -9.35 10.49
CA GLY A 76 -4.87 -9.24 9.82
C GLY A 76 -5.04 -8.96 8.33
N GLU A 77 -6.20 -8.48 7.88
CA GLU A 77 -6.23 -7.76 6.60
C GLU A 77 -5.88 -6.33 6.92
N LEU A 78 -4.76 -5.89 6.34
CA LEU A 78 -4.32 -4.52 6.35
C LEU A 78 -5.23 -3.81 5.36
N VAL A 79 -5.87 -2.72 5.76
CA VAL A 79 -6.68 -1.92 4.86
C VAL A 79 -6.17 -0.48 4.97
N LEU A 80 -5.79 0.14 3.85
CA LEU A 80 -5.52 1.56 3.77
C LEU A 80 -6.26 2.16 2.59
N THR A 81 -6.41 3.48 2.57
CA THR A 81 -6.94 4.20 1.44
C THR A 81 -5.98 5.34 1.12
N SER A 82 -5.85 5.71 -0.15
CA SER A 82 -5.12 6.89 -0.57
C SER A 82 -5.89 7.51 -1.74
N GLU A 83 -5.88 8.83 -1.84
CA GLU A 83 -6.48 9.57 -2.94
C GLU A 83 -5.96 10.99 -2.96
N SER A 84 -6.05 11.65 -4.12
CA SER A 84 -5.70 13.06 -4.31
C SER A 84 -6.29 13.63 -5.61
N SER A 85 -6.72 12.82 -6.59
CA SER A 85 -7.02 13.30 -7.93
C SER A 85 -8.18 12.53 -8.58
N ARG A 86 -8.48 12.91 -9.81
CA ARG A 86 -9.59 12.48 -10.63
C ARG A 86 -9.38 11.18 -11.39
N TYR A 87 -8.14 10.67 -11.49
CA TYR A 87 -7.87 9.39 -12.13
C TYR A 87 -8.30 8.25 -11.21
N GLN A 88 -8.14 7.00 -11.64
CA GLN A 88 -8.43 5.82 -10.85
C GLN A 88 -7.10 5.27 -10.33
N PHE A 89 -6.23 4.78 -11.22
CA PHE A 89 -4.95 4.20 -10.85
C PHE A 89 -4.07 5.20 -10.08
N ARG A 90 -4.13 6.52 -10.33
CA ARG A 90 -3.28 7.48 -9.60
C ARG A 90 -3.51 7.42 -8.09
N ASN A 91 -4.77 7.51 -7.67
CA ASN A 91 -5.15 7.45 -6.25
C ASN A 91 -4.60 6.15 -5.66
N LEU A 92 -4.92 5.07 -6.35
CA LEU A 92 -4.57 3.70 -6.03
C LEU A 92 -3.04 3.52 -5.96
N ALA A 93 -2.28 4.22 -6.81
CA ALA A 93 -0.83 4.13 -6.90
C ALA A 93 -0.14 4.80 -5.70
N GLU A 94 -0.78 5.74 -5.00
CA GLU A 94 -0.28 6.17 -3.71
C GLU A 94 -0.55 5.09 -2.67
N CYS A 95 -1.70 4.40 -2.72
CA CYS A 95 -1.90 3.23 -1.84
C CYS A 95 -0.71 2.28 -1.99
N LEU A 96 -0.31 2.00 -3.25
CA LEU A 96 0.83 1.13 -3.54
C LEU A 96 2.13 1.75 -3.04
N GLN A 97 2.29 3.08 -3.19
CA GLN A 97 3.43 3.81 -2.66
C GLN A 97 3.53 3.56 -1.15
N LYS A 98 2.44 3.67 -0.39
CA LYS A 98 2.55 3.54 1.05
C LYS A 98 2.85 2.10 1.40
N ILE A 99 2.19 1.12 0.77
CA ILE A 99 2.52 -0.28 0.95
C ILE A 99 4.04 -0.49 0.93
N ARG A 100 4.73 0.14 -0.03
CA ARG A 100 6.19 0.09 -0.13
C ARG A 100 6.83 0.81 1.04
N ASP A 101 6.36 2.01 1.39
CA ASP A 101 6.84 2.75 2.56
C ASP A 101 6.78 1.91 3.85
N MET A 102 5.65 1.27 4.08
CA MET A 102 5.35 0.52 5.29
C MET A 102 6.27 -0.70 5.36
N ILE A 103 6.60 -1.28 4.20
CA ILE A 103 7.47 -2.43 4.05
C ILE A 103 8.90 -1.96 4.26
N ALA A 104 9.33 -0.89 3.59
CA ALA A 104 10.64 -0.31 3.73
C ALA A 104 10.94 0.07 5.17
N GLU A 105 9.96 0.61 5.90
CA GLU A 105 10.16 1.08 7.27
C GLU A 105 10.21 -0.06 8.27
N ALA A 106 9.71 -1.22 7.88
CA ALA A 106 9.76 -2.44 8.66
C ALA A 106 11.02 -3.25 8.31
N SER A 107 11.49 -3.11 7.07
CA SER A 107 12.52 -3.96 6.46
C SER A 107 13.93 -3.45 6.79
N GLY A 108 14.03 -2.26 7.36
CA GLY A 108 15.24 -1.62 7.77
C GLY A 108 14.81 -0.48 8.70
N PRO A 109 15.74 0.02 9.49
CA PRO A 109 15.47 1.02 10.50
C PRO A 109 15.15 2.34 9.82
N SER A 110 13.88 2.76 9.87
CA SER A 110 13.44 4.05 9.37
C SER A 110 12.21 4.47 10.19
N SER A 111 12.42 5.31 11.20
CA SER A 111 11.40 6.03 11.94
C SER A 111 12.00 7.40 12.28
N GLY A 112 11.56 8.47 11.61
CA GLY A 112 12.16 9.79 11.77
C GLY A 112 13.41 9.87 10.92
N GLY A 1 24.07 -7.49 13.89
CA GLY A 1 23.48 -6.22 14.29
C GLY A 1 24.46 -5.09 14.11
N SER A 2 24.35 -4.33 13.02
CA SER A 2 25.05 -3.07 12.80
C SER A 2 24.12 -2.17 11.96
N SER A 3 24.35 -0.86 11.93
CA SER A 3 23.49 0.04 11.15
C SER A 3 23.68 -0.10 9.64
N GLY A 4 24.82 -0.65 9.21
CA GLY A 4 25.20 -0.65 7.81
C GLY A 4 25.24 0.78 7.28
N SER A 5 24.85 0.94 6.03
CA SER A 5 24.72 2.22 5.35
C SER A 5 23.81 2.01 4.14
N SER A 6 24.11 1.03 3.29
CA SER A 6 23.32 0.61 2.15
C SER A 6 22.88 1.80 1.27
N GLY A 7 23.86 2.50 0.70
CA GLY A 7 23.71 3.53 -0.33
C GLY A 7 23.97 2.94 -1.72
N GLU A 8 24.33 3.82 -2.68
CA GLU A 8 24.52 3.53 -4.10
C GLU A 8 23.21 3.03 -4.74
N HIS A 9 23.31 2.39 -5.91
CA HIS A 9 22.21 1.73 -6.61
C HIS A 9 22.09 0.27 -6.17
N ALA A 10 21.04 -0.41 -6.63
CA ALA A 10 20.89 -1.86 -6.59
C ALA A 10 20.24 -2.32 -7.90
N LYS A 11 20.27 -3.62 -8.19
CA LYS A 11 19.54 -4.23 -9.30
C LYS A 11 18.03 -4.07 -9.11
N GLN A 12 17.27 -4.19 -10.19
CA GLN A 12 15.83 -4.00 -10.18
C GLN A 12 15.17 -5.15 -9.44
N ALA A 13 14.73 -4.90 -8.22
CA ALA A 13 14.02 -5.86 -7.40
C ALA A 13 13.03 -5.13 -6.49
N SER A 14 12.19 -5.92 -5.82
CA SER A 14 10.95 -5.49 -5.20
C SER A 14 10.20 -4.55 -6.16
N SER A 15 9.52 -3.53 -5.66
CA SER A 15 9.00 -2.42 -6.45
C SER A 15 7.85 -2.79 -7.40
N TYR A 16 7.35 -4.04 -7.39
CA TYR A 16 6.32 -4.48 -8.32
C TYR A 16 4.90 -4.17 -7.82
N ILE A 17 4.61 -4.48 -6.54
CA ILE A 17 3.29 -4.49 -5.89
C ILE A 17 2.17 -5.04 -6.80
N PRO A 18 1.85 -6.34 -6.68
CA PRO A 18 0.94 -7.04 -7.57
C PRO A 18 -0.52 -6.75 -7.21
N LEU A 19 -1.23 -5.98 -8.04
CA LEU A 19 -2.60 -5.58 -7.78
C LEU A 19 -3.52 -6.77 -7.66
N ASP A 20 -3.29 -7.84 -8.43
CA ASP A 20 -4.22 -8.97 -8.43
C ASP A 20 -4.09 -9.85 -7.18
N ARG A 21 -3.00 -9.73 -6.41
CA ARG A 21 -2.84 -10.31 -5.08
C ARG A 21 -3.39 -9.41 -3.97
N LEU A 22 -3.75 -8.17 -4.25
CA LEU A 22 -4.46 -7.29 -3.32
C LEU A 22 -5.96 -7.38 -3.60
N SER A 23 -6.75 -6.61 -2.85
CA SER A 23 -8.18 -6.41 -2.97
C SER A 23 -8.37 -4.90 -3.17
N ILE A 24 -8.60 -4.43 -4.41
CA ILE A 24 -8.71 -3.01 -4.72
C ILE A 24 -10.18 -2.67 -4.85
N SER A 25 -10.58 -1.49 -4.36
CA SER A 25 -11.94 -1.00 -4.57
C SER A 25 -11.97 0.52 -4.71
N TYR A 26 -12.39 1.03 -5.86
CA TYR A 26 -12.63 2.47 -5.99
C TYR A 26 -13.98 2.81 -5.36
N CYS A 27 -14.11 3.99 -4.77
CA CYS A 27 -15.31 4.42 -4.06
C CYS A 27 -15.60 5.90 -4.37
N ARG A 28 -16.68 6.42 -3.79
CA ARG A 28 -17.03 7.84 -3.81
C ARG A 28 -16.03 8.71 -3.07
N SER A 29 -15.40 8.15 -2.02
CA SER A 29 -14.69 8.72 -0.88
C SER A 29 -15.13 7.89 0.33
N SER A 30 -16.02 8.38 1.19
CA SER A 30 -16.48 7.68 2.39
C SER A 30 -18.01 7.58 2.33
N GLY A 31 -18.75 8.56 2.84
CA GLY A 31 -20.19 8.67 2.70
C GLY A 31 -20.56 10.14 2.48
N PRO A 32 -21.65 10.43 1.76
CA PRO A 32 -22.12 11.79 1.58
C PRO A 32 -22.65 12.33 2.91
N GLY A 33 -22.73 13.65 3.02
CA GLY A 33 -23.05 14.34 4.27
C GLY A 33 -22.41 15.71 4.38
N GLY A 34 -22.01 16.31 3.24
CA GLY A 34 -21.37 17.61 3.14
C GLY A 34 -19.97 17.57 3.73
N GLN A 35 -18.95 17.47 2.88
CA GLN A 35 -17.58 17.49 3.36
C GLN A 35 -16.68 18.13 2.30
N ASN A 36 -16.19 17.33 1.35
CA ASN A 36 -15.26 17.74 0.31
C ASN A 36 -15.66 17.09 -1.00
N VAL A 37 -16.11 15.83 -0.93
CA VAL A 37 -16.88 15.06 -1.89
C VAL A 37 -17.80 15.99 -2.70
N ASN A 38 -17.29 16.32 -3.87
CA ASN A 38 -17.95 17.13 -4.88
C ASN A 38 -18.77 16.21 -5.77
N LYS A 39 -18.14 15.44 -6.66
CA LYS A 39 -18.82 14.47 -7.51
C LYS A 39 -17.96 13.22 -7.67
N VAL A 40 -17.07 13.24 -8.67
CA VAL A 40 -16.36 12.08 -9.19
C VAL A 40 -15.48 11.51 -8.07
N ASN A 41 -14.53 12.31 -7.57
CA ASN A 41 -13.66 12.13 -6.40
C ASN A 41 -12.69 10.93 -6.43
N SER A 42 -13.11 9.81 -7.01
CA SER A 42 -12.32 8.63 -7.33
C SER A 42 -11.46 8.10 -6.18
N LYS A 43 -12.09 7.65 -5.10
CA LYS A 43 -11.34 7.11 -3.97
C LYS A 43 -10.75 5.77 -4.36
N ALA A 44 -9.64 5.37 -3.75
CA ALA A 44 -9.05 4.06 -3.95
C ALA A 44 -8.82 3.46 -2.57
N GLU A 45 -9.41 2.30 -2.32
CA GLU A 45 -9.11 1.46 -1.18
C GLU A 45 -8.29 0.29 -1.70
N VAL A 46 -7.43 -0.23 -0.83
CA VAL A 46 -6.69 -1.46 -0.99
C VAL A 46 -6.78 -2.19 0.34
N ARG A 47 -7.18 -3.45 0.30
CA ARG A 47 -7.13 -4.40 1.39
C ARG A 47 -6.20 -5.53 0.97
N PHE A 48 -5.45 -6.11 1.90
CA PHE A 48 -4.83 -7.42 1.72
C PHE A 48 -4.75 -8.10 3.08
N HIS A 49 -5.02 -9.40 3.17
CA HIS A 49 -4.59 -10.26 4.25
C HIS A 49 -3.07 -10.26 4.30
N LEU A 50 -2.54 -9.51 5.27
CA LEU A 50 -1.12 -9.33 5.50
C LEU A 50 -0.47 -10.69 5.74
N ALA A 51 -1.11 -11.58 6.50
CA ALA A 51 -0.54 -12.90 6.77
C ALA A 51 -0.41 -13.72 5.49
N SER A 52 -1.34 -13.56 4.54
CA SER A 52 -1.30 -14.21 3.23
C SER A 52 -0.24 -13.60 2.30
N ALA A 53 0.36 -12.46 2.63
CA ALA A 53 1.23 -11.73 1.72
C ALA A 53 2.62 -12.38 1.66
N ASP A 54 2.75 -13.51 0.96
CA ASP A 54 4.04 -14.20 0.71
C ASP A 54 5.05 -13.29 0.01
N TRP A 55 4.57 -12.29 -0.73
CA TRP A 55 5.36 -11.30 -1.43
C TRP A 55 5.99 -10.29 -0.46
N ILE A 56 5.60 -10.31 0.82
CA ILE A 56 6.24 -9.63 1.93
C ILE A 56 7.13 -10.65 2.63
N GLU A 57 8.25 -10.13 3.09
CA GLU A 57 9.27 -10.81 3.87
C GLU A 57 8.67 -11.17 5.22
N GLU A 58 8.95 -12.36 5.71
CA GLU A 58 8.61 -12.76 7.07
C GLU A 58 8.90 -11.70 8.14
N PRO A 59 10.08 -11.03 8.17
CA PRO A 59 10.36 -10.06 9.21
C PRO A 59 9.53 -8.78 9.06
N VAL A 60 8.98 -8.54 7.87
CA VAL A 60 8.20 -7.38 7.52
C VAL A 60 6.71 -7.68 7.79
N ARG A 61 6.23 -8.90 7.50
CA ARG A 61 4.83 -9.29 7.74
C ARG A 61 4.46 -8.96 9.18
N GLN A 62 5.20 -9.54 10.12
CA GLN A 62 4.93 -9.38 11.54
C GLN A 62 5.09 -7.92 11.96
N LYS A 63 5.94 -7.13 11.30
CA LYS A 63 6.08 -5.73 11.61
C LYS A 63 4.76 -5.03 11.37
N ILE A 64 4.24 -4.98 10.14
CA ILE A 64 2.95 -4.41 9.76
C ILE A 64 1.84 -4.93 10.68
N ALA A 65 1.94 -6.18 11.14
CA ALA A 65 0.96 -6.82 12.01
C ALA A 65 0.85 -6.10 13.36
N LEU A 66 1.96 -5.51 13.82
CA LEU A 66 2.13 -4.75 15.04
C LEU A 66 2.14 -3.25 14.79
N THR A 67 3.08 -2.79 13.97
CA THR A 67 3.43 -1.40 13.74
C THR A 67 2.25 -0.65 13.13
N HIS A 68 1.51 -1.33 12.25
CA HIS A 68 0.32 -0.80 11.59
C HIS A 68 -0.89 -1.64 11.99
N LYS A 69 -0.91 -2.18 13.21
CA LYS A 69 -2.08 -2.83 13.76
C LYS A 69 -3.31 -1.94 13.69
N ASN A 70 -3.16 -0.63 13.90
CA ASN A 70 -4.27 0.32 13.77
C ASN A 70 -4.81 0.39 12.35
N LYS A 71 -4.06 -0.10 11.36
CA LYS A 71 -4.43 -0.15 9.94
C LYS A 71 -5.08 -1.47 9.60
N ILE A 72 -4.68 -2.54 10.28
CA ILE A 72 -5.39 -3.82 10.19
C ILE A 72 -6.77 -3.59 10.81
N ASN A 73 -7.80 -4.22 10.25
CA ASN A 73 -9.16 -4.14 10.80
C ASN A 73 -9.24 -4.88 12.14
N LYS A 74 -9.09 -6.19 12.12
CA LYS A 74 -9.18 -7.12 13.23
C LYS A 74 -8.64 -8.47 12.74
N ALA A 75 -9.09 -8.90 11.56
CA ALA A 75 -8.82 -10.22 10.99
C ALA A 75 -7.39 -10.41 10.49
N GLY A 76 -6.54 -9.39 10.56
CA GLY A 76 -5.20 -9.41 10.00
C GLY A 76 -5.17 -8.88 8.56
N GLU A 77 -6.31 -8.46 8.00
CA GLU A 77 -6.33 -7.76 6.72
C GLU A 77 -6.01 -6.28 6.98
N LEU A 78 -4.95 -5.81 6.32
CA LEU A 78 -4.50 -4.44 6.28
C LEU A 78 -5.38 -3.76 5.25
N VAL A 79 -6.11 -2.73 5.64
CA VAL A 79 -6.90 -1.93 4.71
C VAL A 79 -6.49 -0.48 4.93
N LEU A 80 -6.09 0.21 3.86
CA LEU A 80 -5.90 1.65 3.85
C LEU A 80 -6.58 2.21 2.60
N THR A 81 -6.81 3.52 2.57
CA THR A 81 -7.35 4.23 1.43
C THR A 81 -6.39 5.38 1.12
N SER A 82 -6.38 5.84 -0.11
CA SER A 82 -5.66 7.02 -0.52
C SER A 82 -6.53 7.73 -1.56
N GLU A 83 -7.03 8.94 -1.30
CA GLU A 83 -7.82 9.65 -2.30
C GLU A 83 -7.56 11.15 -2.27
N SER A 84 -7.01 11.64 -3.37
CA SER A 84 -6.58 13.03 -3.52
C SER A 84 -6.58 13.47 -4.99
N SER A 85 -7.12 12.70 -5.94
CA SER A 85 -7.16 13.12 -7.35
C SER A 85 -8.37 12.54 -8.08
N ARG A 86 -8.61 12.95 -9.33
CA ARG A 86 -9.74 12.46 -10.11
C ARG A 86 -9.50 11.12 -10.79
N TYR A 87 -8.25 10.62 -10.85
CA TYR A 87 -7.89 9.44 -11.64
C TYR A 87 -8.31 8.13 -10.93
N GLN A 88 -8.04 6.96 -11.52
CA GLN A 88 -8.20 5.68 -10.83
C GLN A 88 -6.84 5.26 -10.30
N PHE A 89 -5.95 4.81 -11.20
CA PHE A 89 -4.64 4.28 -10.85
C PHE A 89 -3.78 5.31 -10.09
N ARG A 90 -3.96 6.63 -10.26
CA ARG A 90 -3.19 7.62 -9.49
C ARG A 90 -3.42 7.47 -7.99
N ASN A 91 -4.69 7.49 -7.59
CA ASN A 91 -5.09 7.41 -6.19
C ASN A 91 -4.63 6.09 -5.63
N LEU A 92 -4.90 5.03 -6.40
CA LEU A 92 -4.54 3.66 -6.10
C LEU A 92 -3.03 3.51 -5.94
N ALA A 93 -2.23 4.16 -6.78
CA ALA A 93 -0.76 4.13 -6.76
C ALA A 93 -0.20 4.70 -5.47
N GLU A 94 -0.86 5.69 -4.84
CA GLU A 94 -0.45 6.16 -3.54
C GLU A 94 -0.65 5.07 -2.49
N CYS A 95 -1.74 4.32 -2.55
CA CYS A 95 -1.96 3.17 -1.67
C CYS A 95 -0.77 2.22 -1.79
N LEU A 96 -0.37 1.90 -3.03
CA LEU A 96 0.77 1.03 -3.31
C LEU A 96 2.09 1.67 -2.87
N GLN A 97 2.19 3.00 -2.90
CA GLN A 97 3.37 3.73 -2.46
C GLN A 97 3.51 3.61 -0.96
N LYS A 98 2.42 3.75 -0.20
CA LYS A 98 2.50 3.62 1.24
C LYS A 98 2.89 2.19 1.52
N ILE A 99 2.24 1.20 0.89
CA ILE A 99 2.61 -0.19 1.01
C ILE A 99 4.13 -0.39 0.93
N ARG A 100 4.83 0.20 -0.05
CA ARG A 100 6.27 0.08 -0.19
C ARG A 100 6.95 0.63 1.05
N ASP A 101 6.56 1.83 1.48
CA ASP A 101 7.14 2.52 2.62
C ASP A 101 6.92 1.75 3.92
N MET A 102 5.69 1.32 4.16
CA MET A 102 5.27 0.52 5.32
C MET A 102 6.08 -0.78 5.38
N ILE A 103 6.52 -1.31 4.23
CA ILE A 103 7.37 -2.49 4.11
C ILE A 103 8.83 -2.11 4.33
N ALA A 104 9.28 -0.97 3.80
CA ALA A 104 10.64 -0.50 3.88
C ALA A 104 11.04 -0.25 5.33
N GLU A 105 10.21 0.50 6.06
CA GLU A 105 10.45 0.85 7.46
C GLU A 105 10.36 -0.39 8.37
N ALA A 106 9.69 -1.44 7.89
CA ALA A 106 9.55 -2.72 8.54
C ALA A 106 10.69 -3.69 8.17
N SER A 107 11.50 -3.36 7.17
CA SER A 107 12.61 -4.15 6.67
C SER A 107 13.96 -3.43 6.91
N GLY A 108 13.93 -2.26 7.55
CA GLY A 108 15.04 -1.35 7.67
C GLY A 108 14.89 -0.59 8.98
N PRO A 109 15.49 0.60 9.09
CA PRO A 109 15.43 1.43 10.27
C PRO A 109 14.01 1.97 10.47
N SER A 110 13.35 1.54 11.56
CA SER A 110 11.97 1.91 11.91
C SER A 110 11.77 3.42 11.98
N SER A 111 12.81 4.15 12.37
CA SER A 111 12.98 5.58 12.18
C SER A 111 14.33 5.69 11.48
N GLY A 112 14.38 6.09 10.22
CA GLY A 112 15.61 6.13 9.45
C GLY A 112 15.44 7.03 8.24
N GLY A 1 13.21 27.69 -8.24
CA GLY A 1 12.05 27.01 -8.83
C GLY A 1 12.47 25.83 -9.67
N SER A 2 11.56 24.88 -9.86
CA SER A 2 11.85 23.61 -10.53
C SER A 2 10.69 23.19 -11.43
N SER A 3 10.97 22.39 -12.44
CA SER A 3 9.99 21.67 -13.25
C SER A 3 10.70 20.45 -13.85
N GLY A 4 10.10 19.82 -14.86
CA GLY A 4 10.59 18.57 -15.42
C GLY A 4 10.31 17.47 -14.41
N SER A 5 11.31 17.08 -13.62
CA SER A 5 11.24 16.04 -12.58
C SER A 5 10.44 14.81 -13.03
N SER A 6 10.67 14.32 -14.25
CA SER A 6 9.84 13.29 -14.86
C SER A 6 10.67 12.23 -15.59
N GLY A 7 9.98 11.15 -15.93
CA GLY A 7 10.51 9.82 -16.13
C GLY A 7 9.50 8.87 -15.49
N GLU A 8 9.68 7.59 -15.71
CA GLU A 8 9.00 6.51 -15.04
C GLU A 8 9.81 5.26 -15.32
N HIS A 9 10.43 4.65 -14.30
CA HIS A 9 11.31 3.53 -14.57
C HIS A 9 11.16 2.39 -13.57
N ALA A 10 11.59 1.21 -14.01
CA ALA A 10 11.81 0.06 -13.16
C ALA A 10 12.79 0.42 -12.04
N LYS A 11 12.82 -0.41 -11.00
CA LYS A 11 13.81 -0.38 -9.94
C LYS A 11 14.47 -1.74 -9.90
N GLN A 12 15.71 -1.83 -9.44
CA GLN A 12 16.38 -3.12 -9.37
C GLN A 12 15.82 -3.91 -8.18
N ALA A 13 14.80 -4.73 -8.47
CA ALA A 13 13.94 -5.47 -7.54
C ALA A 13 13.05 -4.55 -6.70
N SER A 14 12.14 -5.18 -5.94
CA SER A 14 11.04 -4.54 -5.22
C SER A 14 10.21 -3.62 -6.15
N SER A 15 9.41 -2.72 -5.60
CA SER A 15 8.58 -1.75 -6.32
C SER A 15 7.45 -2.34 -7.18
N TYR A 16 7.30 -3.66 -7.30
CA TYR A 16 6.42 -4.33 -8.26
C TYR A 16 4.96 -4.43 -7.82
N ILE A 17 4.68 -4.33 -6.51
CA ILE A 17 3.40 -4.49 -5.80
C ILE A 17 2.28 -5.11 -6.67
N PRO A 18 2.03 -6.42 -6.52
CA PRO A 18 1.10 -7.18 -7.34
C PRO A 18 -0.34 -6.86 -6.91
N LEU A 19 -0.98 -5.90 -7.60
CA LEU A 19 -2.36 -5.49 -7.32
C LEU A 19 -3.30 -6.69 -7.20
N ASP A 20 -3.15 -7.69 -8.07
CA ASP A 20 -4.04 -8.85 -8.11
C ASP A 20 -3.92 -9.71 -6.84
N ARG A 21 -2.75 -9.75 -6.19
CA ARG A 21 -2.58 -10.42 -4.91
C ARG A 21 -3.30 -9.66 -3.78
N LEU A 22 -3.82 -8.46 -4.04
CA LEU A 22 -4.51 -7.62 -3.07
C LEU A 22 -6.02 -7.63 -3.38
N SER A 23 -6.79 -6.75 -2.75
CA SER A 23 -8.23 -6.58 -2.87
C SER A 23 -8.55 -5.09 -3.01
N ILE A 24 -8.49 -4.53 -4.23
CA ILE A 24 -8.64 -3.09 -4.51
C ILE A 24 -10.14 -2.76 -4.47
N SER A 25 -10.49 -1.50 -4.16
CA SER A 25 -11.87 -1.03 -4.11
C SER A 25 -11.89 0.49 -4.37
N TYR A 26 -12.91 1.00 -5.08
CA TYR A 26 -13.14 2.45 -5.23
C TYR A 26 -14.56 2.86 -4.76
N CYS A 27 -14.63 3.44 -3.56
CA CYS A 27 -15.81 4.04 -2.90
C CYS A 27 -15.94 5.53 -3.26
N ARG A 28 -16.82 6.25 -2.54
CA ARG A 28 -16.91 7.71 -2.55
C ARG A 28 -15.62 8.34 -2.03
N SER A 29 -15.35 8.24 -0.73
CA SER A 29 -14.22 8.86 -0.04
C SER A 29 -14.07 8.24 1.35
N SER A 30 -13.03 8.57 2.11
CA SER A 30 -13.09 8.39 3.56
C SER A 30 -13.79 9.63 4.15
N GLY A 31 -14.33 9.50 5.37
CA GLY A 31 -15.07 10.53 6.08
C GLY A 31 -16.34 11.04 5.36
N PRO A 32 -17.18 11.83 6.03
CA PRO A 32 -18.28 12.58 5.44
C PRO A 32 -17.88 14.04 5.18
N GLY A 33 -17.09 14.28 4.14
CA GLY A 33 -16.50 15.60 3.88
C GLY A 33 -15.11 15.62 4.52
N GLY A 34 -14.16 14.97 3.86
CA GLY A 34 -12.76 14.87 4.23
C GLY A 34 -11.93 15.75 3.32
N GLN A 35 -11.44 15.16 2.23
CA GLN A 35 -10.54 15.82 1.28
C GLN A 35 -11.26 17.00 0.62
N ASN A 36 -12.15 16.73 -0.34
CA ASN A 36 -12.90 17.70 -1.14
C ASN A 36 -14.10 16.99 -1.75
N VAL A 37 -13.81 16.06 -2.68
CA VAL A 37 -14.74 15.10 -3.26
C VAL A 37 -15.97 15.83 -3.86
N ASN A 38 -15.78 17.07 -4.34
CA ASN A 38 -16.79 18.13 -4.55
C ASN A 38 -18.11 17.56 -5.05
N LYS A 39 -18.11 17.17 -6.34
CA LYS A 39 -19.14 16.34 -6.95
C LYS A 39 -18.60 14.93 -7.21
N VAL A 40 -17.27 14.77 -7.18
CA VAL A 40 -16.58 13.71 -7.86
C VAL A 40 -16.10 12.73 -6.80
N ASN A 41 -16.32 11.46 -7.05
CA ASN A 41 -16.36 10.39 -6.08
C ASN A 41 -15.41 9.29 -6.51
N SER A 42 -14.18 9.34 -6.00
CA SER A 42 -13.07 8.53 -6.46
C SER A 42 -12.17 8.23 -5.26
N LYS A 43 -12.66 7.43 -4.31
CA LYS A 43 -11.77 6.85 -3.31
C LYS A 43 -10.90 5.84 -4.02
N ALA A 44 -9.75 5.54 -3.46
CA ALA A 44 -9.06 4.31 -3.76
C ALA A 44 -8.75 3.69 -2.42
N GLU A 45 -9.03 2.41 -2.30
CA GLU A 45 -8.74 1.55 -1.17
C GLU A 45 -8.05 0.33 -1.75
N VAL A 46 -7.26 -0.31 -0.91
CA VAL A 46 -6.92 -1.69 -1.07
C VAL A 46 -6.99 -2.33 0.31
N ARG A 47 -7.19 -3.64 0.30
CA ARG A 47 -7.10 -4.53 1.45
C ARG A 47 -6.23 -5.71 1.01
N PHE A 48 -5.47 -6.32 1.90
CA PHE A 48 -4.85 -7.61 1.66
C PHE A 48 -4.73 -8.36 2.99
N HIS A 49 -5.02 -9.66 3.03
CA HIS A 49 -4.66 -10.55 4.13
C HIS A 49 -3.14 -10.62 4.26
N LEU A 50 -2.61 -9.70 5.05
CA LEU A 50 -1.20 -9.43 5.29
C LEU A 50 -0.47 -10.72 5.65
N ALA A 51 -1.10 -11.56 6.48
CA ALA A 51 -0.48 -12.78 6.97
C ALA A 51 -0.12 -13.70 5.79
N SER A 52 -0.91 -13.71 4.72
CA SER A 52 -0.66 -14.45 3.50
C SER A 52 -0.44 -13.47 2.33
N ALA A 53 0.17 -12.31 2.60
CA ALA A 53 0.64 -11.44 1.52
C ALA A 53 1.60 -12.25 0.66
N ASP A 54 2.62 -12.84 1.29
CA ASP A 54 3.54 -13.84 0.73
C ASP A 54 4.56 -13.27 -0.25
N TRP A 55 4.24 -12.16 -0.93
CA TRP A 55 5.23 -11.27 -1.54
C TRP A 55 5.94 -10.41 -0.48
N ILE A 56 5.47 -10.38 0.78
CA ILE A 56 6.13 -9.70 1.91
C ILE A 56 6.84 -10.76 2.75
N GLU A 57 8.07 -10.42 3.13
CA GLU A 57 8.95 -11.12 4.05
C GLU A 57 8.29 -11.35 5.40
N GLU A 58 8.59 -12.46 6.07
CA GLU A 58 8.24 -12.68 7.46
C GLU A 58 8.48 -11.47 8.35
N PRO A 59 9.70 -10.93 8.42
CA PRO A 59 9.98 -10.00 9.50
C PRO A 59 9.23 -8.69 9.25
N VAL A 60 8.93 -8.41 7.98
CA VAL A 60 8.20 -7.25 7.54
C VAL A 60 6.71 -7.50 7.80
N ARG A 61 6.16 -8.67 7.43
CA ARG A 61 4.76 -9.04 7.69
C ARG A 61 4.45 -8.82 9.15
N GLN A 62 5.26 -9.41 10.03
CA GLN A 62 4.99 -9.35 11.46
C GLN A 62 5.32 -7.97 12.06
N LYS A 63 6.05 -7.08 11.35
CA LYS A 63 6.06 -5.68 11.71
C LYS A 63 4.67 -5.13 11.44
N ILE A 64 4.21 -5.02 10.19
CA ILE A 64 2.88 -4.55 9.79
C ILE A 64 1.77 -5.12 10.68
N ALA A 65 1.84 -6.40 11.08
CA ALA A 65 0.87 -7.07 11.95
C ALA A 65 0.64 -6.28 13.25
N LEU A 66 1.73 -5.73 13.77
CA LEU A 66 1.84 -5.01 15.02
C LEU A 66 1.88 -3.50 14.80
N THR A 67 2.85 -3.03 14.02
CA THR A 67 3.21 -1.64 13.80
C THR A 67 2.06 -0.91 13.11
N HIS A 68 1.36 -1.60 12.21
CA HIS A 68 0.25 -1.06 11.43
C HIS A 68 -1.06 -1.73 11.89
N LYS A 69 -1.13 -2.18 13.15
CA LYS A 69 -2.33 -2.84 13.66
C LYS A 69 -3.57 -1.95 13.56
N ASN A 70 -3.45 -0.64 13.75
CA ASN A 70 -4.54 0.30 13.57
C ASN A 70 -5.05 0.36 12.12
N LYS A 71 -4.21 -0.08 11.17
CA LYS A 71 -4.55 -0.22 9.77
C LYS A 71 -5.16 -1.58 9.43
N ILE A 72 -4.95 -2.58 10.28
CA ILE A 72 -5.55 -3.88 10.07
C ILE A 72 -7.00 -3.79 10.54
N ASN A 73 -7.86 -4.63 9.99
CA ASN A 73 -9.20 -4.90 10.51
C ASN A 73 -9.11 -5.85 11.72
N LYS A 74 -10.03 -6.82 11.86
CA LYS A 74 -10.06 -7.82 12.93
C LYS A 74 -9.83 -9.24 12.38
N ALA A 75 -9.34 -9.33 11.15
CA ALA A 75 -9.03 -10.55 10.42
C ALA A 75 -7.58 -10.55 9.94
N GLY A 76 -6.72 -9.62 10.39
CA GLY A 76 -5.33 -9.64 9.95
C GLY A 76 -5.19 -9.21 8.49
N GLU A 77 -6.25 -8.62 7.93
CA GLU A 77 -6.19 -7.97 6.64
C GLU A 77 -5.80 -6.52 6.88
N LEU A 78 -4.73 -6.07 6.23
CA LEU A 78 -4.30 -4.69 6.21
C LEU A 78 -5.25 -3.99 5.27
N VAL A 79 -5.81 -2.86 5.67
CA VAL A 79 -6.62 -2.01 4.81
C VAL A 79 -6.01 -0.61 4.89
N LEU A 80 -6.01 0.13 3.79
CA LEU A 80 -5.76 1.56 3.79
C LEU A 80 -6.54 2.19 2.64
N THR A 81 -6.75 3.49 2.70
CA THR A 81 -7.37 4.23 1.61
C THR A 81 -6.48 5.45 1.34
N SER A 82 -6.42 5.87 0.08
CA SER A 82 -5.56 6.94 -0.37
C SER A 82 -6.32 7.71 -1.44
N GLU A 83 -6.72 8.96 -1.17
CA GLU A 83 -7.46 9.77 -2.12
C GLU A 83 -6.88 11.17 -2.10
N SER A 84 -6.73 11.78 -3.26
CA SER A 84 -6.17 13.11 -3.37
C SER A 84 -6.68 13.84 -4.61
N SER A 85 -7.22 13.14 -5.62
CA SER A 85 -7.50 13.73 -6.92
C SER A 85 -8.90 13.32 -7.38
N ARG A 86 -9.06 12.81 -8.60
CA ARG A 86 -10.29 12.16 -9.07
C ARG A 86 -9.99 11.01 -10.03
N TYR A 87 -8.72 10.67 -10.22
CA TYR A 87 -8.26 9.60 -11.10
C TYR A 87 -8.57 8.25 -10.44
N GLN A 88 -8.07 7.14 -10.99
CA GLN A 88 -8.27 5.82 -10.42
C GLN A 88 -6.90 5.27 -10.04
N PHE A 89 -6.14 4.66 -10.98
CA PHE A 89 -4.79 4.17 -10.70
C PHE A 89 -3.91 5.23 -10.03
N ARG A 90 -4.02 6.54 -10.32
CA ARG A 90 -3.20 7.54 -9.60
C ARG A 90 -3.43 7.49 -8.09
N ASN A 91 -4.69 7.60 -7.67
CA ASN A 91 -5.06 7.62 -6.25
C ASN A 91 -4.63 6.31 -5.60
N LEU A 92 -4.95 5.21 -6.29
CA LEU A 92 -4.62 3.84 -5.94
C LEU A 92 -3.10 3.63 -5.91
N ALA A 93 -2.31 4.36 -6.69
CA ALA A 93 -0.85 4.28 -6.72
C ALA A 93 -0.27 4.81 -5.42
N GLU A 94 -0.92 5.78 -4.77
CA GLU A 94 -0.52 6.18 -3.43
C GLU A 94 -0.69 5.00 -2.45
N CYS A 95 -1.69 4.14 -2.63
CA CYS A 95 -1.85 2.92 -1.83
C CYS A 95 -0.54 2.13 -1.93
N LEU A 96 -0.08 1.89 -3.16
CA LEU A 96 1.13 1.15 -3.47
C LEU A 96 2.35 1.87 -2.93
N GLN A 97 2.38 3.19 -3.02
CA GLN A 97 3.45 3.99 -2.47
C GLN A 97 3.56 3.72 -0.98
N LYS A 98 2.46 3.78 -0.22
CA LYS A 98 2.59 3.55 1.21
C LYS A 98 2.99 2.11 1.38
N ILE A 99 2.33 1.14 0.76
CA ILE A 99 2.70 -0.27 0.89
C ILE A 99 4.21 -0.49 0.78
N ARG A 100 4.88 0.09 -0.22
CA ARG A 100 6.34 -0.02 -0.36
C ARG A 100 7.03 0.64 0.81
N ASP A 101 6.61 1.86 1.18
CA ASP A 101 7.20 2.60 2.29
C ASP A 101 7.03 1.87 3.62
N MET A 102 5.84 1.35 3.89
CA MET A 102 5.43 0.56 5.03
C MET A 102 6.24 -0.72 5.13
N ILE A 103 6.73 -1.24 3.99
CA ILE A 103 7.57 -2.42 3.91
C ILE A 103 9.01 -2.01 4.18
N ALA A 104 9.48 -0.93 3.59
CA ALA A 104 10.80 -0.36 3.85
C ALA A 104 10.93 -0.02 5.34
N GLU A 105 9.94 0.65 5.91
CA GLU A 105 9.97 1.12 7.29
C GLU A 105 9.91 -0.05 8.28
N ALA A 106 9.30 -1.16 7.86
CA ALA A 106 9.19 -2.42 8.58
C ALA A 106 10.33 -3.40 8.28
N SER A 107 11.25 -3.01 7.40
CA SER A 107 12.43 -3.76 7.03
C SER A 107 13.64 -3.10 7.68
N GLY A 108 13.63 -1.77 7.80
CA GLY A 108 14.71 -0.93 8.28
C GLY A 108 14.50 -0.45 9.72
N PRO A 109 15.32 0.50 10.19
CA PRO A 109 15.41 0.90 11.58
C PRO A 109 14.19 1.70 12.08
N SER A 110 13.13 1.02 12.52
CA SER A 110 11.93 1.59 13.13
C SER A 110 12.27 2.42 14.38
N SER A 111 12.39 1.78 15.55
CA SER A 111 12.64 2.44 16.82
C SER A 111 14.14 2.61 17.04
N GLY A 112 14.50 3.59 17.86
CA GLY A 112 15.77 4.27 17.83
C GLY A 112 15.47 5.68 17.33
N GLY A 1 27.40 18.44 -29.38
CA GLY A 1 27.02 17.05 -29.07
C GLY A 1 25.85 17.04 -28.09
N SER A 2 25.38 15.86 -27.68
CA SER A 2 24.43 15.70 -26.59
C SER A 2 24.73 14.34 -25.94
N SER A 3 24.20 14.09 -24.75
CA SER A 3 24.27 12.84 -24.00
C SER A 3 23.25 12.92 -22.86
N GLY A 4 22.98 11.81 -22.16
CA GLY A 4 22.16 11.77 -20.97
C GLY A 4 21.01 10.80 -21.14
N SER A 5 20.97 9.72 -20.34
CA SER A 5 19.91 8.74 -20.30
C SER A 5 19.99 8.03 -18.94
N SER A 6 19.00 8.26 -18.05
CA SER A 6 19.00 7.79 -16.67
C SER A 6 17.66 7.12 -16.35
N GLY A 7 17.32 6.04 -17.05
CA GLY A 7 16.17 5.17 -16.77
C GLY A 7 16.64 3.96 -15.96
N GLU A 8 15.98 3.70 -14.83
CA GLU A 8 16.31 2.69 -13.81
C GLU A 8 17.81 2.47 -13.64
N HIS A 9 18.44 3.37 -12.87
CA HIS A 9 19.87 3.32 -12.56
C HIS A 9 20.15 2.18 -11.59
N ALA A 10 20.27 0.95 -12.10
CA ALA A 10 20.41 -0.31 -11.37
C ALA A 10 19.45 -0.38 -10.17
N LYS A 11 18.18 -0.63 -10.47
CA LYS A 11 17.08 -0.74 -9.51
C LYS A 11 17.37 -1.82 -8.47
N GLN A 12 16.76 -1.69 -7.29
CA GLN A 12 16.72 -2.72 -6.28
C GLN A 12 15.37 -2.74 -5.55
N ALA A 13 15.16 -3.81 -4.79
CA ALA A 13 14.08 -4.07 -3.84
C ALA A 13 12.64 -4.00 -4.40
N SER A 14 11.70 -4.35 -3.51
CA SER A 14 10.29 -4.59 -3.75
C SER A 14 9.57 -3.35 -4.25
N SER A 15 9.60 -3.15 -5.56
CA SER A 15 9.09 -1.96 -6.23
C SER A 15 7.93 -2.29 -7.17
N TYR A 16 7.59 -3.57 -7.34
CA TYR A 16 6.48 -4.07 -8.12
C TYR A 16 5.15 -3.67 -7.44
N ILE A 17 4.79 -4.35 -6.35
CA ILE A 17 3.46 -4.43 -5.74
C ILE A 17 2.43 -5.01 -6.73
N PRO A 18 2.06 -6.29 -6.54
CA PRO A 18 1.19 -7.03 -7.43
C PRO A 18 -0.28 -6.69 -7.18
N LEU A 19 -0.87 -5.86 -8.04
CA LEU A 19 -2.26 -5.47 -7.92
C LEU A 19 -3.19 -6.69 -7.86
N ASP A 20 -2.87 -7.75 -8.59
CA ASP A 20 -3.71 -8.96 -8.62
C ASP A 20 -3.63 -9.81 -7.34
N ARG A 21 -2.69 -9.53 -6.42
CA ARG A 21 -2.71 -10.17 -5.10
C ARG A 21 -3.55 -9.36 -4.11
N LEU A 22 -3.86 -8.09 -4.39
CA LEU A 22 -4.56 -7.24 -3.43
C LEU A 22 -6.05 -7.19 -3.76
N SER A 23 -6.82 -6.54 -2.90
CA SER A 23 -8.24 -6.31 -3.04
C SER A 23 -8.41 -4.81 -3.24
N ILE A 24 -8.30 -4.37 -4.49
CA ILE A 24 -8.51 -2.99 -4.91
C ILE A 24 -10.01 -2.76 -4.93
N SER A 25 -10.42 -1.66 -4.32
CA SER A 25 -11.79 -1.20 -4.28
C SER A 25 -11.80 0.31 -4.47
N TYR A 26 -12.36 0.78 -5.58
CA TYR A 26 -12.64 2.19 -5.78
C TYR A 26 -14.01 2.57 -5.21
N CYS A 27 -14.11 3.78 -4.67
CA CYS A 27 -15.14 4.18 -3.72
C CYS A 27 -15.42 5.69 -3.84
N ARG A 28 -16.33 6.20 -3.01
CA ARG A 28 -16.62 7.63 -2.87
C ARG A 28 -15.47 8.34 -2.15
N SER A 29 -15.37 8.24 -0.81
CA SER A 29 -14.39 8.98 0.02
C SER A 29 -14.50 8.66 1.52
N SER A 30 -14.37 7.40 1.93
CA SER A 30 -14.42 6.99 3.34
C SER A 30 -13.28 7.56 4.22
N GLY A 31 -12.22 8.09 3.63
CA GLY A 31 -11.14 8.81 4.33
C GLY A 31 -11.58 10.24 4.63
N PRO A 32 -10.66 11.19 4.77
CA PRO A 32 -11.02 12.61 4.77
C PRO A 32 -11.60 12.97 3.40
N GLY A 33 -12.50 13.95 3.37
CA GLY A 33 -13.34 14.19 2.21
C GLY A 33 -13.78 15.64 2.10
N GLY A 34 -12.96 16.58 2.58
CA GLY A 34 -13.16 18.02 2.52
C GLY A 34 -12.09 18.69 1.66
N GLN A 35 -11.73 18.07 0.54
CA GLN A 35 -10.73 18.55 -0.39
C GLN A 35 -11.17 18.23 -1.82
N ASN A 36 -11.98 19.09 -2.45
CA ASN A 36 -12.33 19.00 -3.87
C ASN A 36 -13.25 17.82 -4.18
N VAL A 37 -13.62 17.00 -3.19
CA VAL A 37 -14.50 15.85 -3.26
C VAL A 37 -15.96 16.32 -3.09
N ASN A 38 -16.36 17.37 -3.82
CA ASN A 38 -17.73 17.86 -3.86
C ASN A 38 -18.60 16.77 -4.49
N LYS A 39 -18.42 16.52 -5.80
CA LYS A 39 -19.05 15.42 -6.52
C LYS A 39 -18.07 14.35 -6.92
N VAL A 40 -16.78 14.69 -7.01
CA VAL A 40 -15.81 13.86 -7.68
C VAL A 40 -15.60 12.60 -6.83
N ASN A 41 -16.33 11.53 -7.15
CA ASN A 41 -16.36 10.30 -6.38
C ASN A 41 -15.14 9.48 -6.77
N SER A 42 -14.00 9.79 -6.17
CA SER A 42 -12.74 9.15 -6.46
C SER A 42 -12.00 8.83 -5.17
N LYS A 43 -12.14 7.60 -4.68
CA LYS A 43 -11.33 7.06 -3.58
C LYS A 43 -10.80 5.70 -3.99
N ALA A 44 -9.68 5.28 -3.41
CA ALA A 44 -9.03 4.01 -3.67
C ALA A 44 -8.75 3.39 -2.31
N GLU A 45 -9.40 2.28 -2.01
CA GLU A 45 -9.25 1.48 -0.82
C GLU A 45 -8.61 0.20 -1.33
N VAL A 46 -7.43 -0.18 -0.85
CA VAL A 46 -6.84 -1.47 -1.14
C VAL A 46 -6.71 -2.20 0.18
N ARG A 47 -7.21 -3.42 0.20
CA ARG A 47 -7.07 -4.35 1.32
C ARG A 47 -6.15 -5.45 0.85
N PHE A 48 -5.38 -6.04 1.76
CA PHE A 48 -4.79 -7.35 1.51
C PHE A 48 -4.66 -8.08 2.83
N HIS A 49 -4.83 -9.41 2.80
CA HIS A 49 -4.37 -10.25 3.88
C HIS A 49 -2.85 -10.22 3.92
N LEU A 50 -2.35 -9.53 4.94
CA LEU A 50 -0.95 -9.29 5.21
C LEU A 50 -0.25 -10.62 5.50
N ALA A 51 -0.88 -11.55 6.21
CA ALA A 51 -0.21 -12.82 6.49
C ALA A 51 0.06 -13.57 5.17
N SER A 52 -0.94 -13.61 4.27
CA SER A 52 -0.82 -14.17 2.92
C SER A 52 -0.07 -13.23 1.98
N ALA A 53 0.64 -12.21 2.47
CA ALA A 53 1.50 -11.39 1.63
C ALA A 53 2.84 -12.08 1.47
N ASP A 54 2.87 -13.19 0.71
CA ASP A 54 4.07 -13.97 0.43
C ASP A 54 5.09 -13.20 -0.45
N TRP A 55 4.73 -11.97 -0.83
CA TRP A 55 5.56 -10.98 -1.50
C TRP A 55 6.27 -10.04 -0.51
N ILE A 56 6.03 -10.18 0.79
CA ILE A 56 6.66 -9.44 1.89
C ILE A 56 7.58 -10.41 2.63
N GLU A 57 8.63 -9.85 3.24
CA GLU A 57 9.50 -10.54 4.17
C GLU A 57 8.67 -10.98 5.36
N GLU A 58 8.90 -12.19 5.84
CA GLU A 58 8.28 -12.60 7.07
C GLU A 58 8.53 -11.65 8.26
N PRO A 59 9.73 -11.06 8.47
CA PRO A 59 9.88 -10.14 9.60
C PRO A 59 9.18 -8.80 9.33
N VAL A 60 8.99 -8.43 8.06
CA VAL A 60 8.24 -7.24 7.69
C VAL A 60 6.74 -7.52 7.88
N ARG A 61 6.24 -8.71 7.49
CA ARG A 61 4.85 -9.09 7.70
C ARG A 61 4.48 -8.89 9.15
N GLN A 62 5.23 -9.52 10.04
CA GLN A 62 4.97 -9.45 11.47
C GLN A 62 5.31 -8.06 12.04
N LYS A 63 6.01 -7.18 11.33
CA LYS A 63 6.02 -5.77 11.68
C LYS A 63 4.63 -5.20 11.43
N ILE A 64 4.16 -5.11 10.19
CA ILE A 64 2.88 -4.57 9.75
C ILE A 64 1.73 -5.14 10.61
N ALA A 65 1.80 -6.41 11.03
CA ALA A 65 0.85 -7.06 11.91
C ALA A 65 0.64 -6.26 13.22
N LEU A 66 1.73 -5.71 13.74
CA LEU A 66 1.89 -4.96 14.97
C LEU A 66 1.97 -3.47 14.70
N THR A 67 3.03 -3.02 14.03
CA THR A 67 3.42 -1.63 13.81
C THR A 67 2.33 -0.88 13.05
N HIS A 68 1.63 -1.55 12.14
CA HIS A 68 0.61 -0.96 11.30
C HIS A 68 -0.76 -1.56 11.64
N LYS A 69 -0.91 -2.10 12.86
CA LYS A 69 -2.16 -2.67 13.36
C LYS A 69 -3.32 -1.68 13.27
N ASN A 70 -3.07 -0.37 13.38
CA ASN A 70 -4.15 0.60 13.19
C ASN A 70 -4.76 0.54 11.79
N LYS A 71 -3.98 0.18 10.78
CA LYS A 71 -4.48 -0.06 9.43
C LYS A 71 -5.13 -1.42 9.29
N ILE A 72 -4.88 -2.38 10.18
CA ILE A 72 -5.55 -3.67 10.11
C ILE A 72 -6.97 -3.45 10.61
N ASN A 73 -7.94 -4.16 10.02
CA ASN A 73 -9.29 -4.22 10.60
C ASN A 73 -9.22 -5.02 11.90
N LYS A 74 -9.48 -6.32 11.85
CA LYS A 74 -9.31 -7.28 12.92
C LYS A 74 -8.69 -8.57 12.38
N ALA A 75 -8.99 -8.89 11.12
CA ALA A 75 -8.72 -10.21 10.55
C ALA A 75 -7.24 -10.53 10.42
N GLY A 76 -6.37 -9.50 10.40
CA GLY A 76 -5.03 -9.63 9.89
C GLY A 76 -4.93 -9.11 8.44
N GLU A 77 -6.03 -8.61 7.88
CA GLU A 77 -6.04 -7.87 6.63
C GLU A 77 -5.73 -6.41 6.92
N LEU A 78 -4.78 -5.85 6.15
CA LEU A 78 -4.38 -4.46 6.18
C LEU A 78 -5.27 -3.69 5.23
N VAL A 79 -5.96 -2.67 5.70
CA VAL A 79 -6.84 -1.81 4.92
C VAL A 79 -6.42 -0.36 5.17
N LEU A 80 -5.90 0.35 4.17
CA LEU A 80 -5.64 1.79 4.21
C LEU A 80 -6.15 2.41 2.90
N THR A 81 -6.87 3.52 2.97
CA THR A 81 -7.36 4.21 1.77
C THR A 81 -6.38 5.33 1.50
N SER A 82 -6.15 5.64 0.24
CA SER A 82 -5.42 6.83 -0.11
C SER A 82 -6.05 7.42 -1.35
N GLU A 83 -6.39 8.69 -1.29
CA GLU A 83 -7.12 9.38 -2.32
C GLU A 83 -6.94 10.89 -2.22
N SER A 84 -7.11 11.59 -3.35
CA SER A 84 -7.24 13.04 -3.44
C SER A 84 -7.59 13.49 -4.86
N SER A 85 -7.07 12.84 -5.91
CA SER A 85 -7.32 13.28 -7.27
C SER A 85 -8.50 12.49 -7.85
N ARG A 86 -9.01 12.92 -9.01
CA ARG A 86 -10.18 12.31 -9.63
C ARG A 86 -9.90 10.92 -10.21
N TYR A 87 -8.65 10.59 -10.51
CA TYR A 87 -8.33 9.41 -11.28
C TYR A 87 -8.50 8.15 -10.42
N GLN A 88 -8.40 6.97 -11.03
CA GLN A 88 -8.49 5.72 -10.28
C GLN A 88 -7.10 5.20 -9.92
N PHE A 89 -6.39 4.58 -10.88
CA PHE A 89 -5.02 4.08 -10.77
C PHE A 89 -4.11 5.07 -10.04
N ARG A 90 -4.22 6.39 -10.22
CA ARG A 90 -3.41 7.38 -9.51
C ARG A 90 -3.52 7.29 -7.98
N ASN A 91 -4.75 7.31 -7.46
CA ASN A 91 -5.00 7.30 -6.01
C ASN A 91 -4.53 5.94 -5.48
N LEU A 92 -4.94 4.89 -6.19
CA LEU A 92 -4.55 3.51 -5.99
C LEU A 92 -3.01 3.36 -5.97
N ALA A 93 -2.30 4.13 -6.79
CA ALA A 93 -0.84 4.14 -6.89
C ALA A 93 -0.17 4.83 -5.70
N GLU A 94 -0.78 5.82 -5.05
CA GLU A 94 -0.26 6.31 -3.77
C GLU A 94 -0.41 5.19 -2.75
N CYS A 95 -1.51 4.46 -2.80
CA CYS A 95 -1.70 3.31 -1.94
C CYS A 95 -0.53 2.34 -2.10
N LEU A 96 -0.17 1.95 -3.33
CA LEU A 96 0.97 1.05 -3.52
C LEU A 96 2.28 1.69 -3.06
N GLN A 97 2.39 3.01 -3.14
CA GLN A 97 3.54 3.73 -2.61
C GLN A 97 3.62 3.55 -1.10
N LYS A 98 2.51 3.68 -0.34
CA LYS A 98 2.64 3.54 1.11
C LYS A 98 2.90 2.11 1.47
N ILE A 99 2.24 1.14 0.83
CA ILE A 99 2.60 -0.26 0.98
C ILE A 99 4.13 -0.42 0.89
N ARG A 100 4.80 0.19 -0.11
CA ARG A 100 6.25 0.14 -0.25
C ARG A 100 6.95 0.87 0.90
N ASP A 101 6.41 1.98 1.38
CA ASP A 101 6.93 2.72 2.54
C ASP A 101 6.84 1.90 3.82
N MET A 102 5.68 1.34 4.11
CA MET A 102 5.38 0.60 5.32
C MET A 102 6.26 -0.65 5.38
N ILE A 103 6.52 -1.27 4.23
CA ILE A 103 7.37 -2.45 4.10
C ILE A 103 8.83 -2.05 4.29
N ALA A 104 9.24 -0.96 3.65
CA ALA A 104 10.57 -0.40 3.77
C ALA A 104 10.91 -0.06 5.22
N GLU A 105 10.02 0.67 5.89
CA GLU A 105 10.27 1.18 7.23
C GLU A 105 10.30 0.02 8.22
N ALA A 106 9.48 -1.01 8.00
CA ALA A 106 9.45 -2.22 8.80
C ALA A 106 10.71 -3.08 8.60
N SER A 107 11.40 -2.94 7.47
CA SER A 107 12.67 -3.60 7.19
C SER A 107 13.75 -2.96 8.10
N GLY A 108 13.77 -1.63 8.16
CA GLY A 108 14.77 -0.80 8.82
C GLY A 108 14.51 -0.60 10.32
N PRO A 109 15.10 0.46 10.94
CA PRO A 109 14.83 0.82 12.33
C PRO A 109 13.42 1.39 12.47
N SER A 110 12.52 0.72 13.19
CA SER A 110 11.13 1.16 13.33
C SER A 110 10.68 0.97 14.77
N SER A 111 10.48 2.09 15.48
CA SER A 111 10.01 2.12 16.86
C SER A 111 8.53 1.73 16.95
N GLY A 112 8.01 1.57 18.16
CA GLY A 112 6.60 1.37 18.48
C GLY A 112 6.25 2.14 19.74
N GLY A 1 25.98 12.07 -32.44
CA GLY A 1 26.93 11.01 -32.05
C GLY A 1 26.82 10.82 -30.56
N SER A 2 26.75 9.58 -30.11
CA SER A 2 26.35 9.20 -28.76
C SER A 2 26.53 7.67 -28.65
N SER A 3 26.29 7.09 -27.48
CA SER A 3 26.22 5.66 -27.27
C SER A 3 24.90 5.33 -26.53
N GLY A 4 24.50 4.05 -26.54
CA GLY A 4 23.47 3.55 -25.64
C GLY A 4 24.18 3.09 -24.38
N SER A 5 24.05 1.80 -24.05
CA SER A 5 24.93 1.09 -23.10
C SER A 5 25.04 1.74 -21.70
N SER A 6 24.08 2.58 -21.29
CA SER A 6 24.08 3.24 -19.98
C SER A 6 24.02 2.18 -18.87
N GLY A 7 22.97 1.37 -18.83
CA GLY A 7 22.78 0.37 -17.79
C GLY A 7 21.31 0.30 -17.37
N GLU A 8 21.05 -0.57 -16.39
CA GLU A 8 19.74 -0.77 -15.78
C GLU A 8 19.95 -1.25 -14.34
N HIS A 9 20.60 -2.40 -14.21
CA HIS A 9 20.71 -3.22 -13.01
C HIS A 9 19.34 -3.82 -12.58
N ALA A 10 19.37 -4.78 -11.66
CA ALA A 10 18.23 -5.45 -11.07
C ALA A 10 18.52 -5.56 -9.57
N LYS A 11 17.84 -4.79 -8.71
CA LYS A 11 18.07 -4.84 -7.27
C LYS A 11 17.36 -6.05 -6.69
N GLN A 12 17.93 -6.65 -5.65
CA GLN A 12 17.36 -7.79 -4.94
C GLN A 12 16.21 -7.38 -3.99
N ALA A 13 15.47 -6.30 -4.29
CA ALA A 13 14.45 -5.73 -3.42
C ALA A 13 13.10 -5.65 -4.13
N SER A 14 12.03 -5.93 -3.38
CA SER A 14 10.65 -5.91 -3.85
C SER A 14 10.15 -4.47 -3.97
N SER A 15 10.01 -3.99 -5.21
CA SER A 15 9.32 -2.75 -5.52
C SER A 15 8.43 -3.00 -6.74
N TYR A 16 7.28 -3.64 -6.53
CA TYR A 16 6.27 -3.93 -7.55
C TYR A 16 4.88 -3.73 -6.96
N ILE A 17 4.54 -4.51 -5.93
CA ILE A 17 3.24 -4.65 -5.27
C ILE A 17 2.24 -5.33 -6.21
N PRO A 18 1.97 -6.63 -6.01
CA PRO A 18 1.18 -7.43 -6.93
C PRO A 18 -0.30 -7.11 -6.70
N LEU A 19 -0.90 -6.36 -7.62
CA LEU A 19 -2.27 -5.87 -7.49
C LEU A 19 -3.26 -7.03 -7.38
N ASP A 20 -2.99 -8.16 -8.06
CA ASP A 20 -3.89 -9.31 -8.05
C ASP A 20 -3.99 -10.00 -6.69
N ARG A 21 -2.93 -9.90 -5.87
CA ARG A 21 -2.91 -10.38 -4.50
C ARG A 21 -3.52 -9.39 -3.50
N LEU A 22 -3.71 -8.13 -3.88
CA LEU A 22 -4.47 -7.19 -3.04
C LEU A 22 -5.97 -7.46 -3.27
N SER A 23 -6.79 -6.60 -2.68
CA SER A 23 -8.23 -6.50 -2.82
C SER A 23 -8.49 -4.99 -2.97
N ILE A 24 -8.37 -4.48 -4.20
CA ILE A 24 -8.55 -3.07 -4.56
C ILE A 24 -10.05 -2.80 -4.60
N SER A 25 -10.43 -1.56 -4.27
CA SER A 25 -11.81 -1.11 -4.39
C SER A 25 -11.84 0.41 -4.57
N TYR A 26 -12.48 0.97 -5.59
CA TYR A 26 -12.62 2.42 -5.72
C TYR A 26 -13.98 2.85 -5.16
N CYS A 27 -14.06 4.01 -4.50
CA CYS A 27 -15.24 4.39 -3.72
C CYS A 27 -15.46 5.90 -3.68
N ARG A 28 -16.45 6.30 -2.90
CA ARG A 28 -16.75 7.69 -2.54
C ARG A 28 -15.70 8.23 -1.56
N SER A 29 -15.59 9.55 -1.47
CA SER A 29 -14.86 10.29 -0.44
C SER A 29 -15.83 11.31 0.19
N SER A 30 -15.51 11.87 1.36
CA SER A 30 -16.42 12.74 2.10
C SER A 30 -16.80 13.99 1.27
N GLY A 31 -18.07 14.38 1.36
CA GLY A 31 -18.63 15.57 0.72
C GLY A 31 -20.15 15.54 0.85
N PRO A 32 -20.71 15.90 2.02
CA PRO A 32 -22.14 15.91 2.27
C PRO A 32 -22.81 17.05 1.49
N GLY A 33 -23.39 16.71 0.35
CA GLY A 33 -24.14 17.60 -0.51
C GLY A 33 -24.04 17.03 -1.90
N GLY A 34 -23.22 17.64 -2.74
CA GLY A 34 -23.14 17.31 -4.15
C GLY A 34 -23.06 18.62 -4.92
N GLN A 35 -21.85 19.13 -5.09
CA GLN A 35 -21.51 20.33 -5.85
C GLN A 35 -20.24 19.94 -6.65
N ASN A 36 -19.33 20.88 -6.89
CA ASN A 36 -18.07 20.66 -7.57
C ASN A 36 -17.32 19.46 -6.97
N VAL A 37 -17.30 19.42 -5.63
CA VAL A 37 -16.44 18.67 -4.73
C VAL A 37 -15.12 18.29 -5.40
N ASN A 38 -14.03 19.04 -5.15
CA ASN A 38 -12.72 18.90 -5.82
C ASN A 38 -12.25 17.45 -5.97
N LYS A 39 -12.36 16.66 -4.90
CA LYS A 39 -11.95 15.25 -4.84
C LYS A 39 -12.75 14.33 -5.77
N VAL A 40 -13.92 14.78 -6.17
CA VAL A 40 -14.88 14.18 -7.08
C VAL A 40 -14.97 12.67 -6.85
N ASN A 41 -15.42 12.31 -5.64
CA ASN A 41 -15.51 10.95 -5.12
C ASN A 41 -14.13 10.28 -5.17
N SER A 42 -13.88 9.47 -6.21
CA SER A 42 -12.62 8.91 -6.68
C SER A 42 -11.62 8.50 -5.60
N LYS A 43 -12.11 7.76 -4.61
CA LYS A 43 -11.26 7.18 -3.59
C LYS A 43 -10.61 5.91 -4.17
N ALA A 44 -9.47 5.51 -3.62
CA ALA A 44 -8.89 4.20 -3.78
C ALA A 44 -8.78 3.62 -2.38
N GLU A 45 -9.41 2.46 -2.15
CA GLU A 45 -9.24 1.62 -1.00
C GLU A 45 -8.48 0.42 -1.51
N VAL A 46 -7.63 -0.16 -0.67
CA VAL A 46 -7.04 -1.43 -0.93
C VAL A 46 -6.88 -2.16 0.39
N ARG A 47 -7.20 -3.45 0.36
CA ARG A 47 -7.09 -4.39 1.44
C ARG A 47 -6.12 -5.47 1.00
N PHE A 48 -5.38 -6.09 1.91
CA PHE A 48 -4.77 -7.38 1.67
C PHE A 48 -4.67 -8.13 2.98
N HIS A 49 -4.73 -9.47 2.94
CA HIS A 49 -4.33 -10.27 4.07
C HIS A 49 -2.82 -10.26 4.10
N LEU A 50 -2.31 -9.52 5.08
CA LEU A 50 -0.90 -9.35 5.38
C LEU A 50 -0.30 -10.72 5.65
N ALA A 51 -0.96 -11.59 6.45
CA ALA A 51 -0.39 -12.88 6.78
C ALA A 51 -0.18 -13.73 5.53
N SER A 52 -1.11 -13.64 4.58
CA SER A 52 -1.03 -14.31 3.28
C SER A 52 -0.25 -13.49 2.25
N ALA A 53 0.30 -12.33 2.63
CA ALA A 53 1.17 -11.53 1.76
C ALA A 53 2.55 -12.17 1.76
N ASP A 54 2.65 -13.37 1.20
CA ASP A 54 3.87 -14.17 1.13
C ASP A 54 4.90 -13.58 0.15
N TRP A 55 4.53 -12.48 -0.51
CA TRP A 55 5.38 -11.58 -1.29
C TRP A 55 6.01 -10.48 -0.42
N ILE A 56 5.67 -10.41 0.88
CA ILE A 56 6.34 -9.62 1.90
C ILE A 56 7.25 -10.56 2.68
N GLU A 57 8.39 -10.00 3.07
CA GLU A 57 9.42 -10.58 3.91
C GLU A 57 8.80 -11.04 5.23
N GLU A 58 9.28 -12.16 5.75
CA GLU A 58 8.85 -12.63 7.05
C GLU A 58 8.95 -11.57 8.15
N PRO A 59 10.08 -10.84 8.28
CA PRO A 59 10.22 -9.96 9.43
C PRO A 59 9.37 -8.70 9.24
N VAL A 60 9.05 -8.36 7.99
CA VAL A 60 8.25 -7.22 7.61
C VAL A 60 6.77 -7.57 7.83
N ARG A 61 6.32 -8.78 7.48
CA ARG A 61 4.92 -9.19 7.67
C ARG A 61 4.51 -8.91 9.11
N GLN A 62 5.25 -9.50 10.04
CA GLN A 62 4.92 -9.41 11.45
C GLN A 62 5.12 -7.99 12.00
N LYS A 63 5.94 -7.14 11.36
CA LYS A 63 5.97 -5.72 11.70
C LYS A 63 4.58 -5.14 11.44
N ILE A 64 4.15 -5.05 10.19
CA ILE A 64 2.86 -4.54 9.74
C ILE A 64 1.70 -5.11 10.57
N ALA A 65 1.76 -6.39 10.96
CA ALA A 65 0.76 -7.06 11.78
C ALA A 65 0.50 -6.28 13.08
N LEU A 66 1.57 -5.75 13.66
CA LEU A 66 1.64 -5.07 14.93
C LEU A 66 1.65 -3.56 14.74
N THR A 67 2.65 -3.07 14.01
CA THR A 67 3.03 -1.68 13.84
C THR A 67 1.88 -0.88 13.22
N HIS A 68 1.16 -1.52 12.29
CA HIS A 68 0.13 -0.88 11.49
C HIS A 68 -1.22 -1.52 11.79
N LYS A 69 -1.37 -2.07 13.00
CA LYS A 69 -2.63 -2.65 13.42
C LYS A 69 -3.79 -1.66 13.36
N ASN A 70 -3.54 -0.37 13.49
CA ASN A 70 -4.55 0.64 13.27
C ASN A 70 -5.10 0.65 11.83
N LYS A 71 -4.32 0.23 10.82
CA LYS A 71 -4.81 -0.01 9.46
C LYS A 71 -5.56 -1.33 9.30
N ILE A 72 -5.50 -2.22 10.29
CA ILE A 72 -6.15 -3.52 10.15
C ILE A 72 -7.63 -3.34 10.41
N ASN A 73 -8.48 -4.05 9.63
CA ASN A 73 -9.92 -4.03 9.89
C ASN A 73 -10.22 -4.66 11.25
N LYS A 74 -9.73 -5.89 11.45
CA LYS A 74 -9.61 -6.70 12.64
C LYS A 74 -9.06 -8.06 12.28
N ALA A 75 -9.35 -8.56 11.06
CA ALA A 75 -9.00 -9.92 10.65
C ALA A 75 -7.50 -10.16 10.58
N GLY A 76 -6.69 -9.10 10.57
CA GLY A 76 -5.30 -9.15 10.16
C GLY A 76 -5.15 -8.66 8.72
N GLU A 77 -6.25 -8.54 7.97
CA GLU A 77 -6.24 -7.84 6.70
C GLU A 77 -5.98 -6.36 6.96
N LEU A 78 -4.95 -5.83 6.31
CA LEU A 78 -4.52 -4.45 6.33
C LEU A 78 -5.38 -3.72 5.29
N VAL A 79 -6.13 -2.69 5.70
CA VAL A 79 -7.01 -1.93 4.84
C VAL A 79 -6.65 -0.45 4.99
N LEU A 80 -6.21 0.20 3.92
CA LEU A 80 -5.98 1.66 3.92
C LEU A 80 -6.63 2.26 2.67
N THR A 81 -6.94 3.55 2.73
CA THR A 81 -7.48 4.28 1.59
C THR A 81 -6.70 5.58 1.50
N SER A 82 -6.25 5.95 0.32
CA SER A 82 -5.53 7.19 0.10
C SER A 82 -5.99 7.72 -1.25
N GLU A 83 -6.15 9.04 -1.38
CA GLU A 83 -6.76 9.67 -2.54
C GLU A 83 -6.53 11.18 -2.55
N SER A 84 -6.90 11.81 -3.67
CA SER A 84 -7.34 13.19 -3.85
C SER A 84 -7.79 13.44 -5.30
N SER A 85 -7.37 12.59 -6.25
CA SER A 85 -7.55 12.80 -7.68
C SER A 85 -8.87 12.19 -8.18
N ARG A 86 -9.28 12.48 -9.42
CA ARG A 86 -10.48 11.90 -10.07
C ARG A 86 -10.26 10.50 -10.67
N TYR A 87 -9.04 9.97 -10.57
CA TYR A 87 -8.64 8.73 -11.25
C TYR A 87 -8.78 7.52 -10.31
N GLN A 88 -8.41 6.32 -10.78
CA GLN A 88 -8.56 5.06 -10.05
C GLN A 88 -7.15 4.58 -9.70
N PHE A 89 -6.43 4.02 -10.67
CA PHE A 89 -5.03 3.60 -10.53
C PHE A 89 -4.17 4.76 -9.97
N ARG A 90 -4.37 6.02 -10.36
CA ARG A 90 -3.51 7.13 -9.87
C ARG A 90 -3.60 7.28 -8.35
N ASN A 91 -4.81 7.24 -7.81
CA ASN A 91 -5.03 7.35 -6.36
C ASN A 91 -4.46 6.09 -5.72
N LEU A 92 -4.83 4.93 -6.28
CA LEU A 92 -4.35 3.62 -5.85
C LEU A 92 -2.83 3.60 -5.74
N ALA A 93 -2.11 4.23 -6.67
CA ALA A 93 -0.67 4.27 -6.74
C ALA A 93 -0.05 4.87 -5.47
N GLU A 94 -0.70 5.85 -4.83
CA GLU A 94 -0.25 6.35 -3.55
C GLU A 94 -0.40 5.26 -2.49
N CYS A 95 -1.52 4.54 -2.48
CA CYS A 95 -1.72 3.39 -1.60
C CYS A 95 -0.60 2.37 -1.79
N LEU A 96 -0.21 2.07 -3.03
CA LEU A 96 0.92 1.17 -3.35
C LEU A 96 2.24 1.76 -2.83
N GLN A 97 2.43 3.07 -3.02
CA GLN A 97 3.60 3.77 -2.52
C GLN A 97 3.67 3.63 -1.00
N LYS A 98 2.54 3.72 -0.28
CA LYS A 98 2.59 3.55 1.17
C LYS A 98 2.95 2.12 1.46
N ILE A 99 2.24 1.13 0.92
CA ILE A 99 2.58 -0.28 1.09
C ILE A 99 4.09 -0.50 0.99
N ARG A 100 4.75 0.05 -0.03
CA ARG A 100 6.18 -0.10 -0.21
C ARG A 100 6.94 0.55 0.92
N ASP A 101 6.63 1.80 1.20
CA ASP A 101 7.27 2.59 2.25
C ASP A 101 7.10 1.92 3.62
N MET A 102 5.92 1.39 3.89
CA MET A 102 5.52 0.66 5.10
C MET A 102 6.32 -0.63 5.23
N ILE A 103 6.62 -1.28 4.11
CA ILE A 103 7.42 -2.49 4.04
C ILE A 103 8.89 -2.11 4.28
N ALA A 104 9.36 -1.05 3.64
CA ALA A 104 10.71 -0.54 3.73
C ALA A 104 11.04 -0.21 5.18
N GLU A 105 10.18 0.56 5.85
CA GLU A 105 10.42 1.00 7.21
C GLU A 105 10.40 -0.19 8.18
N ALA A 106 9.54 -1.18 7.92
CA ALA A 106 9.48 -2.40 8.69
C ALA A 106 10.67 -3.35 8.44
N SER A 107 11.41 -3.16 7.35
CA SER A 107 12.53 -4.00 6.93
C SER A 107 13.88 -3.44 7.41
N GLY A 108 13.89 -2.29 8.08
CA GLY A 108 15.09 -1.61 8.50
C GLY A 108 14.85 -0.85 9.79
N PRO A 109 15.75 0.07 10.16
CA PRO A 109 15.62 0.90 11.35
C PRO A 109 14.64 2.06 11.08
N SER A 110 13.42 1.74 10.64
CA SER A 110 12.35 2.62 10.17
C SER A 110 12.84 3.72 9.19
N SER A 111 11.96 4.62 8.75
CA SER A 111 12.27 5.58 7.70
C SER A 111 11.40 6.84 7.89
N GLY A 112 11.79 7.67 8.87
CA GLY A 112 11.01 8.82 9.30
C GLY A 112 11.60 9.32 10.59
N GLY A 1 6.91 20.66 -27.51
CA GLY A 1 8.26 20.21 -27.17
C GLY A 1 8.39 18.70 -27.29
N SER A 2 9.56 18.16 -26.91
CA SER A 2 9.94 16.78 -27.19
C SER A 2 10.63 16.19 -25.96
N SER A 3 9.87 15.56 -25.07
CA SER A 3 10.34 14.90 -23.86
C SER A 3 9.52 13.61 -23.67
N GLY A 4 9.89 12.78 -22.70
CA GLY A 4 9.24 11.53 -22.35
C GLY A 4 10.27 10.41 -22.43
N SER A 5 11.00 10.14 -21.34
CA SER A 5 11.97 9.06 -21.25
C SER A 5 11.63 8.19 -20.03
N SER A 6 12.60 7.67 -19.28
CA SER A 6 12.42 6.96 -18.02
C SER A 6 13.81 6.69 -17.43
N GLY A 7 14.58 5.82 -18.09
CA GLY A 7 15.88 5.36 -17.64
C GLY A 7 15.84 4.52 -16.36
N GLU A 8 14.66 4.22 -15.80
CA GLU A 8 14.56 3.60 -14.49
C GLU A 8 14.77 2.08 -14.65
N HIS A 9 16.01 1.64 -14.44
CA HIS A 9 16.55 0.40 -14.98
C HIS A 9 17.21 -0.37 -13.83
N ALA A 10 16.43 -0.67 -12.80
CA ALA A 10 16.73 -1.54 -11.66
C ALA A 10 15.38 -1.97 -11.06
N LYS A 11 15.33 -3.05 -10.27
CA LYS A 11 14.06 -3.63 -9.78
C LYS A 11 13.96 -3.76 -8.26
N GLN A 12 14.94 -3.21 -7.53
CA GLN A 12 14.99 -3.12 -6.07
C GLN A 12 14.99 -4.51 -5.42
N ALA A 13 14.89 -4.57 -4.09
CA ALA A 13 14.46 -5.76 -3.40
C ALA A 13 13.00 -6.03 -3.74
N SER A 14 12.18 -4.98 -3.74
CA SER A 14 10.76 -5.07 -4.00
C SER A 14 10.29 -3.72 -4.52
N SER A 15 9.90 -3.64 -5.79
CA SER A 15 9.27 -2.46 -6.39
C SER A 15 8.36 -2.90 -7.55
N TYR A 16 7.37 -3.72 -7.23
CA TYR A 16 6.32 -4.20 -8.12
C TYR A 16 4.97 -3.88 -7.48
N ILE A 17 4.57 -4.59 -6.41
CA ILE A 17 3.24 -4.60 -5.80
C ILE A 17 2.18 -5.08 -6.82
N PRO A 18 1.84 -6.38 -6.78
CA PRO A 18 0.87 -6.98 -7.68
C PRO A 18 -0.54 -6.51 -7.33
N LEU A 19 -1.16 -5.72 -8.19
CA LEU A 19 -2.56 -5.27 -8.03
C LEU A 19 -3.53 -6.44 -8.06
N ASP A 20 -3.20 -7.52 -8.75
CA ASP A 20 -4.10 -8.67 -8.91
C ASP A 20 -4.29 -9.35 -7.55
N ARG A 21 -3.21 -9.53 -6.78
CA ARG A 21 -3.22 -10.21 -5.50
C ARG A 21 -3.87 -9.44 -4.36
N LEU A 22 -4.05 -8.14 -4.49
CA LEU A 22 -4.71 -7.32 -3.47
C LEU A 22 -6.23 -7.48 -3.62
N SER A 23 -6.97 -6.64 -2.90
CA SER A 23 -8.39 -6.43 -2.99
C SER A 23 -8.59 -4.91 -3.13
N ILE A 24 -8.61 -4.41 -4.37
CA ILE A 24 -8.83 -3.00 -4.72
C ILE A 24 -10.32 -2.72 -4.56
N SER A 25 -10.70 -1.57 -4.02
CA SER A 25 -12.05 -1.06 -4.19
C SER A 25 -12.02 0.45 -4.23
N TYR A 26 -12.40 1.01 -5.36
CA TYR A 26 -12.71 2.42 -5.45
C TYR A 26 -14.08 2.66 -4.80
N CYS A 27 -14.35 3.92 -4.49
CA CYS A 27 -15.58 4.46 -3.91
C CYS A 27 -15.61 5.96 -4.29
N ARG A 28 -16.50 6.76 -3.68
CA ARG A 28 -16.44 8.20 -3.88
C ARG A 28 -15.26 8.83 -3.14
N SER A 29 -15.23 8.84 -1.81
CA SER A 29 -14.18 9.40 -0.98
C SER A 29 -14.24 8.68 0.40
N SER A 30 -13.51 9.16 1.41
CA SER A 30 -13.56 8.63 2.77
C SER A 30 -14.97 8.76 3.39
N GLY A 31 -15.17 8.13 4.55
CA GLY A 31 -16.40 8.18 5.33
C GLY A 31 -16.67 9.57 5.93
N PRO A 32 -17.67 9.69 6.84
CA PRO A 32 -18.15 10.98 7.31
C PRO A 32 -17.06 11.71 8.09
N GLY A 33 -16.90 12.99 7.80
CA GLY A 33 -15.86 13.84 8.37
C GLY A 33 -15.62 15.03 7.47
N GLY A 34 -15.33 14.76 6.19
CA GLY A 34 -15.25 15.77 5.15
C GLY A 34 -14.03 16.67 5.34
N GLN A 35 -12.84 16.07 5.26
CA GLN A 35 -11.57 16.74 5.52
C GLN A 35 -11.38 17.95 4.59
N ASN A 36 -11.20 17.69 3.30
CA ASN A 36 -11.03 18.74 2.27
C ASN A 36 -11.69 18.36 0.96
N VAL A 37 -12.13 17.11 0.82
CA VAL A 37 -12.25 16.46 -0.47
C VAL A 37 -13.35 17.12 -1.30
N ASN A 38 -14.49 17.44 -0.68
CA ASN A 38 -15.63 18.15 -1.21
C ASN A 38 -16.41 17.34 -2.26
N LYS A 39 -15.73 16.77 -3.25
CA LYS A 39 -16.28 16.04 -4.39
C LYS A 39 -15.40 14.84 -4.68
N VAL A 40 -14.38 15.01 -5.53
CA VAL A 40 -13.41 14.03 -6.01
C VAL A 40 -13.89 12.59 -5.82
N ASN A 41 -14.85 12.14 -6.64
CA ASN A 41 -15.45 10.84 -6.59
C ASN A 41 -14.48 9.80 -7.18
N SER A 42 -13.32 9.63 -6.57
CA SER A 42 -12.30 8.68 -6.99
C SER A 42 -11.50 8.16 -5.79
N LYS A 43 -12.16 7.52 -4.82
CA LYS A 43 -11.44 6.92 -3.69
C LYS A 43 -10.67 5.72 -4.21
N ALA A 44 -9.60 5.32 -3.52
CA ALA A 44 -8.87 4.10 -3.78
C ALA A 44 -8.57 3.41 -2.46
N GLU A 45 -9.26 2.30 -2.19
CA GLU A 45 -9.01 1.43 -1.05
C GLU A 45 -8.27 0.23 -1.57
N VAL A 46 -7.34 -0.26 -0.78
CA VAL A 46 -6.55 -1.45 -1.03
C VAL A 46 -6.60 -2.24 0.26
N ARG A 47 -7.09 -3.47 0.18
CA ARG A 47 -7.12 -4.41 1.28
C ARG A 47 -6.27 -5.60 0.87
N PHE A 48 -5.52 -6.19 1.80
CA PHE A 48 -4.90 -7.49 1.61
C PHE A 48 -4.79 -8.21 2.95
N HIS A 49 -5.15 -9.50 3.00
CA HIS A 49 -4.72 -10.41 4.07
C HIS A 49 -3.21 -10.49 4.04
N LEU A 50 -2.60 -9.71 4.93
CA LEU A 50 -1.16 -9.69 5.13
C LEU A 50 -0.68 -11.12 5.40
N ALA A 51 -1.44 -11.90 6.18
CA ALA A 51 -1.01 -13.23 6.60
C ALA A 51 -1.04 -14.25 5.45
N SER A 52 -1.53 -13.88 4.26
CA SER A 52 -1.26 -14.61 3.02
C SER A 52 -0.68 -13.68 1.95
N ALA A 53 -0.11 -12.54 2.34
CA ALA A 53 0.70 -11.69 1.47
C ALA A 53 2.12 -12.25 1.45
N ASP A 54 2.31 -13.44 0.90
CA ASP A 54 3.59 -14.17 0.89
C ASP A 54 4.57 -13.59 -0.14
N TRP A 55 4.27 -12.39 -0.63
CA TRP A 55 5.14 -11.50 -1.36
C TRP A 55 5.82 -10.48 -0.43
N ILE A 56 5.39 -10.33 0.82
CA ILE A 56 6.08 -9.58 1.87
C ILE A 56 6.93 -10.58 2.65
N GLU A 57 8.09 -10.10 3.09
CA GLU A 57 9.03 -10.82 3.94
C GLU A 57 8.35 -11.17 5.26
N GLU A 58 8.61 -12.34 5.81
CA GLU A 58 8.13 -12.68 7.14
C GLU A 58 8.45 -11.63 8.23
N PRO A 59 9.68 -11.10 8.31
CA PRO A 59 10.02 -10.25 9.45
C PRO A 59 9.40 -8.85 9.28
N VAL A 60 9.08 -8.48 8.04
CA VAL A 60 8.38 -7.27 7.65
C VAL A 60 6.89 -7.48 7.88
N ARG A 61 6.31 -8.62 7.50
CA ARG A 61 4.90 -8.92 7.69
C ARG A 61 4.52 -8.73 9.13
N GLN A 62 5.25 -9.38 10.03
CA GLN A 62 4.94 -9.29 11.44
C GLN A 62 5.26 -7.91 12.01
N LYS A 63 6.01 -7.05 11.31
CA LYS A 63 6.05 -5.63 11.60
C LYS A 63 4.68 -5.03 11.31
N ILE A 64 4.21 -4.98 10.07
CA ILE A 64 2.95 -4.41 9.62
C ILE A 64 1.78 -4.96 10.46
N ALA A 65 1.83 -6.23 10.86
CA ALA A 65 0.85 -6.89 11.70
C ALA A 65 0.61 -6.10 12.99
N LEU A 66 1.68 -5.51 13.51
CA LEU A 66 1.76 -4.75 14.73
C LEU A 66 1.75 -3.25 14.42
N THR A 67 2.77 -2.75 13.73
CA THR A 67 3.04 -1.33 13.54
C THR A 67 1.97 -0.66 12.66
N HIS A 68 1.20 -1.43 11.88
CA HIS A 68 0.09 -0.93 11.09
C HIS A 68 -1.22 -1.56 11.53
N LYS A 69 -1.33 -2.04 12.78
CA LYS A 69 -2.57 -2.66 13.24
C LYS A 69 -3.78 -1.74 13.17
N ASN A 70 -3.58 -0.42 13.27
CA ASN A 70 -4.69 0.51 13.13
C ASN A 70 -5.25 0.48 11.71
N LYS A 71 -4.42 0.08 10.74
CA LYS A 71 -4.75 -0.14 9.34
C LYS A 71 -5.24 -1.56 9.09
N ILE A 72 -5.18 -2.46 10.08
CA ILE A 72 -5.83 -3.74 9.96
C ILE A 72 -7.30 -3.52 10.29
N ASN A 73 -8.16 -4.26 9.61
CA ASN A 73 -9.57 -4.39 9.98
C ASN A 73 -9.67 -5.13 11.33
N LYS A 74 -9.90 -6.43 11.28
CA LYS A 74 -10.10 -7.38 12.36
C LYS A 74 -9.58 -8.73 11.88
N ALA A 75 -9.91 -9.09 10.64
CA ALA A 75 -9.53 -10.31 9.98
C ALA A 75 -8.03 -10.41 9.66
N GLY A 76 -7.18 -9.47 10.12
CA GLY A 76 -5.77 -9.55 9.78
C GLY A 76 -5.53 -9.12 8.33
N GLU A 77 -6.53 -8.50 7.69
CA GLU A 77 -6.33 -7.81 6.44
C GLU A 77 -5.92 -6.39 6.77
N LEU A 78 -4.90 -5.92 6.06
CA LEU A 78 -4.43 -4.56 6.09
C LEU A 78 -5.26 -3.84 5.05
N VAL A 79 -6.08 -2.88 5.43
CA VAL A 79 -6.91 -2.10 4.55
C VAL A 79 -6.68 -0.61 4.80
N LEU A 80 -5.98 0.03 3.86
CA LEU A 80 -5.75 1.46 3.86
C LEU A 80 -6.44 2.07 2.64
N THR A 81 -6.66 3.38 2.69
CA THR A 81 -7.25 4.16 1.61
C THR A 81 -6.28 5.35 1.44
N SER A 82 -6.05 5.82 0.23
CA SER A 82 -5.41 7.11 0.00
C SER A 82 -6.05 7.77 -1.21
N GLU A 83 -6.20 9.10 -1.19
CA GLU A 83 -7.17 9.83 -1.97
C GLU A 83 -6.70 11.28 -2.08
N SER A 84 -6.58 11.81 -3.29
CA SER A 84 -5.89 13.07 -3.55
C SER A 84 -6.15 13.56 -4.99
N SER A 85 -5.90 12.68 -5.96
CA SER A 85 -6.11 12.91 -7.37
C SER A 85 -7.54 12.53 -7.75
N ARG A 86 -7.99 12.97 -8.94
CA ARG A 86 -9.26 12.52 -9.51
C ARG A 86 -9.12 11.19 -10.23
N TYR A 87 -7.91 10.64 -10.36
CA TYR A 87 -7.61 9.47 -11.16
C TYR A 87 -7.56 8.21 -10.29
N GLN A 88 -8.33 7.18 -10.67
CA GLN A 88 -8.39 5.91 -9.94
C GLN A 88 -7.01 5.30 -9.70
N PHE A 89 -6.27 4.99 -10.77
CA PHE A 89 -4.97 4.32 -10.70
C PHE A 89 -3.97 5.17 -9.92
N ARG A 90 -4.04 6.51 -10.00
CA ARG A 90 -3.06 7.39 -9.37
C ARG A 90 -3.24 7.40 -7.84
N ASN A 91 -4.49 7.35 -7.38
CA ASN A 91 -4.81 7.27 -5.96
C ASN A 91 -4.52 5.87 -5.44
N LEU A 92 -4.89 4.85 -6.21
CA LEU A 92 -4.53 3.46 -6.02
C LEU A 92 -3.00 3.35 -5.87
N ALA A 93 -2.23 4.05 -6.70
CA ALA A 93 -0.77 4.09 -6.66
C ALA A 93 -0.23 4.72 -5.38
N GLU A 94 -0.91 5.72 -4.79
CA GLU A 94 -0.55 6.29 -3.50
C GLU A 94 -0.67 5.21 -2.42
N CYS A 95 -1.76 4.44 -2.44
CA CYS A 95 -1.93 3.28 -1.59
C CYS A 95 -0.73 2.34 -1.72
N LEU A 96 -0.34 1.99 -2.95
CA LEU A 96 0.79 1.10 -3.19
C LEU A 96 2.10 1.74 -2.74
N GLN A 97 2.23 3.06 -2.86
CA GLN A 97 3.42 3.80 -2.46
C GLN A 97 3.58 3.67 -0.96
N LYS A 98 2.50 3.73 -0.17
CA LYS A 98 2.66 3.54 1.26
C LYS A 98 2.99 2.09 1.49
N ILE A 99 2.30 1.12 0.89
CA ILE A 99 2.64 -0.30 1.01
C ILE A 99 4.16 -0.53 0.86
N ARG A 100 4.82 0.12 -0.10
CA ARG A 100 6.25 0.06 -0.32
C ARG A 100 7.00 0.66 0.88
N ASP A 101 6.63 1.85 1.32
CA ASP A 101 7.29 2.58 2.40
C ASP A 101 7.07 1.91 3.76
N MET A 102 5.88 1.38 4.01
CA MET A 102 5.47 0.59 5.16
C MET A 102 6.35 -0.67 5.27
N ILE A 103 6.80 -1.21 4.13
CA ILE A 103 7.63 -2.40 4.09
C ILE A 103 9.09 -1.96 4.30
N ALA A 104 9.53 -0.88 3.65
CA ALA A 104 10.88 -0.35 3.83
C ALA A 104 11.12 -0.07 5.32
N GLU A 105 10.19 0.63 5.96
CA GLU A 105 10.29 1.05 7.35
C GLU A 105 10.20 -0.12 8.34
N ALA A 106 9.78 -1.28 7.84
CA ALA A 106 9.67 -2.50 8.59
C ALA A 106 10.83 -3.47 8.28
N SER A 107 11.58 -3.20 7.23
CA SER A 107 12.66 -4.04 6.72
C SER A 107 13.97 -3.57 7.35
N GLY A 108 14.23 -2.27 7.28
CA GLY A 108 15.44 -1.62 7.72
C GLY A 108 15.92 -0.69 6.60
N PRO A 109 16.43 0.50 6.94
CA PRO A 109 16.84 1.49 5.94
C PRO A 109 18.12 1.08 5.20
N SER A 110 18.98 0.33 5.88
CA SER A 110 20.32 0.03 5.43
C SER A 110 20.69 -1.32 6.03
N SER A 111 20.36 -2.42 5.33
CA SER A 111 20.69 -3.75 5.82
C SER A 111 22.22 -3.86 5.99
N GLY A 112 22.66 -4.54 7.05
CA GLY A 112 24.00 -4.42 7.58
C GLY A 112 24.17 -5.52 8.59
N GLY A 1 27.04 -9.81 -30.59
CA GLY A 1 27.50 -9.65 -29.20
C GLY A 1 26.57 -8.70 -28.47
N SER A 2 26.48 -8.83 -27.15
CA SER A 2 25.55 -8.11 -26.28
C SER A 2 26.30 -7.75 -24.98
N SER A 3 25.64 -6.99 -24.11
CA SER A 3 25.95 -6.86 -22.71
C SER A 3 24.60 -6.78 -21.97
N GLY A 4 24.61 -6.72 -20.64
CA GLY A 4 23.38 -6.76 -19.87
C GLY A 4 22.58 -8.03 -20.20
N SER A 5 21.25 -7.94 -20.13
CA SER A 5 20.28 -9.04 -20.21
C SER A 5 20.36 -9.96 -18.98
N SER A 6 21.47 -9.97 -18.25
CA SER A 6 21.65 -10.48 -16.90
C SER A 6 20.84 -9.69 -15.88
N GLY A 7 20.79 -8.37 -16.01
CA GLY A 7 20.24 -7.49 -15.00
C GLY A 7 21.23 -7.33 -13.85
N GLU A 8 20.87 -6.47 -12.93
CA GLU A 8 21.40 -6.46 -11.58
C GLU A 8 20.18 -6.59 -10.69
N HIS A 9 19.92 -7.79 -10.17
CA HIS A 9 18.81 -8.02 -9.26
C HIS A 9 19.22 -7.53 -7.88
N ALA A 10 19.28 -6.20 -7.74
CA ALA A 10 19.73 -5.44 -6.61
C ALA A 10 18.68 -4.33 -6.43
N LYS A 11 17.72 -4.56 -5.55
CA LYS A 11 16.63 -3.66 -5.20
C LYS A 11 16.25 -3.93 -3.74
N GLN A 12 15.41 -3.08 -3.18
CA GLN A 12 14.71 -3.27 -1.92
C GLN A 12 13.25 -2.86 -2.11
N ALA A 13 12.35 -3.33 -1.23
CA ALA A 13 10.90 -3.38 -1.42
C ALA A 13 10.49 -4.05 -2.74
N SER A 14 9.19 -4.32 -2.89
CA SER A 14 8.64 -4.96 -4.08
C SER A 14 8.70 -4.01 -5.27
N SER A 15 8.12 -2.81 -5.11
CA SER A 15 7.74 -1.88 -6.17
C SER A 15 6.68 -2.42 -7.15
N TYR A 16 6.78 -3.67 -7.60
CA TYR A 16 5.84 -4.29 -8.53
C TYR A 16 4.39 -4.34 -8.01
N ILE A 17 4.20 -4.36 -6.68
CA ILE A 17 2.96 -4.47 -5.90
C ILE A 17 1.80 -5.12 -6.70
N PRO A 18 1.60 -6.43 -6.55
CA PRO A 18 0.75 -7.23 -7.41
C PRO A 18 -0.72 -6.96 -7.10
N LEU A 19 -1.32 -6.00 -7.81
CA LEU A 19 -2.69 -5.54 -7.61
C LEU A 19 -3.66 -6.73 -7.52
N ASP A 20 -3.55 -7.69 -8.43
CA ASP A 20 -4.35 -8.91 -8.49
C ASP A 20 -4.36 -9.66 -7.16
N ARG A 21 -3.21 -9.81 -6.48
CA ARG A 21 -3.12 -10.47 -5.19
C ARG A 21 -3.83 -9.72 -4.08
N LEU A 22 -3.95 -8.40 -4.21
CA LEU A 22 -4.62 -7.54 -3.25
C LEU A 22 -6.11 -7.52 -3.59
N SER A 23 -6.84 -6.63 -2.94
CA SER A 23 -8.28 -6.48 -2.98
C SER A 23 -8.50 -4.98 -3.13
N ILE A 24 -8.65 -4.47 -4.35
CA ILE A 24 -8.77 -3.04 -4.60
C ILE A 24 -10.24 -2.69 -4.42
N SER A 25 -10.55 -1.47 -3.98
CA SER A 25 -11.88 -0.94 -4.11
C SER A 25 -11.73 0.56 -4.32
N TYR A 26 -12.27 1.08 -5.41
CA TYR A 26 -12.60 2.50 -5.42
C TYR A 26 -13.88 2.71 -4.63
N CYS A 27 -14.15 3.95 -4.24
CA CYS A 27 -15.32 4.34 -3.49
C CYS A 27 -15.53 5.86 -3.64
N ARG A 28 -16.44 6.42 -2.84
CA ARG A 28 -16.85 7.82 -2.89
C ARG A 28 -15.97 8.79 -2.08
N SER A 29 -15.23 8.28 -1.08
CA SER A 29 -14.51 9.05 -0.05
C SER A 29 -15.48 9.82 0.87
N SER A 30 -15.95 10.98 0.45
CA SER A 30 -16.84 11.84 1.22
C SER A 30 -17.70 12.63 0.23
N GLY A 31 -18.96 12.86 0.57
CA GLY A 31 -19.83 13.79 -0.13
C GLY A 31 -20.19 14.94 0.81
N PRO A 32 -21.13 14.73 1.75
CA PRO A 32 -21.59 15.76 2.66
C PRO A 32 -20.46 16.14 3.61
N GLY A 33 -19.97 17.37 3.51
CA GLY A 33 -18.88 17.92 4.30
C GLY A 33 -17.86 18.39 3.30
N GLY A 34 -16.92 17.52 3.00
CA GLY A 34 -15.86 17.78 2.07
C GLY A 34 -14.64 16.96 2.47
N GLN A 35 -13.61 17.02 1.64
CA GLN A 35 -12.30 16.45 1.91
C GLN A 35 -11.38 16.89 0.78
N ASN A 36 -11.84 16.63 -0.45
CA ASN A 36 -11.24 16.99 -1.73
C ASN A 36 -12.18 16.69 -2.90
N VAL A 37 -13.23 15.90 -2.66
CA VAL A 37 -13.90 15.12 -3.68
C VAL A 37 -14.48 16.05 -4.74
N ASN A 38 -15.29 17.02 -4.30
CA ASN A 38 -15.79 18.20 -5.01
C ASN A 38 -16.75 17.86 -6.13
N LYS A 39 -16.27 17.12 -7.14
CA LYS A 39 -17.01 16.66 -8.29
C LYS A 39 -16.78 15.17 -8.44
N VAL A 40 -15.66 14.80 -9.02
CA VAL A 40 -15.42 13.45 -9.48
C VAL A 40 -15.06 12.55 -8.29
N ASN A 41 -16.06 11.87 -7.73
CA ASN A 41 -15.87 10.95 -6.62
C ASN A 41 -15.01 9.75 -7.03
N SER A 42 -13.85 9.56 -6.38
CA SER A 42 -12.82 8.59 -6.72
C SER A 42 -11.86 8.44 -5.54
N LYS A 43 -12.31 7.70 -4.52
CA LYS A 43 -11.46 7.11 -3.49
C LYS A 43 -10.66 5.98 -4.11
N ALA A 44 -9.53 5.60 -3.51
CA ALA A 44 -8.93 4.30 -3.72
C ALA A 44 -8.65 3.72 -2.35
N GLU A 45 -8.95 2.45 -2.20
CA GLU A 45 -8.77 1.61 -1.04
C GLU A 45 -8.14 0.32 -1.55
N VAL A 46 -7.30 -0.28 -0.72
CA VAL A 46 -6.62 -1.53 -0.98
C VAL A 46 -6.70 -2.33 0.32
N ARG A 47 -7.09 -3.61 0.23
CA ARG A 47 -7.10 -4.56 1.32
C ARG A 47 -6.25 -5.76 0.93
N PHE A 48 -5.47 -6.33 1.84
CA PHE A 48 -4.88 -7.66 1.67
C PHE A 48 -4.73 -8.33 3.02
N HIS A 49 -4.91 -9.66 3.10
CA HIS A 49 -4.45 -10.46 4.23
C HIS A 49 -2.94 -10.36 4.26
N LEU A 50 -2.45 -9.62 5.24
CA LEU A 50 -1.04 -9.38 5.50
C LEU A 50 -0.31 -10.71 5.61
N ALA A 51 -0.85 -11.65 6.40
CA ALA A 51 -0.18 -12.92 6.65
C ALA A 51 0.09 -13.70 5.36
N SER A 52 -0.79 -13.60 4.36
CA SER A 52 -0.69 -14.32 3.11
C SER A 52 -0.05 -13.44 2.02
N ALA A 53 0.43 -12.24 2.36
CA ALA A 53 1.15 -11.40 1.43
C ALA A 53 2.57 -11.94 1.28
N ASP A 54 2.76 -13.00 0.48
CA ASP A 54 4.04 -13.69 0.30
C ASP A 54 5.09 -12.82 -0.41
N TRP A 55 4.65 -11.72 -1.04
CA TRP A 55 5.51 -10.67 -1.58
C TRP A 55 6.04 -9.74 -0.47
N ILE A 56 5.63 -9.93 0.78
CA ILE A 56 6.19 -9.30 1.95
C ILE A 56 7.07 -10.34 2.64
N GLU A 57 8.20 -9.86 3.16
CA GLU A 57 9.20 -10.62 3.89
C GLU A 57 8.58 -11.04 5.22
N GLU A 58 8.88 -12.25 5.69
CA GLU A 58 8.53 -12.72 7.03
C GLU A 58 8.71 -11.64 8.11
N PRO A 59 9.89 -10.97 8.18
CA PRO A 59 10.13 -10.09 9.31
C PRO A 59 9.34 -8.80 9.16
N VAL A 60 8.93 -8.45 7.93
CA VAL A 60 8.18 -7.26 7.63
C VAL A 60 6.68 -7.56 7.81
N ARG A 61 6.22 -8.79 7.50
CA ARG A 61 4.83 -9.20 7.69
C ARG A 61 4.44 -8.95 9.15
N GLN A 62 5.20 -9.51 10.08
CA GLN A 62 4.91 -9.36 11.50
C GLN A 62 5.13 -7.92 11.99
N LYS A 63 5.95 -7.11 11.28
CA LYS A 63 6.00 -5.70 11.59
C LYS A 63 4.64 -5.10 11.28
N ILE A 64 4.19 -5.09 10.03
CA ILE A 64 2.93 -4.56 9.54
C ILE A 64 1.73 -5.08 10.37
N ALA A 65 1.80 -6.29 10.93
CA ALA A 65 0.82 -6.84 11.86
C ALA A 65 0.63 -5.96 13.10
N LEU A 66 1.74 -5.44 13.62
CA LEU A 66 1.93 -4.64 14.82
C LEU A 66 2.08 -3.15 14.50
N THR A 67 3.12 -2.78 13.76
CA THR A 67 3.48 -1.45 13.33
C THR A 67 2.26 -0.78 12.71
N HIS A 68 1.58 -1.49 11.81
CA HIS A 68 0.48 -0.95 11.01
C HIS A 68 -0.84 -1.57 11.42
N LYS A 69 -0.93 -1.99 12.68
CA LYS A 69 -2.13 -2.48 13.32
C LYS A 69 -3.30 -1.53 13.19
N ASN A 70 -3.07 -0.21 13.22
CA ASN A 70 -4.06 0.79 12.93
C ASN A 70 -4.77 0.56 11.60
N LYS A 71 -4.02 0.10 10.60
CA LYS A 71 -4.52 -0.15 9.25
C LYS A 71 -5.11 -1.57 9.13
N ILE A 72 -4.99 -2.44 10.14
CA ILE A 72 -5.68 -3.73 10.13
C ILE A 72 -7.13 -3.48 10.53
N ASN A 73 -8.06 -4.22 9.88
CA ASN A 73 -9.46 -4.22 10.29
C ASN A 73 -9.58 -4.83 11.68
N LYS A 74 -9.39 -6.15 11.81
CA LYS A 74 -9.25 -6.93 13.05
C LYS A 74 -8.70 -8.30 12.65
N ALA A 75 -9.16 -8.84 11.51
CA ALA A 75 -8.80 -10.18 11.04
C ALA A 75 -7.32 -10.34 10.73
N GLY A 76 -6.61 -9.24 10.44
CA GLY A 76 -5.27 -9.26 9.87
C GLY A 76 -5.26 -8.80 8.42
N GLU A 77 -6.42 -8.67 7.77
CA GLU A 77 -6.46 -7.96 6.50
C GLU A 77 -6.17 -6.48 6.77
N LEU A 78 -5.07 -6.00 6.18
CA LEU A 78 -4.57 -4.65 6.20
C LEU A 78 -5.36 -3.90 5.15
N VAL A 79 -6.13 -2.89 5.53
CA VAL A 79 -6.93 -2.07 4.64
C VAL A 79 -6.54 -0.62 4.90
N LEU A 80 -6.04 0.06 3.88
CA LEU A 80 -5.76 1.49 3.87
C LEU A 80 -6.34 2.12 2.62
N THR A 81 -6.41 3.45 2.61
CA THR A 81 -6.96 4.20 1.50
C THR A 81 -6.02 5.38 1.26
N SER A 82 -5.89 5.83 0.02
CA SER A 82 -5.18 7.03 -0.35
C SER A 82 -5.96 7.66 -1.48
N GLU A 83 -6.34 8.94 -1.35
CA GLU A 83 -7.01 9.64 -2.42
C GLU A 83 -6.87 11.15 -2.23
N SER A 84 -6.59 11.86 -3.33
CA SER A 84 -6.59 13.31 -3.49
C SER A 84 -6.38 13.70 -4.97
N SER A 85 -6.88 12.89 -5.91
CA SER A 85 -7.03 13.23 -7.32
C SER A 85 -8.35 12.65 -7.83
N ARG A 86 -8.82 13.03 -9.02
CA ARG A 86 -10.03 12.43 -9.61
C ARG A 86 -9.81 11.05 -10.27
N TYR A 87 -8.55 10.62 -10.39
CA TYR A 87 -8.16 9.41 -11.08
C TYR A 87 -8.42 8.16 -10.24
N GLN A 88 -8.13 6.99 -10.78
CA GLN A 88 -8.39 5.69 -10.17
C GLN A 88 -7.03 5.11 -9.82
N PHE A 89 -6.30 4.65 -10.84
CA PHE A 89 -4.95 4.11 -10.69
C PHE A 89 -4.02 5.13 -10.03
N ARG A 90 -4.12 6.44 -10.29
CA ARG A 90 -3.23 7.41 -9.64
C ARG A 90 -3.38 7.41 -8.12
N ASN A 91 -4.62 7.37 -7.62
CA ASN A 91 -4.90 7.39 -6.18
C ASN A 91 -4.47 6.05 -5.56
N LEU A 92 -4.88 4.95 -6.21
CA LEU A 92 -4.48 3.59 -5.92
C LEU A 92 -2.96 3.48 -5.86
N ALA A 93 -2.23 4.12 -6.76
CA ALA A 93 -0.77 4.09 -6.82
C ALA A 93 -0.16 4.59 -5.51
N GLU A 94 -0.71 5.63 -4.86
CA GLU A 94 -0.21 6.05 -3.58
C GLU A 94 -0.52 5.05 -2.50
N CYS A 95 -1.65 4.34 -2.60
CA CYS A 95 -1.93 3.26 -1.68
C CYS A 95 -0.78 2.26 -1.75
N LEU A 96 -0.30 1.93 -2.96
CA LEU A 96 0.83 1.04 -3.20
C LEU A 96 2.15 1.70 -2.74
N GLN A 97 2.31 3.02 -2.91
CA GLN A 97 3.48 3.75 -2.43
C GLN A 97 3.53 3.67 -0.90
N LYS A 98 2.38 3.75 -0.21
CA LYS A 98 2.39 3.61 1.23
C LYS A 98 2.82 2.19 1.51
N ILE A 99 2.13 1.18 0.96
CA ILE A 99 2.48 -0.22 1.11
C ILE A 99 4.00 -0.45 1.01
N ARG A 100 4.67 0.11 0.02
CA ARG A 100 6.11 0.00 -0.18
C ARG A 100 6.83 0.62 1.01
N ASP A 101 6.44 1.83 1.41
CA ASP A 101 7.07 2.53 2.52
C ASP A 101 6.82 1.85 3.87
N MET A 102 5.62 1.29 4.05
CA MET A 102 5.17 0.51 5.21
C MET A 102 5.97 -0.80 5.30
N ILE A 103 6.54 -1.24 4.19
CA ILE A 103 7.45 -2.38 4.13
C ILE A 103 8.87 -1.88 4.34
N ALA A 104 9.25 -0.72 3.79
CA ALA A 104 10.57 -0.15 3.90
C ALA A 104 10.91 0.16 5.36
N GLU A 105 9.99 0.80 6.09
CA GLU A 105 10.15 1.11 7.50
C GLU A 105 10.35 -0.18 8.30
N ALA A 106 9.58 -1.21 7.94
CA ALA A 106 9.56 -2.49 8.58
C ALA A 106 10.77 -3.38 8.22
N SER A 107 11.58 -2.99 7.23
CA SER A 107 12.71 -3.74 6.70
C SER A 107 14.04 -3.09 7.10
N GLY A 108 14.00 -1.85 7.59
CA GLY A 108 15.14 -1.12 8.15
C GLY A 108 15.15 -1.21 9.68
N PRO A 109 15.92 -0.37 10.39
CA PRO A 109 15.81 -0.23 11.84
C PRO A 109 14.45 0.38 12.20
N SER A 110 13.69 -0.28 13.08
CA SER A 110 12.33 0.05 13.47
C SER A 110 12.26 1.44 14.11
N SER A 111 11.91 2.46 13.34
CA SER A 111 11.98 3.88 13.68
C SER A 111 13.42 4.34 13.94
N GLY A 112 14.09 3.79 14.95
CA GLY A 112 15.45 4.07 15.34
C GLY A 112 15.86 3.08 16.42
N GLY A 1 25.05 15.94 -6.31
CA GLY A 1 24.14 14.80 -6.39
C GLY A 1 23.12 14.99 -7.49
N SER A 2 21.93 14.39 -7.30
CA SER A 2 20.83 14.30 -8.25
C SER A 2 21.17 13.38 -9.43
N SER A 3 20.19 12.60 -9.89
CA SER A 3 20.30 11.83 -11.12
C SER A 3 18.91 11.40 -11.59
N GLY A 4 18.80 10.98 -12.86
CA GLY A 4 17.58 10.45 -13.45
C GLY A 4 17.88 10.17 -14.92
N SER A 5 18.13 8.91 -15.27
CA SER A 5 18.32 8.47 -16.64
C SER A 5 18.18 6.96 -16.74
N SER A 6 17.87 6.50 -17.96
CA SER A 6 17.82 5.12 -18.42
C SER A 6 17.41 4.12 -17.32
N GLY A 7 16.25 4.35 -16.69
CA GLY A 7 15.79 3.54 -15.59
C GLY A 7 14.50 4.11 -15.04
N GLU A 8 13.43 4.02 -15.83
CA GLU A 8 12.10 4.52 -15.50
C GLU A 8 11.59 3.83 -14.23
N HIS A 9 11.72 4.52 -13.09
CA HIS A 9 11.62 4.01 -11.72
C HIS A 9 12.32 2.65 -11.51
N ALA A 10 13.35 2.34 -12.31
CA ALA A 10 14.13 1.12 -12.20
C ALA A 10 15.03 1.21 -10.97
N LYS A 11 14.45 0.93 -9.80
CA LYS A 11 15.12 0.85 -8.52
C LYS A 11 14.32 -0.11 -7.64
N GLN A 12 14.88 -0.45 -6.48
CA GLN A 12 14.40 -1.48 -5.56
C GLN A 12 14.19 -2.85 -6.23
N ALA A 13 13.86 -3.85 -5.41
CA ALA A 13 13.38 -5.16 -5.85
C ALA A 13 11.86 -5.17 -5.75
N SER A 14 11.33 -5.01 -4.55
CA SER A 14 9.90 -5.17 -4.28
C SER A 14 9.08 -3.93 -4.59
N SER A 15 9.54 -3.15 -5.56
CA SER A 15 8.92 -1.93 -6.06
C SER A 15 7.60 -2.20 -6.79
N TYR A 16 7.28 -3.46 -7.13
CA TYR A 16 6.13 -3.82 -7.97
C TYR A 16 4.80 -3.55 -7.27
N ILE A 17 4.51 -4.26 -6.17
CA ILE A 17 3.20 -4.36 -5.53
C ILE A 17 2.18 -5.04 -6.47
N PRO A 18 1.87 -6.33 -6.23
CA PRO A 18 1.06 -7.15 -7.11
C PRO A 18 -0.43 -6.88 -6.87
N LEU A 19 -1.02 -6.01 -7.68
CA LEU A 19 -2.42 -5.61 -7.54
C LEU A 19 -3.37 -6.80 -7.62
N ASP A 20 -3.03 -7.86 -8.35
CA ASP A 20 -3.86 -9.07 -8.42
C ASP A 20 -4.05 -9.67 -7.04
N ARG A 21 -2.96 -9.77 -6.27
CA ARG A 21 -2.95 -10.34 -4.93
C ARG A 21 -3.65 -9.47 -3.90
N LEU A 22 -4.05 -8.24 -4.21
CA LEU A 22 -4.74 -7.35 -3.27
C LEU A 22 -6.24 -7.30 -3.62
N SER A 23 -6.99 -6.50 -2.86
CA SER A 23 -8.43 -6.34 -2.94
C SER A 23 -8.71 -4.84 -3.08
N ILE A 24 -8.66 -4.34 -4.31
CA ILE A 24 -8.76 -2.91 -4.65
C ILE A 24 -10.23 -2.57 -4.71
N SER A 25 -10.63 -1.40 -4.20
CA SER A 25 -12.00 -0.92 -4.36
C SER A 25 -12.01 0.61 -4.37
N TYR A 26 -12.43 1.25 -5.46
CA TYR A 26 -12.63 2.70 -5.50
C TYR A 26 -13.94 3.07 -4.82
N CYS A 27 -14.15 4.34 -4.44
CA CYS A 27 -15.39 4.77 -3.82
C CYS A 27 -15.76 6.18 -4.25
N ARG A 28 -16.97 6.60 -3.89
CA ARG A 28 -17.33 7.99 -3.68
C ARG A 28 -16.73 8.36 -2.33
N SER A 29 -16.03 9.48 -2.28
CA SER A 29 -15.21 9.82 -1.13
C SER A 29 -16.03 10.38 0.05
N SER A 30 -15.66 9.97 1.25
CA SER A 30 -16.03 10.61 2.51
C SER A 30 -14.73 11.03 3.17
N GLY A 31 -14.52 12.33 3.30
CA GLY A 31 -13.83 12.84 4.46
C GLY A 31 -14.75 12.71 5.69
N PRO A 32 -14.21 12.81 6.90
CA PRO A 32 -15.01 12.96 8.11
C PRO A 32 -15.68 14.34 8.14
N GLY A 33 -15.00 15.39 7.66
CA GLY A 33 -15.49 16.76 7.64
C GLY A 33 -14.91 17.54 6.47
N GLY A 34 -14.85 16.92 5.29
CA GLY A 34 -14.22 17.47 4.10
C GLY A 34 -12.70 17.48 4.23
N GLN A 35 -12.02 17.87 3.15
CA GLN A 35 -10.57 18.06 3.09
C GLN A 35 -10.26 18.68 1.73
N ASN A 36 -10.59 17.93 0.67
CA ASN A 36 -10.38 18.27 -0.75
C ASN A 36 -11.61 17.93 -1.59
N VAL A 37 -12.67 17.40 -0.96
CA VAL A 37 -13.65 16.50 -1.56
C VAL A 37 -14.74 17.24 -2.39
N ASN A 38 -14.42 18.43 -2.95
CA ASN A 38 -15.36 19.28 -3.67
C ASN A 38 -16.10 18.55 -4.77
N LYS A 39 -15.44 18.21 -5.89
CA LYS A 39 -16.02 17.41 -6.98
C LYS A 39 -15.03 16.41 -7.58
N VAL A 40 -13.93 16.17 -6.88
CA VAL A 40 -12.93 15.18 -7.29
C VAL A 40 -13.55 13.77 -7.31
N ASN A 41 -14.47 13.48 -6.39
CA ASN A 41 -15.28 12.28 -6.25
C ASN A 41 -14.56 11.01 -6.70
N SER A 42 -13.49 10.65 -6.02
CA SER A 42 -12.75 9.43 -6.24
C SER A 42 -12.01 9.14 -4.96
N LYS A 43 -12.03 7.88 -4.55
CA LYS A 43 -11.23 7.30 -3.48
C LYS A 43 -10.63 6.04 -4.06
N ALA A 44 -9.52 5.57 -3.49
CA ALA A 44 -9.05 4.20 -3.63
C ALA A 44 -8.95 3.64 -2.21
N GLU A 45 -9.47 2.45 -2.02
CA GLU A 45 -9.20 1.57 -0.90
C GLU A 45 -8.43 0.41 -1.50
N VAL A 46 -7.58 -0.23 -0.72
CA VAL A 46 -7.10 -1.56 -1.04
C VAL A 46 -6.94 -2.31 0.27
N ARG A 47 -7.26 -3.60 0.25
CA ARG A 47 -7.18 -4.52 1.36
C ARG A 47 -6.34 -5.72 0.94
N PHE A 48 -5.57 -6.31 1.84
CA PHE A 48 -4.95 -7.60 1.61
C PHE A 48 -4.81 -8.33 2.94
N HIS A 49 -5.12 -9.63 3.01
CA HIS A 49 -4.62 -10.49 4.08
C HIS A 49 -3.11 -10.48 4.02
N LEU A 50 -2.52 -9.73 4.93
CA LEU A 50 -1.09 -9.61 5.12
C LEU A 50 -0.48 -11.00 5.30
N ALA A 51 -1.12 -11.86 6.09
CA ALA A 51 -0.54 -13.15 6.41
C ALA A 51 -0.70 -14.17 5.28
N SER A 52 -1.19 -13.76 4.11
CA SER A 52 -1.07 -14.48 2.84
C SER A 52 -0.32 -13.63 1.80
N ALA A 53 0.18 -12.44 2.17
CA ALA A 53 0.98 -11.62 1.27
C ALA A 53 2.42 -12.15 1.30
N ASP A 54 2.64 -13.32 0.72
CA ASP A 54 3.94 -14.02 0.75
C ASP A 54 5.05 -13.24 0.05
N TRP A 55 4.65 -12.25 -0.76
CA TRP A 55 5.52 -11.28 -1.42
C TRP A 55 6.09 -10.24 -0.43
N ILE A 56 5.60 -10.17 0.81
CA ILE A 56 6.21 -9.43 1.91
C ILE A 56 7.11 -10.41 2.66
N GLU A 57 8.28 -9.91 3.08
CA GLU A 57 9.25 -10.61 3.92
C GLU A 57 8.57 -11.06 5.20
N GLU A 58 8.92 -12.24 5.69
CA GLU A 58 8.44 -12.73 6.97
C GLU A 58 8.68 -11.74 8.13
N PRO A 59 9.83 -11.04 8.25
CA PRO A 59 10.01 -10.11 9.36
C PRO A 59 9.20 -8.83 9.15
N VAL A 60 8.98 -8.43 7.89
CA VAL A 60 8.23 -7.24 7.53
C VAL A 60 6.75 -7.51 7.80
N ARG A 61 6.21 -8.67 7.42
CA ARG A 61 4.82 -9.04 7.63
C ARG A 61 4.45 -8.82 9.10
N GLN A 62 5.16 -9.48 10.00
CA GLN A 62 4.84 -9.41 11.41
C GLN A 62 5.10 -8.02 11.98
N LYS A 63 5.90 -7.16 11.33
CA LYS A 63 5.98 -5.75 11.67
C LYS A 63 4.66 -5.10 11.32
N ILE A 64 4.22 -5.00 10.05
CA ILE A 64 2.96 -4.38 9.64
C ILE A 64 1.77 -4.94 10.42
N ALA A 65 1.82 -6.21 10.85
CA ALA A 65 0.80 -6.86 11.66
C ALA A 65 0.56 -6.10 12.98
N LEU A 66 1.63 -5.53 13.54
CA LEU A 66 1.73 -4.74 14.77
C LEU A 66 1.81 -3.24 14.47
N THR A 67 2.82 -2.82 13.71
CA THR A 67 3.23 -1.46 13.45
C THR A 67 2.19 -0.70 12.62
N HIS A 68 1.41 -1.41 11.82
CA HIS A 68 0.32 -0.84 11.03
C HIS A 68 -0.99 -1.52 11.40
N LYS A 69 -1.07 -2.06 12.61
CA LYS A 69 -2.28 -2.70 13.10
C LYS A 69 -3.48 -1.76 13.10
N ASN A 70 -3.24 -0.44 13.16
CA ASN A 70 -4.29 0.55 13.22
C ASN A 70 -4.94 0.71 11.85
N LYS A 71 -4.29 0.18 10.82
CA LYS A 71 -4.79 0.05 9.46
C LYS A 71 -5.56 -1.25 9.29
N ILE A 72 -5.10 -2.33 9.92
CA ILE A 72 -5.80 -3.61 9.94
C ILE A 72 -7.19 -3.39 10.55
N ASN A 73 -8.16 -4.15 10.04
CA ASN A 73 -9.52 -4.20 10.60
C ASN A 73 -9.51 -4.98 11.93
N LYS A 74 -9.11 -6.26 11.87
CA LYS A 74 -9.26 -7.29 12.89
C LYS A 74 -8.64 -8.58 12.35
N ALA A 75 -9.03 -8.99 11.13
CA ALA A 75 -8.71 -10.31 10.57
C ALA A 75 -7.27 -10.44 10.03
N GLY A 76 -6.39 -9.47 10.30
CA GLY A 76 -5.06 -9.46 9.73
C GLY A 76 -5.07 -9.03 8.27
N GLU A 77 -6.25 -8.67 7.75
CA GLU A 77 -6.37 -7.96 6.50
C GLU A 77 -6.02 -6.51 6.78
N LEU A 78 -4.91 -6.08 6.18
CA LEU A 78 -4.44 -4.71 6.17
C LEU A 78 -5.31 -4.04 5.13
N VAL A 79 -5.95 -2.92 5.48
CA VAL A 79 -6.64 -2.07 4.53
C VAL A 79 -6.06 -0.69 4.74
N LEU A 80 -5.94 0.11 3.68
CA LEU A 80 -5.68 1.53 3.75
C LEU A 80 -6.36 2.19 2.58
N THR A 81 -6.42 3.52 2.61
CA THR A 81 -7.03 4.31 1.57
C THR A 81 -6.08 5.45 1.29
N SER A 82 -6.06 5.96 0.06
CA SER A 82 -5.35 7.17 -0.28
C SER A 82 -6.21 7.91 -1.30
N GLU A 83 -6.43 9.22 -1.11
CA GLU A 83 -7.33 10.02 -1.93
C GLU A 83 -6.65 11.35 -2.24
N SER A 84 -6.36 11.61 -3.51
CA SER A 84 -5.74 12.84 -3.98
C SER A 84 -6.22 13.21 -5.39
N SER A 85 -6.58 12.24 -6.23
CA SER A 85 -6.80 12.44 -7.65
C SER A 85 -8.24 12.11 -8.02
N ARG A 86 -8.60 12.48 -9.24
CA ARG A 86 -9.86 12.10 -9.88
C ARG A 86 -9.73 10.75 -10.60
N TYR A 87 -8.50 10.31 -10.90
CA TYR A 87 -8.23 9.07 -11.61
C TYR A 87 -8.43 7.84 -10.72
N GLN A 88 -8.60 6.65 -11.31
CA GLN A 88 -8.61 5.40 -10.54
C GLN A 88 -7.18 5.00 -10.10
N PHE A 89 -6.36 4.47 -11.03
CA PHE A 89 -5.04 3.90 -10.70
C PHE A 89 -4.17 4.90 -9.93
N ARG A 90 -4.20 6.21 -10.19
CA ARG A 90 -3.42 7.17 -9.43
C ARG A 90 -3.65 7.09 -7.91
N ASN A 91 -4.91 7.17 -7.49
CA ASN A 91 -5.26 7.18 -6.06
C ASN A 91 -4.69 5.92 -5.44
N LEU A 92 -4.99 4.81 -6.11
CA LEU A 92 -4.60 3.45 -5.80
C LEU A 92 -3.07 3.29 -5.79
N ALA A 93 -2.33 4.00 -6.65
CA ALA A 93 -0.88 3.94 -6.77
C ALA A 93 -0.20 4.59 -5.57
N GLU A 94 -0.82 5.57 -4.90
CA GLU A 94 -0.32 6.09 -3.64
C GLU A 94 -0.44 5.02 -2.56
N CYS A 95 -1.56 4.29 -2.52
CA CYS A 95 -1.71 3.15 -1.63
C CYS A 95 -0.52 2.19 -1.80
N LEU A 96 -0.13 1.89 -3.04
CA LEU A 96 1.05 1.06 -3.32
C LEU A 96 2.33 1.72 -2.83
N GLN A 97 2.48 3.03 -3.02
CA GLN A 97 3.64 3.76 -2.53
C GLN A 97 3.73 3.66 -1.00
N LYS A 98 2.61 3.72 -0.26
CA LYS A 98 2.70 3.57 1.20
C LYS A 98 3.06 2.14 1.47
N ILE A 99 2.38 1.15 0.88
CA ILE A 99 2.75 -0.25 1.01
C ILE A 99 4.27 -0.45 0.91
N ARG A 100 4.98 0.21 -0.01
CA ARG A 100 6.44 0.11 -0.12
C ARG A 100 7.12 0.79 1.07
N ASP A 101 6.72 2.00 1.42
CA ASP A 101 7.27 2.74 2.55
C ASP A 101 7.11 1.95 3.85
N MET A 102 5.91 1.42 4.08
CA MET A 102 5.48 0.59 5.19
C MET A 102 6.34 -0.68 5.28
N ILE A 103 6.85 -1.15 4.14
CA ILE A 103 7.72 -2.31 4.02
C ILE A 103 9.14 -1.87 4.37
N ALA A 104 9.63 -0.75 3.84
CA ALA A 104 10.92 -0.16 4.17
C ALA A 104 11.04 0.08 5.68
N GLU A 105 10.02 0.68 6.28
CA GLU A 105 9.98 1.07 7.70
C GLU A 105 9.89 -0.15 8.63
N ALA A 106 9.69 -1.33 8.05
CA ALA A 106 9.65 -2.63 8.71
C ALA A 106 10.79 -3.54 8.24
N SER A 107 11.63 -3.09 7.30
CA SER A 107 12.65 -3.90 6.65
C SER A 107 14.03 -3.48 7.15
N GLY A 108 14.27 -2.17 7.26
CA GLY A 108 15.56 -1.63 7.66
C GLY A 108 15.90 -1.89 9.12
N PRO A 109 17.14 -1.55 9.51
CA PRO A 109 17.71 -1.92 10.79
C PRO A 109 17.29 -0.89 11.83
N SER A 110 16.84 -1.36 12.99
CA SER A 110 16.50 -0.51 14.11
C SER A 110 17.81 0.04 14.70
N SER A 111 17.80 1.32 15.06
CA SER A 111 18.92 2.14 15.49
C SER A 111 20.13 2.03 14.55
N GLY A 112 19.95 2.42 13.29
CA GLY A 112 21.02 2.62 12.34
C GLY A 112 21.40 4.08 12.34
N GLY A 1 45.78 -20.34 -11.49
CA GLY A 1 45.23 -19.70 -12.71
C GLY A 1 44.20 -18.66 -12.29
N SER A 2 43.62 -17.94 -13.25
CA SER A 2 42.72 -16.83 -13.01
C SER A 2 41.42 -17.13 -13.74
N SER A 3 40.36 -17.46 -13.01
CA SER A 3 39.04 -17.78 -13.53
C SER A 3 38.02 -17.50 -12.42
N GLY A 4 36.75 -17.34 -12.76
CA GLY A 4 35.71 -16.97 -11.80
C GLY A 4 34.76 -16.02 -12.50
N SER A 5 33.55 -16.48 -12.82
CA SER A 5 32.55 -15.71 -13.53
C SER A 5 31.18 -16.23 -13.09
N SER A 6 30.74 -15.83 -11.91
CA SER A 6 29.39 -16.09 -11.44
C SER A 6 28.42 -15.13 -12.13
N GLY A 7 27.13 -15.47 -12.17
CA GLY A 7 26.09 -14.57 -12.62
C GLY A 7 25.85 -13.52 -11.54
N GLU A 8 25.48 -13.98 -10.33
CA GLU A 8 25.24 -13.17 -9.13
C GLU A 8 24.51 -11.86 -9.49
N HIS A 9 23.42 -11.97 -10.25
CA HIS A 9 22.73 -10.79 -10.76
C HIS A 9 22.05 -10.05 -9.62
N ALA A 10 22.15 -8.71 -9.66
CA ALA A 10 21.42 -7.78 -8.82
C ALA A 10 19.91 -7.96 -9.02
N LYS A 11 19.28 -8.89 -8.31
CA LYS A 11 17.83 -9.06 -8.37
C LYS A 11 17.18 -7.86 -7.71
N GLN A 12 16.08 -7.35 -8.28
CA GLN A 12 15.36 -6.24 -7.67
C GLN A 12 14.72 -6.67 -6.35
N ALA A 13 14.76 -5.78 -5.35
CA ALA A 13 14.06 -5.94 -4.09
C ALA A 13 12.54 -5.86 -4.30
N SER A 14 11.93 -4.66 -4.27
CA SER A 14 10.48 -4.56 -4.38
C SER A 14 9.95 -3.14 -4.68
N SER A 15 9.65 -2.85 -5.94
CA SER A 15 8.90 -1.66 -6.36
C SER A 15 7.70 -2.02 -7.25
N TYR A 16 7.34 -3.31 -7.33
CA TYR A 16 6.31 -3.83 -8.22
C TYR A 16 4.90 -3.61 -7.68
N ILE A 17 4.60 -4.12 -6.49
CA ILE A 17 3.27 -4.32 -5.88
C ILE A 17 2.26 -4.98 -6.85
N PRO A 18 1.99 -6.28 -6.65
CA PRO A 18 1.10 -7.07 -7.52
C PRO A 18 -0.36 -6.76 -7.20
N LEU A 19 -1.02 -5.97 -8.05
CA LEU A 19 -2.36 -5.46 -7.76
C LEU A 19 -3.34 -6.61 -7.51
N ASP A 20 -3.32 -7.66 -8.33
CA ASP A 20 -4.24 -8.79 -8.20
C ASP A 20 -3.99 -9.66 -6.96
N ARG A 21 -2.83 -9.58 -6.29
CA ARG A 21 -2.67 -10.23 -4.98
C ARG A 21 -3.49 -9.51 -3.92
N LEU A 22 -3.93 -8.27 -4.17
CA LEU A 22 -4.58 -7.43 -3.19
C LEU A 22 -6.06 -7.27 -3.59
N SER A 23 -6.80 -6.63 -2.71
CA SER A 23 -8.22 -6.37 -2.80
C SER A 23 -8.34 -4.86 -2.97
N ILE A 24 -8.21 -4.40 -4.20
CA ILE A 24 -8.39 -2.99 -4.56
C ILE A 24 -9.90 -2.74 -4.56
N SER A 25 -10.32 -1.56 -4.10
CA SER A 25 -11.66 -1.08 -4.38
C SER A 25 -11.66 0.44 -4.49
N TYR A 26 -12.50 1.00 -5.36
CA TYR A 26 -12.79 2.43 -5.39
C TYR A 26 -14.17 2.68 -4.82
N CYS A 27 -14.30 3.81 -4.14
CA CYS A 27 -15.57 4.32 -3.63
C CYS A 27 -15.69 5.80 -3.99
N ARG A 28 -16.79 6.43 -3.61
CA ARG A 28 -16.81 7.87 -3.46
C ARG A 28 -15.86 8.25 -2.33
N SER A 29 -14.97 9.20 -2.59
CA SER A 29 -14.23 9.97 -1.60
C SER A 29 -15.22 10.87 -0.84
N SER A 30 -15.35 10.73 0.49
CA SER A 30 -16.20 11.57 1.33
C SER A 30 -15.95 11.26 2.81
N GLY A 31 -14.67 11.21 3.20
CA GLY A 31 -14.27 10.97 4.58
C GLY A 31 -14.90 11.99 5.53
N PRO A 32 -15.22 11.61 6.79
CA PRO A 32 -15.86 12.50 7.75
C PRO A 32 -14.92 13.63 8.15
N GLY A 33 -15.12 14.81 7.55
CA GLY A 33 -14.30 15.98 7.73
C GLY A 33 -13.57 16.36 6.45
N GLY A 34 -13.78 15.65 5.34
CA GLY A 34 -13.19 15.94 4.05
C GLY A 34 -14.24 16.25 3.03
N GLN A 35 -13.86 17.14 2.13
CA GLN A 35 -14.71 17.82 1.21
C GLN A 35 -13.97 17.93 -0.12
N ASN A 36 -14.17 19.03 -0.86
CA ASN A 36 -13.59 19.34 -2.16
C ASN A 36 -14.02 18.34 -3.25
N VAL A 37 -15.08 17.61 -2.93
CA VAL A 37 -15.78 16.58 -3.67
C VAL A 37 -16.56 17.14 -4.88
N ASN A 38 -16.28 18.41 -5.25
CA ASN A 38 -16.89 19.18 -6.32
C ASN A 38 -16.49 18.56 -7.65
N LYS A 39 -15.36 19.01 -8.22
CA LYS A 39 -14.81 18.50 -9.48
C LYS A 39 -13.90 17.28 -9.25
N VAL A 40 -13.92 16.69 -8.05
CA VAL A 40 -13.20 15.45 -7.77
C VAL A 40 -14.19 14.46 -7.19
N ASN A 41 -14.07 13.23 -7.67
CA ASN A 41 -14.67 12.00 -7.19
C ASN A 41 -13.60 10.96 -7.51
N SER A 42 -13.39 10.02 -6.58
CA SER A 42 -12.53 8.83 -6.59
C SER A 42 -11.80 8.67 -5.25
N LYS A 43 -12.21 7.68 -4.47
CA LYS A 43 -11.36 7.05 -3.45
C LYS A 43 -10.62 5.88 -4.10
N ALA A 44 -9.50 5.49 -3.51
CA ALA A 44 -8.88 4.20 -3.72
C ALA A 44 -8.64 3.62 -2.34
N GLU A 45 -9.04 2.37 -2.16
CA GLU A 45 -8.79 1.53 -1.01
C GLU A 45 -8.00 0.33 -1.54
N VAL A 46 -7.15 -0.21 -0.68
CA VAL A 46 -6.48 -1.48 -0.88
C VAL A 46 -6.61 -2.21 0.44
N ARG A 47 -7.00 -3.47 0.38
CA ARG A 47 -6.95 -4.41 1.48
C ARG A 47 -6.08 -5.58 1.05
N PHE A 48 -5.33 -6.20 1.95
CA PHE A 48 -4.79 -7.55 1.74
C PHE A 48 -4.69 -8.26 3.09
N HIS A 49 -4.84 -9.59 3.12
CA HIS A 49 -4.47 -10.39 4.28
C HIS A 49 -2.95 -10.43 4.38
N LEU A 50 -2.43 -9.54 5.22
CA LEU A 50 -1.02 -9.31 5.45
C LEU A 50 -0.31 -10.63 5.74
N ALA A 51 -0.90 -11.47 6.60
CA ALA A 51 -0.30 -12.72 7.01
C ALA A 51 -0.06 -13.69 5.85
N SER A 52 -0.75 -13.45 4.75
CA SER A 52 -0.83 -14.28 3.56
C SER A 52 -0.44 -13.44 2.34
N ALA A 53 0.20 -12.28 2.53
CA ALA A 53 0.60 -11.42 1.44
C ALA A 53 1.54 -12.19 0.52
N ASP A 54 2.61 -12.74 1.09
CA ASP A 54 3.49 -13.78 0.50
C ASP A 54 4.51 -13.19 -0.48
N TRP A 55 4.20 -12.04 -1.08
CA TRP A 55 5.16 -11.11 -1.67
C TRP A 55 5.79 -10.18 -0.61
N ILE A 56 5.34 -10.25 0.66
CA ILE A 56 5.99 -9.61 1.81
C ILE A 56 6.77 -10.65 2.58
N GLU A 57 8.00 -10.28 2.92
CA GLU A 57 8.95 -10.97 3.77
C GLU A 57 8.37 -11.23 5.16
N GLU A 58 8.64 -12.41 5.71
CA GLU A 58 8.44 -12.76 7.11
C GLU A 58 8.69 -11.62 8.09
N PRO A 59 9.87 -10.97 8.08
CA PRO A 59 10.16 -10.00 9.11
C PRO A 59 9.22 -8.80 9.01
N VAL A 60 8.92 -8.42 7.77
CA VAL A 60 8.13 -7.28 7.42
C VAL A 60 6.66 -7.56 7.74
N ARG A 61 6.17 -8.77 7.42
CA ARG A 61 4.79 -9.15 7.69
C ARG A 61 4.46 -8.88 9.15
N GLN A 62 5.24 -9.48 10.03
CA GLN A 62 4.94 -9.40 11.46
C GLN A 62 5.25 -8.01 12.02
N LYS A 63 6.04 -7.16 11.35
CA LYS A 63 6.08 -5.75 11.69
C LYS A 63 4.69 -5.13 11.48
N ILE A 64 4.18 -5.05 10.25
CA ILE A 64 2.88 -4.51 9.86
C ILE A 64 1.75 -5.10 10.72
N ALA A 65 1.85 -6.37 11.12
CA ALA A 65 0.88 -7.06 11.97
C ALA A 65 0.67 -6.34 13.31
N LEU A 66 1.75 -5.77 13.82
CA LEU A 66 1.89 -5.07 15.09
C LEU A 66 1.87 -3.56 14.88
N THR A 67 2.81 -3.03 14.08
CA THR A 67 3.13 -1.61 13.95
C THR A 67 2.09 -0.87 13.10
N HIS A 68 1.41 -1.60 12.21
CA HIS A 68 0.32 -1.08 11.41
C HIS A 68 -0.96 -1.81 11.78
N LYS A 69 -1.06 -2.29 13.02
CA LYS A 69 -2.29 -2.80 13.62
C LYS A 69 -3.44 -1.82 13.41
N ASN A 70 -3.14 -0.53 13.49
CA ASN A 70 -4.02 0.60 13.21
C ASN A 70 -4.63 0.57 11.81
N LYS A 71 -3.94 0.03 10.80
CA LYS A 71 -4.48 -0.20 9.48
C LYS A 71 -5.16 -1.56 9.36
N ILE A 72 -4.80 -2.53 10.19
CA ILE A 72 -5.49 -3.80 10.16
C ILE A 72 -6.90 -3.59 10.68
N ASN A 73 -7.84 -4.37 10.14
CA ASN A 73 -9.17 -4.53 10.72
C ASN A 73 -9.06 -5.33 12.03
N LYS A 74 -9.39 -6.61 12.00
CA LYS A 74 -9.39 -7.53 13.13
C LYS A 74 -8.91 -8.91 12.70
N ALA A 75 -9.18 -9.31 11.45
CA ALA A 75 -8.70 -10.57 10.89
C ALA A 75 -7.18 -10.61 10.78
N GLY A 76 -6.51 -9.46 10.64
CA GLY A 76 -5.16 -9.42 10.12
C GLY A 76 -5.13 -8.90 8.68
N GLU A 77 -6.27 -8.51 8.10
CA GLU A 77 -6.28 -7.85 6.81
C GLU A 77 -5.93 -6.39 7.03
N LEU A 78 -4.85 -5.93 6.38
CA LEU A 78 -4.43 -4.54 6.31
C LEU A 78 -5.37 -3.87 5.33
N VAL A 79 -6.03 -2.79 5.72
CA VAL A 79 -6.78 -1.94 4.83
C VAL A 79 -6.29 -0.51 5.02
N LEU A 80 -6.00 0.18 3.93
CA LEU A 80 -5.75 1.61 3.90
C LEU A 80 -6.41 2.19 2.67
N THR A 81 -6.45 3.51 2.59
CA THR A 81 -6.95 4.24 1.45
C THR A 81 -5.92 5.35 1.16
N SER A 82 -5.90 5.87 -0.05
CA SER A 82 -5.24 7.13 -0.33
C SER A 82 -6.10 7.83 -1.38
N GLU A 83 -6.34 9.13 -1.23
CA GLU A 83 -7.23 9.89 -2.08
C GLU A 83 -6.59 11.26 -2.30
N SER A 84 -6.30 11.61 -3.55
CA SER A 84 -5.58 12.82 -3.91
C SER A 84 -5.99 13.37 -5.28
N SER A 85 -6.65 12.58 -6.14
CA SER A 85 -7.05 12.99 -7.47
C SER A 85 -8.33 12.26 -7.89
N ARG A 86 -8.72 12.44 -9.15
CA ARG A 86 -10.00 11.99 -9.70
C ARG A 86 -9.91 10.69 -10.49
N TYR A 87 -8.71 10.29 -10.91
CA TYR A 87 -8.43 9.08 -11.68
C TYR A 87 -8.63 7.82 -10.83
N GLN A 88 -8.38 6.62 -11.40
CA GLN A 88 -8.36 5.37 -10.65
C GLN A 88 -6.91 5.05 -10.21
N PHE A 89 -6.10 4.50 -11.12
CA PHE A 89 -4.70 4.07 -10.88
C PHE A 89 -3.86 5.18 -10.25
N ARG A 90 -4.20 6.47 -10.37
CA ARG A 90 -3.51 7.56 -9.68
C ARG A 90 -3.62 7.45 -8.15
N ASN A 91 -4.85 7.40 -7.63
CA ASN A 91 -5.09 7.32 -6.20
C ASN A 91 -4.55 5.99 -5.71
N LEU A 92 -4.86 4.95 -6.48
CA LEU A 92 -4.50 3.58 -6.20
C LEU A 92 -2.98 3.43 -6.11
N ALA A 93 -2.21 4.06 -7.02
CA ALA A 93 -0.74 4.09 -7.01
C ALA A 93 -0.19 4.59 -5.68
N GLU A 94 -0.84 5.57 -5.08
CA GLU A 94 -0.44 6.17 -3.82
C GLU A 94 -0.65 5.19 -2.68
N CYS A 95 -1.77 4.45 -2.67
CA CYS A 95 -1.95 3.32 -1.78
C CYS A 95 -0.73 2.39 -1.85
N LEU A 96 -0.31 2.02 -3.07
CA LEU A 96 0.84 1.14 -3.28
C LEU A 96 2.11 1.79 -2.74
N GLN A 97 2.31 3.09 -2.97
CA GLN A 97 3.48 3.81 -2.50
C GLN A 97 3.55 3.68 -0.99
N LYS A 98 2.43 3.86 -0.26
CA LYS A 98 2.51 3.77 1.19
C LYS A 98 2.82 2.34 1.52
N ILE A 99 2.09 1.34 0.99
CA ILE A 99 2.40 -0.07 1.17
C ILE A 99 3.91 -0.33 1.05
N ARG A 100 4.59 0.19 0.02
CA ARG A 100 6.02 0.01 -0.17
C ARG A 100 6.79 0.67 0.95
N ASP A 101 6.44 1.90 1.29
CA ASP A 101 7.07 2.65 2.36
C ASP A 101 6.92 1.94 3.71
N MET A 102 5.74 1.36 3.96
CA MET A 102 5.37 0.63 5.17
C MET A 102 6.16 -0.66 5.28
N ILE A 103 6.47 -1.29 4.15
CA ILE A 103 7.31 -2.47 4.04
C ILE A 103 8.74 -2.05 4.35
N ALA A 104 9.26 -1.05 3.65
CA ALA A 104 10.59 -0.52 3.83
C ALA A 104 10.83 -0.11 5.28
N GLU A 105 9.89 0.61 5.90
CA GLU A 105 10.01 1.12 7.27
C GLU A 105 9.89 0.03 8.32
N ALA A 106 9.40 -1.14 7.92
CA ALA A 106 9.37 -2.33 8.72
C ALA A 106 10.60 -3.21 8.51
N SER A 107 11.33 -3.03 7.41
CA SER A 107 12.28 -4.04 6.95
C SER A 107 13.69 -3.76 7.45
N GLY A 108 14.00 -2.52 7.79
CA GLY A 108 15.34 -2.06 8.06
C GLY A 108 15.79 -2.29 9.51
N PRO A 109 17.00 -1.81 9.80
CA PRO A 109 17.62 -1.88 11.11
C PRO A 109 16.95 -0.83 12.01
N SER A 110 16.46 -1.25 13.17
CA SER A 110 15.89 -0.37 14.17
C SER A 110 17.04 0.43 14.83
N SER A 111 17.61 1.40 14.13
CA SER A 111 18.59 2.33 14.67
C SER A 111 17.86 3.23 15.68
N GLY A 112 17.81 2.81 16.93
CA GLY A 112 17.22 3.52 18.05
C GLY A 112 18.00 3.06 19.24
N GLY A 1 34.96 -6.18 -28.45
CA GLY A 1 34.27 -5.31 -27.47
C GLY A 1 35.29 -4.49 -26.73
N SER A 2 34.85 -3.45 -26.02
CA SER A 2 35.71 -2.53 -25.31
C SER A 2 34.84 -1.77 -24.30
N SER A 3 33.80 -1.11 -24.81
CA SER A 3 32.70 -0.58 -24.04
C SER A 3 31.96 -1.72 -23.31
N GLY A 4 31.35 -1.40 -22.18
CA GLY A 4 30.62 -2.33 -21.32
C GLY A 4 30.25 -1.63 -20.00
N SER A 5 29.64 -2.35 -19.07
CA SER A 5 29.30 -1.91 -17.72
C SER A 5 29.07 -3.14 -16.83
N SER A 6 29.09 -2.96 -15.51
CA SER A 6 28.70 -3.98 -14.52
C SER A 6 27.39 -3.54 -13.86
N GLY A 7 26.62 -4.48 -13.29
CA GLY A 7 25.38 -4.15 -12.61
C GLY A 7 24.67 -5.44 -12.26
N GLU A 8 23.93 -5.97 -13.23
CA GLU A 8 23.26 -7.27 -13.19
C GLU A 8 22.39 -7.44 -11.94
N HIS A 9 21.62 -6.41 -11.58
CA HIS A 9 20.66 -6.43 -10.49
C HIS A 9 19.27 -6.14 -11.05
N ALA A 10 18.28 -6.85 -10.53
CA ALA A 10 16.91 -6.84 -11.01
C ALA A 10 16.00 -6.50 -9.83
N LYS A 11 15.75 -5.20 -9.65
CA LYS A 11 15.01 -4.58 -8.57
C LYS A 11 15.89 -4.50 -7.32
N GLN A 12 15.78 -3.42 -6.55
CA GLN A 12 16.62 -3.25 -5.36
C GLN A 12 16.15 -4.19 -4.26
N ALA A 13 14.84 -4.20 -4.01
CA ALA A 13 14.17 -5.15 -3.15
C ALA A 13 12.72 -5.21 -3.65
N SER A 14 11.75 -4.88 -2.80
CA SER A 14 10.35 -4.96 -3.17
C SER A 14 9.83 -3.57 -3.52
N SER A 15 9.81 -3.30 -4.81
CA SER A 15 9.12 -2.17 -5.41
C SER A 15 8.39 -2.69 -6.65
N TYR A 16 7.53 -3.69 -6.46
CA TYR A 16 6.68 -4.24 -7.51
C TYR A 16 5.22 -4.01 -7.16
N ILE A 17 4.79 -4.43 -5.96
CA ILE A 17 3.42 -4.45 -5.45
C ILE A 17 2.43 -5.05 -6.46
N PRO A 18 2.09 -6.34 -6.29
CA PRO A 18 1.21 -7.06 -7.19
C PRO A 18 -0.24 -6.66 -6.96
N LEU A 19 -0.79 -5.78 -7.81
CA LEU A 19 -2.20 -5.41 -7.76
C LEU A 19 -3.09 -6.63 -7.79
N ASP A 20 -2.75 -7.64 -8.63
CA ASP A 20 -3.60 -8.81 -8.81
C ASP A 20 -3.64 -9.71 -7.58
N ARG A 21 -2.75 -9.52 -6.60
CA ARG A 21 -2.83 -10.18 -5.31
C ARG A 21 -3.77 -9.45 -4.37
N LEU A 22 -3.86 -8.12 -4.47
CA LEU A 22 -4.56 -7.34 -3.46
C LEU A 22 -6.05 -7.32 -3.77
N SER A 23 -6.80 -6.71 -2.87
CA SER A 23 -8.21 -6.45 -2.98
C SER A 23 -8.30 -4.94 -3.10
N ILE A 24 -8.47 -4.47 -4.33
CA ILE A 24 -8.59 -3.05 -4.62
C ILE A 24 -10.09 -2.78 -4.60
N SER A 25 -10.48 -1.61 -4.10
CA SER A 25 -11.86 -1.17 -4.24
C SER A 25 -11.95 0.35 -4.33
N TYR A 26 -12.45 0.86 -5.44
CA TYR A 26 -12.69 2.29 -5.59
C TYR A 26 -14.03 2.69 -4.99
N CYS A 27 -14.24 3.98 -4.73
CA CYS A 27 -15.48 4.50 -4.16
C CYS A 27 -15.60 6.01 -4.38
N ARG A 28 -16.68 6.63 -3.87
CA ARG A 28 -16.81 8.09 -3.84
C ARG A 28 -15.70 8.68 -2.97
N SER A 29 -15.66 8.32 -1.69
CA SER A 29 -14.61 8.62 -0.72
C SER A 29 -14.88 7.87 0.58
N SER A 30 -14.07 8.16 1.61
CA SER A 30 -13.95 7.70 2.99
C SER A 30 -12.45 7.69 3.33
N GLY A 31 -12.08 7.48 4.59
CA GLY A 31 -10.68 7.30 5.00
C GLY A 31 -10.14 8.49 5.80
N PRO A 32 -9.65 9.57 5.16
CA PRO A 32 -9.13 10.74 5.84
C PRO A 32 -10.30 11.69 6.20
N GLY A 33 -9.98 12.93 6.59
CA GLY A 33 -10.94 14.00 6.79
C GLY A 33 -10.59 15.11 5.82
N GLY A 34 -10.99 14.90 4.56
CA GLY A 34 -10.77 15.79 3.44
C GLY A 34 -11.94 15.74 2.50
N GLN A 35 -11.96 16.71 1.60
CA GLN A 35 -13.07 16.99 0.75
C GLN A 35 -12.58 17.41 -0.64
N ASN A 36 -13.43 18.12 -1.41
CA ASN A 36 -13.38 18.64 -2.79
C ASN A 36 -14.10 17.70 -3.76
N VAL A 37 -14.67 16.62 -3.22
CA VAL A 37 -14.94 15.35 -3.86
C VAL A 37 -16.30 15.39 -4.57
N ASN A 38 -16.59 16.46 -5.32
CA ASN A 38 -17.90 16.67 -5.94
C ASN A 38 -18.18 15.65 -7.02
N LYS A 39 -17.29 15.56 -8.02
CA LYS A 39 -17.39 14.59 -9.11
C LYS A 39 -16.08 13.83 -9.32
N VAL A 40 -15.18 13.95 -8.34
CA VAL A 40 -13.87 13.33 -8.33
C VAL A 40 -14.08 11.82 -8.27
N ASN A 41 -14.69 11.33 -7.18
CA ASN A 41 -15.32 10.02 -7.06
C ASN A 41 -14.38 8.87 -7.43
N SER A 42 -13.12 8.92 -6.98
CA SER A 42 -12.10 7.97 -7.38
C SER A 42 -11.23 7.61 -6.19
N LYS A 43 -11.89 7.17 -5.13
CA LYS A 43 -11.19 6.73 -3.93
C LYS A 43 -10.45 5.46 -4.30
N ALA A 44 -9.41 5.13 -3.56
CA ALA A 44 -8.72 3.87 -3.71
C ALA A 44 -8.61 3.30 -2.32
N GLU A 45 -9.35 2.22 -2.07
CA GLU A 45 -9.09 1.35 -0.94
C GLU A 45 -8.23 0.22 -1.50
N VAL A 46 -7.32 -0.28 -0.66
CA VAL A 46 -6.52 -1.46 -0.90
C VAL A 46 -6.55 -2.23 0.41
N ARG A 47 -7.06 -3.45 0.33
CA ARG A 47 -7.03 -4.45 1.37
C ARG A 47 -6.13 -5.58 0.91
N PHE A 48 -5.40 -6.21 1.82
CA PHE A 48 -4.88 -7.55 1.62
C PHE A 48 -4.80 -8.25 2.97
N HIS A 49 -5.05 -9.57 3.02
CA HIS A 49 -4.65 -10.39 4.17
C HIS A 49 -3.14 -10.39 4.24
N LEU A 50 -2.61 -9.64 5.21
CA LEU A 50 -1.20 -9.41 5.45
C LEU A 50 -0.48 -10.74 5.67
N ALA A 51 -1.05 -11.64 6.48
CA ALA A 51 -0.40 -12.90 6.80
C ALA A 51 -0.30 -13.81 5.57
N SER A 52 -1.25 -13.69 4.64
CA SER A 52 -1.16 -14.36 3.35
C SER A 52 -0.57 -13.49 2.25
N ALA A 53 -0.03 -12.29 2.55
CA ALA A 53 0.48 -11.39 1.53
C ALA A 53 1.55 -12.13 0.74
N ASP A 54 2.61 -12.56 1.41
CA ASP A 54 3.56 -13.60 0.99
C ASP A 54 4.60 -13.08 0.00
N TRP A 55 4.25 -12.08 -0.80
CA TRP A 55 5.18 -11.15 -1.43
C TRP A 55 5.75 -10.15 -0.41
N ILE A 56 5.16 -10.05 0.78
CA ILE A 56 5.77 -9.40 1.94
C ILE A 56 6.58 -10.47 2.64
N GLU A 57 7.80 -10.07 2.98
CA GLU A 57 8.78 -10.81 3.76
C GLU A 57 8.18 -11.20 5.10
N GLU A 58 8.49 -12.40 5.57
CA GLU A 58 8.24 -12.86 6.92
C GLU A 58 8.48 -11.79 7.99
N PRO A 59 9.67 -11.18 8.06
CA PRO A 59 9.96 -10.32 9.20
C PRO A 59 9.22 -8.99 9.06
N VAL A 60 8.80 -8.62 7.84
CA VAL A 60 8.08 -7.41 7.54
C VAL A 60 6.58 -7.65 7.78
N ARG A 61 6.04 -8.83 7.44
CA ARG A 61 4.63 -9.18 7.67
C ARG A 61 4.28 -8.91 9.13
N GLN A 62 5.03 -9.53 10.03
CA GLN A 62 4.80 -9.40 11.46
C GLN A 62 5.07 -7.96 11.94
N LYS A 63 5.93 -7.16 11.28
CA LYS A 63 6.02 -5.76 11.63
C LYS A 63 4.69 -5.08 11.38
N ILE A 64 4.16 -5.06 10.16
CA ILE A 64 2.87 -4.49 9.76
C ILE A 64 1.77 -5.00 10.71
N ALA A 65 1.82 -6.26 11.13
CA ALA A 65 0.87 -6.86 12.07
C ALA A 65 0.77 -6.06 13.37
N LEU A 66 1.88 -5.46 13.79
CA LEU A 66 2.09 -4.68 15.00
C LEU A 66 2.08 -3.18 14.72
N THR A 67 3.03 -2.71 13.90
CA THR A 67 3.36 -1.32 13.63
C THR A 67 2.21 -0.61 12.93
N HIS A 68 1.46 -1.34 12.11
CA HIS A 68 0.40 -0.83 11.27
C HIS A 68 -0.93 -1.46 11.72
N LYS A 69 -1.03 -1.87 12.98
CA LYS A 69 -2.26 -2.40 13.54
C LYS A 69 -3.41 -1.42 13.41
N ASN A 70 -3.19 -0.10 13.49
CA ASN A 70 -4.23 0.88 13.24
C ASN A 70 -4.86 0.73 11.83
N LYS A 71 -4.12 0.14 10.90
CA LYS A 71 -4.51 -0.09 9.52
C LYS A 71 -5.06 -1.50 9.30
N ILE A 72 -4.97 -2.40 10.27
CA ILE A 72 -5.62 -3.69 10.18
C ILE A 72 -7.05 -3.49 10.62
N ASN A 73 -7.99 -4.14 9.94
CA ASN A 73 -9.40 -4.09 10.36
C ASN A 73 -9.54 -4.78 11.74
N LYS A 74 -9.46 -6.10 11.74
CA LYS A 74 -9.57 -7.01 12.87
C LYS A 74 -8.97 -8.34 12.42
N ALA A 75 -9.39 -8.83 11.24
CA ALA A 75 -9.08 -10.17 10.77
C ALA A 75 -7.59 -10.38 10.47
N GLY A 76 -6.79 -9.32 10.43
CA GLY A 76 -5.43 -9.38 9.92
C GLY A 76 -5.34 -8.98 8.46
N GLU A 77 -6.46 -8.58 7.83
CA GLU A 77 -6.38 -7.87 6.55
C GLU A 77 -6.03 -6.41 6.86
N LEU A 78 -4.95 -5.96 6.24
CA LEU A 78 -4.50 -4.58 6.25
C LEU A 78 -5.38 -3.87 5.25
N VAL A 79 -6.09 -2.83 5.67
CA VAL A 79 -6.92 -2.02 4.81
C VAL A 79 -6.48 -0.58 5.02
N LEU A 80 -5.94 0.05 3.98
CA LEU A 80 -5.76 1.49 3.94
C LEU A 80 -6.47 2.04 2.72
N THR A 81 -6.65 3.35 2.69
CA THR A 81 -7.13 4.05 1.54
C THR A 81 -6.11 5.14 1.24
N SER A 82 -6.07 5.66 0.02
CA SER A 82 -5.45 6.92 -0.28
C SER A 82 -6.30 7.63 -1.34
N GLU A 83 -6.17 8.96 -1.43
CA GLU A 83 -6.96 9.84 -2.27
C GLU A 83 -6.18 11.15 -2.38
N SER A 84 -6.22 11.81 -3.54
CA SER A 84 -5.60 13.12 -3.82
C SER A 84 -5.95 13.60 -5.23
N SER A 85 -5.82 12.75 -6.26
CA SER A 85 -6.10 13.12 -7.65
C SER A 85 -7.57 12.88 -7.96
N ARG A 86 -7.93 12.90 -9.26
CA ARG A 86 -9.17 12.35 -9.76
C ARG A 86 -8.99 11.01 -10.47
N TYR A 87 -7.76 10.55 -10.69
CA TYR A 87 -7.56 9.32 -11.46
C TYR A 87 -7.55 8.10 -10.54
N GLN A 88 -8.03 6.98 -11.08
CA GLN A 88 -8.16 5.75 -10.33
C GLN A 88 -6.77 5.16 -10.02
N PHE A 89 -6.04 4.70 -11.04
CA PHE A 89 -4.70 4.14 -10.89
C PHE A 89 -3.76 5.12 -10.14
N ARG A 90 -3.86 6.44 -10.31
CA ARG A 90 -3.03 7.39 -9.55
C ARG A 90 -3.33 7.31 -8.05
N ASN A 91 -4.61 7.41 -7.64
CA ASN A 91 -4.96 7.37 -6.22
C ASN A 91 -4.56 6.02 -5.64
N LEU A 92 -4.84 4.95 -6.39
CA LEU A 92 -4.41 3.59 -6.11
C LEU A 92 -2.89 3.49 -5.99
N ALA A 93 -2.13 4.22 -6.79
CA ALA A 93 -0.67 4.24 -6.74
C ALA A 93 -0.15 4.90 -5.47
N GLU A 94 -0.88 5.83 -4.84
CA GLU A 94 -0.49 6.32 -3.53
C GLU A 94 -0.71 5.23 -2.48
N CYS A 95 -1.80 4.45 -2.59
CA CYS A 95 -2.00 3.28 -1.72
C CYS A 95 -0.77 2.36 -1.81
N LEU A 96 -0.38 2.01 -3.05
CA LEU A 96 0.76 1.13 -3.26
C LEU A 96 2.06 1.79 -2.81
N GLN A 97 2.21 3.10 -3.01
CA GLN A 97 3.37 3.85 -2.54
C GLN A 97 3.49 3.68 -1.03
N LYS A 98 2.40 3.79 -0.26
CA LYS A 98 2.54 3.64 1.20
C LYS A 98 2.93 2.21 1.45
N ILE A 99 2.25 1.21 0.89
CA ILE A 99 2.64 -0.18 1.01
C ILE A 99 4.16 -0.37 0.85
N ARG A 100 4.83 0.29 -0.11
CA ARG A 100 6.29 0.18 -0.25
C ARG A 100 6.99 0.80 0.95
N ASP A 101 6.58 1.99 1.36
CA ASP A 101 7.19 2.71 2.48
C ASP A 101 6.99 1.98 3.80
N MET A 102 5.77 1.50 4.05
CA MET A 102 5.37 0.70 5.20
C MET A 102 6.24 -0.55 5.30
N ILE A 103 6.62 -1.13 4.16
CA ILE A 103 7.46 -2.32 4.07
C ILE A 103 8.92 -1.92 4.30
N ALA A 104 9.37 -0.83 3.69
CA ALA A 104 10.70 -0.28 3.84
C ALA A 104 11.00 0.03 5.31
N GLU A 105 10.06 0.69 5.98
CA GLU A 105 10.22 1.13 7.37
C GLU A 105 10.17 -0.09 8.28
N ALA A 106 9.26 -1.02 8.01
CA ALA A 106 9.11 -2.24 8.78
C ALA A 106 10.32 -3.16 8.67
N SER A 107 11.03 -3.11 7.54
CA SER A 107 12.15 -4.00 7.29
C SER A 107 13.42 -3.43 7.95
N GLY A 108 13.41 -2.19 8.43
CA GLY A 108 14.60 -1.43 8.78
C GLY A 108 14.46 -0.73 10.12
N PRO A 109 15.13 0.43 10.29
CA PRO A 109 14.96 1.31 11.44
C PRO A 109 13.55 1.93 11.37
N SER A 110 12.58 1.36 12.09
CA SER A 110 11.20 1.82 12.09
C SER A 110 11.06 3.27 12.60
N SER A 111 12.02 3.75 13.39
CA SER A 111 12.31 5.14 13.66
C SER A 111 13.83 5.35 13.66
N GLY A 112 14.28 6.60 13.53
CA GLY A 112 15.67 6.98 13.61
C GLY A 112 16.15 7.09 15.04
N GLY A 1 42.92 8.21 9.77
CA GLY A 1 42.52 9.18 8.74
C GLY A 1 41.10 9.58 9.05
N SER A 2 40.25 9.72 8.03
CA SER A 2 38.82 9.45 8.19
C SER A 2 38.63 8.01 8.67
N SER A 3 37.45 7.70 9.21
CA SER A 3 36.97 6.39 9.64
C SER A 3 35.48 6.56 9.93
N GLY A 4 34.62 6.39 8.93
CA GLY A 4 33.20 6.69 9.09
C GLY A 4 32.40 6.29 7.86
N SER A 5 32.08 5.01 7.73
CA SER A 5 30.98 4.48 6.94
C SER A 5 30.58 3.14 7.58
N SER A 6 29.43 2.60 7.17
CA SER A 6 29.09 1.20 7.26
C SER A 6 28.13 0.89 6.11
N GLY A 7 27.56 -0.31 6.11
CA GLY A 7 26.61 -0.76 5.13
C GLY A 7 26.03 -2.08 5.58
N GLU A 8 25.07 -2.00 6.51
CA GLU A 8 24.27 -3.12 6.97
C GLU A 8 22.82 -2.67 6.81
N HIS A 9 22.10 -3.34 5.90
CA HIS A 9 20.72 -3.23 5.43
C HIS A 9 20.77 -3.35 3.91
N ALA A 10 20.51 -4.56 3.41
CA ALA A 10 20.05 -4.78 2.07
C ALA A 10 18.67 -4.14 1.96
N LYS A 11 18.44 -3.22 1.02
CA LYS A 11 17.15 -2.55 0.90
C LYS A 11 16.17 -3.35 0.04
N GLN A 12 16.15 -4.66 0.25
CA GLN A 12 15.64 -5.72 -0.64
C GLN A 12 14.11 -5.81 -0.73
N ALA A 13 13.36 -4.78 -0.30
CA ALA A 13 11.91 -4.79 -0.22
C ALA A 13 11.26 -5.00 -1.60
N SER A 14 10.01 -5.48 -1.61
CA SER A 14 9.25 -5.89 -2.79
C SER A 14 8.55 -4.69 -3.46
N SER A 15 9.32 -3.79 -4.03
CA SER A 15 8.90 -2.47 -4.50
C SER A 15 7.98 -2.46 -5.74
N TYR A 16 7.54 -3.62 -6.24
CA TYR A 16 6.59 -3.76 -7.34
C TYR A 16 5.16 -3.51 -6.88
N ILE A 17 4.66 -4.33 -5.94
CA ILE A 17 3.28 -4.39 -5.45
C ILE A 17 2.33 -4.91 -6.56
N PRO A 18 1.97 -6.21 -6.58
CA PRO A 18 1.13 -6.85 -7.58
C PRO A 18 -0.36 -6.60 -7.27
N LEU A 19 -1.06 -5.82 -8.10
CA LEU A 19 -2.46 -5.45 -7.86
C LEU A 19 -3.36 -6.70 -7.80
N ASP A 20 -3.12 -7.69 -8.66
CA ASP A 20 -3.91 -8.91 -8.68
C ASP A 20 -3.98 -9.62 -7.32
N ARG A 21 -2.92 -9.56 -6.51
CA ARG A 21 -2.83 -10.21 -5.20
C ARG A 21 -3.47 -9.39 -4.08
N LEU A 22 -3.99 -8.19 -4.36
CA LEU A 22 -4.64 -7.33 -3.38
C LEU A 22 -6.15 -7.27 -3.68
N SER A 23 -6.88 -6.58 -2.80
CA SER A 23 -8.31 -6.37 -2.85
C SER A 23 -8.50 -4.88 -3.15
N ILE A 24 -8.66 -4.51 -4.41
CA ILE A 24 -8.74 -3.12 -4.84
C ILE A 24 -10.21 -2.72 -4.76
N SER A 25 -10.50 -1.51 -4.27
CA SER A 25 -11.87 -1.05 -4.23
C SER A 25 -11.99 0.48 -4.36
N TYR A 26 -12.60 0.96 -5.45
CA TYR A 26 -12.89 2.40 -5.61
C TYR A 26 -14.32 2.74 -5.13
N CYS A 27 -14.57 3.98 -4.73
CA CYS A 27 -15.81 4.50 -4.11
C CYS A 27 -15.75 6.04 -4.12
N ARG A 28 -16.40 6.73 -3.18
CA ARG A 28 -16.12 8.14 -2.88
C ARG A 28 -14.99 8.20 -1.83
N SER A 29 -14.15 9.25 -1.87
CA SER A 29 -13.15 9.58 -0.85
C SER A 29 -13.79 9.66 0.53
N SER A 30 -14.89 10.40 0.67
CA SER A 30 -15.77 10.47 1.84
C SER A 30 -15.20 11.34 2.96
N GLY A 31 -13.87 11.54 3.02
CA GLY A 31 -13.24 12.49 3.93
C GLY A 31 -13.71 13.93 3.71
N PRO A 32 -13.57 14.81 4.70
CA PRO A 32 -13.95 16.22 4.59
C PRO A 32 -12.90 17.00 3.79
N GLY A 33 -13.20 18.25 3.45
CA GLY A 33 -12.33 19.04 2.59
C GLY A 33 -12.44 18.56 1.15
N GLY A 34 -13.50 17.83 0.84
CA GLY A 34 -13.83 17.26 -0.45
C GLY A 34 -13.67 18.30 -1.55
N GLN A 35 -12.75 18.06 -2.47
CA GLN A 35 -12.42 18.90 -3.61
C GLN A 35 -13.41 18.59 -4.74
N ASN A 36 -12.95 18.53 -6.00
CA ASN A 36 -13.77 18.31 -7.20
C ASN A 36 -14.52 16.98 -7.20
N VAL A 37 -14.19 16.10 -6.27
CA VAL A 37 -14.51 14.69 -6.33
C VAL A 37 -15.99 14.44 -5.94
N ASN A 38 -16.87 15.36 -6.32
CA ASN A 38 -18.27 15.50 -5.91
C ASN A 38 -19.18 14.62 -6.74
N LYS A 39 -18.83 14.43 -8.01
CA LYS A 39 -19.68 13.78 -9.02
C LYS A 39 -18.87 12.85 -9.90
N VAL A 40 -17.58 13.15 -10.08
CA VAL A 40 -16.59 12.13 -10.38
C VAL A 40 -16.31 11.47 -9.04
N ASN A 41 -16.40 10.15 -8.98
CA ASN A 41 -16.05 9.37 -7.80
C ASN A 41 -14.70 8.74 -8.14
N SER A 42 -13.64 9.06 -7.40
CA SER A 42 -12.34 8.43 -7.52
C SER A 42 -11.78 8.26 -6.09
N LYS A 43 -11.98 7.09 -5.50
CA LYS A 43 -11.36 6.65 -4.23
C LYS A 43 -10.41 5.50 -4.53
N ALA A 44 -9.41 5.18 -3.70
CA ALA A 44 -8.76 3.90 -3.83
C ALA A 44 -8.51 3.28 -2.47
N GLU A 45 -9.21 2.19 -2.18
CA GLU A 45 -9.12 1.48 -0.92
C GLU A 45 -8.55 0.12 -1.27
N VAL A 46 -7.34 -0.17 -0.83
CA VAL A 46 -6.72 -1.45 -1.02
C VAL A 46 -6.75 -2.17 0.32
N ARG A 47 -7.18 -3.43 0.29
CA ARG A 47 -7.17 -4.34 1.44
C ARG A 47 -6.32 -5.55 1.02
N PHE A 48 -5.55 -6.13 1.93
CA PHE A 48 -4.95 -7.44 1.71
C PHE A 48 -4.79 -8.18 3.03
N HIS A 49 -4.85 -9.52 3.02
CA HIS A 49 -4.49 -10.34 4.16
C HIS A 49 -2.98 -10.36 4.28
N LEU A 50 -2.49 -9.56 5.22
CA LEU A 50 -1.08 -9.32 5.47
C LEU A 50 -0.37 -10.64 5.78
N ALA A 51 -0.99 -11.53 6.56
CA ALA A 51 -0.33 -12.76 6.96
C ALA A 51 0.04 -13.63 5.76
N SER A 52 -0.84 -13.66 4.76
CA SER A 52 -0.71 -14.45 3.56
C SER A 52 -0.12 -13.60 2.41
N ALA A 53 0.38 -12.38 2.69
CA ALA A 53 1.06 -11.55 1.71
C ALA A 53 2.47 -12.10 1.49
N ASP A 54 2.58 -13.21 0.77
CA ASP A 54 3.82 -14.01 0.63
C ASP A 54 4.95 -13.25 -0.06
N TRP A 55 4.62 -12.16 -0.73
CA TRP A 55 5.50 -11.24 -1.41
C TRP A 55 6.20 -10.27 -0.43
N ILE A 56 5.84 -10.30 0.86
CA ILE A 56 6.49 -9.56 1.94
C ILE A 56 7.44 -10.52 2.65
N GLU A 57 8.52 -9.97 3.17
CA GLU A 57 9.48 -10.64 4.03
C GLU A 57 8.77 -11.09 5.29
N GLU A 58 9.06 -12.30 5.77
CA GLU A 58 8.61 -12.74 7.08
C GLU A 58 8.85 -11.70 8.20
N PRO A 59 10.05 -11.07 8.33
CA PRO A 59 10.28 -10.13 9.41
C PRO A 59 9.50 -8.82 9.21
N VAL A 60 8.95 -8.61 8.01
CA VAL A 60 8.20 -7.42 7.65
C VAL A 60 6.70 -7.72 7.77
N ARG A 61 6.23 -8.93 7.46
CA ARG A 61 4.84 -9.35 7.67
C ARG A 61 4.45 -9.06 9.11
N GLN A 62 5.22 -9.62 10.04
CA GLN A 62 4.98 -9.43 11.47
C GLN A 62 5.12 -7.96 11.87
N LYS A 63 5.97 -7.16 11.20
CA LYS A 63 6.08 -5.75 11.54
C LYS A 63 4.74 -5.07 11.27
N ILE A 64 4.26 -5.02 10.04
CA ILE A 64 2.99 -4.42 9.62
C ILE A 64 1.82 -4.99 10.43
N ALA A 65 1.88 -6.27 10.85
CA ALA A 65 0.89 -6.90 11.71
C ALA A 65 0.68 -6.09 13.00
N LEU A 66 1.79 -5.61 13.56
CA LEU A 66 1.92 -4.94 14.83
C LEU A 66 2.00 -3.43 14.65
N THR A 67 3.00 -2.96 13.91
CA THR A 67 3.40 -1.58 13.76
C THR A 67 2.31 -0.78 13.05
N HIS A 68 1.61 -1.40 12.10
CA HIS A 68 0.56 -0.73 11.32
C HIS A 68 -0.79 -1.34 11.63
N LYS A 69 -0.95 -1.88 12.85
CA LYS A 69 -2.23 -2.36 13.34
C LYS A 69 -3.35 -1.33 13.23
N ASN A 70 -3.00 -0.04 13.19
CA ASN A 70 -3.97 1.04 13.02
C ASN A 70 -4.71 0.91 11.69
N LYS A 71 -4.09 0.26 10.67
CA LYS A 71 -4.70 -0.05 9.39
C LYS A 71 -5.39 -1.41 9.36
N ILE A 72 -5.30 -2.19 10.44
CA ILE A 72 -5.86 -3.53 10.47
C ILE A 72 -7.24 -3.45 11.11
N ASN A 73 -8.20 -4.02 10.40
CA ASN A 73 -9.60 -4.01 10.85
C ASN A 73 -9.81 -4.86 12.10
N LYS A 74 -9.07 -5.97 12.22
CA LYS A 74 -9.09 -7.06 13.19
C LYS A 74 -8.59 -8.34 12.52
N ALA A 75 -8.97 -8.56 11.27
CA ALA A 75 -8.77 -9.82 10.56
C ALA A 75 -7.30 -10.09 10.24
N GLY A 76 -6.40 -9.15 10.52
CA GLY A 76 -5.08 -9.15 9.92
C GLY A 76 -5.13 -8.78 8.44
N GLU A 77 -6.29 -8.34 7.94
CA GLU A 77 -6.39 -7.66 6.67
C GLU A 77 -6.07 -6.19 6.93
N LEU A 78 -5.05 -5.71 6.22
CA LEU A 78 -4.55 -4.35 6.25
C LEU A 78 -5.33 -3.60 5.19
N VAL A 79 -6.11 -2.60 5.59
CA VAL A 79 -6.84 -1.76 4.66
C VAL A 79 -6.54 -0.29 4.94
N LEU A 80 -6.08 0.40 3.91
CA LEU A 80 -5.79 1.83 3.89
C LEU A 80 -6.36 2.40 2.59
N THR A 81 -6.78 3.67 2.59
CA THR A 81 -7.32 4.34 1.40
C THR A 81 -6.35 5.48 1.08
N SER A 82 -6.13 5.80 -0.19
CA SER A 82 -5.31 6.91 -0.61
C SER A 82 -5.94 7.55 -1.84
N GLU A 83 -6.53 8.73 -1.70
CA GLU A 83 -7.27 9.35 -2.80
C GLU A 83 -7.30 10.85 -2.64
N SER A 84 -6.87 11.59 -3.67
CA SER A 84 -7.11 13.02 -3.81
C SER A 84 -7.08 13.49 -5.27
N SER A 85 -6.92 12.62 -6.27
CA SER A 85 -6.92 13.06 -7.66
C SER A 85 -8.34 13.02 -8.25
N ARG A 86 -8.65 12.01 -9.08
CA ARG A 86 -9.67 12.01 -10.15
C ARG A 86 -9.42 10.90 -11.17
N TYR A 87 -8.21 10.37 -11.24
CA TYR A 87 -7.86 9.16 -11.98
C TYR A 87 -8.23 7.95 -11.12
N GLN A 88 -8.57 6.81 -11.72
CA GLN A 88 -8.75 5.60 -10.94
C GLN A 88 -7.43 5.11 -10.34
N PHE A 89 -6.44 4.87 -11.22
CA PHE A 89 -5.17 4.23 -10.89
C PHE A 89 -4.20 5.16 -10.17
N ARG A 90 -4.25 6.49 -10.36
CA ARG A 90 -3.24 7.38 -9.75
C ARG A 90 -3.43 7.47 -8.23
N ASN A 91 -4.69 7.46 -7.80
CA ASN A 91 -5.09 7.36 -6.42
C ASN A 91 -4.52 6.07 -5.84
N LEU A 92 -4.93 4.94 -6.44
CA LEU A 92 -4.48 3.57 -6.17
C LEU A 92 -2.96 3.48 -6.08
N ALA A 93 -2.20 4.17 -6.93
CA ALA A 93 -0.74 4.17 -6.92
C ALA A 93 -0.18 4.63 -5.57
N GLU A 94 -0.81 5.63 -4.93
CA GLU A 94 -0.41 6.13 -3.62
C GLU A 94 -0.65 5.07 -2.55
N CYS A 95 -1.75 4.31 -2.67
CA CYS A 95 -2.03 3.19 -1.79
C CYS A 95 -0.83 2.24 -1.77
N LEU A 96 -0.30 1.94 -2.97
CA LEU A 96 0.86 1.07 -3.16
C LEU A 96 2.13 1.74 -2.62
N GLN A 97 2.30 3.03 -2.87
CA GLN A 97 3.42 3.81 -2.38
C GLN A 97 3.51 3.74 -0.84
N LYS A 98 2.36 3.77 -0.13
CA LYS A 98 2.43 3.66 1.33
C LYS A 98 2.84 2.26 1.65
N ILE A 99 2.17 1.23 1.11
CA ILE A 99 2.52 -0.17 1.32
C ILE A 99 4.04 -0.37 1.21
N ARG A 100 4.69 0.24 0.22
CA ARG A 100 6.13 0.17 0.02
C ARG A 100 6.84 0.79 1.18
N ASP A 101 6.46 1.99 1.59
CA ASP A 101 7.01 2.68 2.75
C ASP A 101 6.92 1.80 3.99
N MET A 102 5.70 1.29 4.26
CA MET A 102 5.34 0.52 5.43
C MET A 102 6.22 -0.74 5.51
N ILE A 103 6.65 -1.27 4.37
CA ILE A 103 7.53 -2.43 4.21
C ILE A 103 8.99 -2.00 4.30
N ALA A 104 9.37 -0.87 3.70
CA ALA A 104 10.72 -0.33 3.73
C ALA A 104 11.13 -0.02 5.16
N GLU A 105 10.23 0.59 5.92
CA GLU A 105 10.45 0.99 7.31
C GLU A 105 10.57 -0.25 8.19
N ALA A 106 9.71 -1.26 7.96
CA ALA A 106 9.75 -2.54 8.65
C ALA A 106 11.03 -3.31 8.34
N SER A 107 11.54 -3.18 7.12
CA SER A 107 12.69 -3.93 6.63
C SER A 107 13.96 -3.33 7.21
N GLY A 108 14.02 -1.99 7.26
CA GLY A 108 15.10 -1.21 7.82
C GLY A 108 14.98 -1.09 9.34
N PRO A 109 15.56 -0.02 9.93
CA PRO A 109 15.40 0.25 11.35
C PRO A 109 13.97 0.71 11.63
N SER A 110 13.59 1.86 11.07
CA SER A 110 12.27 2.47 11.15
C SER A 110 12.22 3.65 10.18
N SER A 111 11.06 4.30 10.07
CA SER A 111 10.73 5.45 9.22
C SER A 111 10.84 5.15 7.71
N GLY A 112 10.18 5.97 6.90
CA GLY A 112 9.95 5.73 5.48
C GLY A 112 10.99 6.42 4.64
N GLY A 1 13.84 31.61 -16.68
CA GLY A 1 15.00 30.70 -16.68
C GLY A 1 14.67 29.41 -15.94
N SER A 2 15.66 28.53 -15.83
CA SER A 2 15.62 27.19 -15.23
C SER A 2 14.72 26.22 -16.02
N SER A 3 14.94 24.92 -15.83
CA SER A 3 14.11 23.82 -16.29
C SER A 3 14.61 22.54 -15.62
N GLY A 4 13.92 21.42 -15.83
CA GLY A 4 14.36 20.08 -15.43
C GLY A 4 13.23 19.09 -15.68
N SER A 5 13.53 17.81 -15.85
CA SER A 5 12.55 16.74 -16.03
C SER A 5 13.22 15.37 -15.92
N SER A 6 12.41 14.35 -15.67
CA SER A 6 12.75 12.92 -15.68
C SER A 6 13.90 12.55 -14.73
N GLY A 7 14.25 11.26 -14.70
CA GLY A 7 15.14 10.67 -13.71
C GLY A 7 14.80 9.21 -13.47
N GLU A 8 13.52 8.81 -13.60
CA GLU A 8 13.08 7.42 -13.51
C GLU A 8 13.71 6.59 -14.63
N HIS A 9 14.73 5.82 -14.28
CA HIS A 9 15.41 4.83 -15.11
C HIS A 9 15.79 3.64 -14.21
N ALA A 10 16.48 2.64 -14.78
CA ALA A 10 16.76 1.36 -14.12
C ALA A 10 15.47 0.71 -13.61
N LYS A 11 15.58 -0.26 -12.69
CA LYS A 11 14.46 -0.99 -12.10
C LYS A 11 14.97 -1.76 -10.86
N GLN A 12 14.07 -2.32 -10.05
CA GLN A 12 14.37 -3.45 -9.18
C GLN A 12 13.37 -4.55 -9.52
N ALA A 13 13.52 -5.72 -8.89
CA ALA A 13 12.45 -6.69 -8.80
C ALA A 13 11.24 -6.04 -8.10
N SER A 14 11.45 -5.42 -6.93
CA SER A 14 10.42 -4.67 -6.22
C SER A 14 9.96 -3.42 -6.99
N SER A 15 9.04 -2.64 -6.41
CA SER A 15 8.27 -1.58 -7.06
C SER A 15 7.28 -2.11 -8.12
N TYR A 16 6.89 -3.39 -8.01
CA TYR A 16 5.63 -3.89 -8.57
C TYR A 16 4.51 -3.47 -7.61
N ILE A 17 4.25 -4.28 -6.58
CA ILE A 17 2.98 -4.49 -5.90
C ILE A 17 1.95 -5.05 -6.91
N PRO A 18 1.44 -6.26 -6.67
CA PRO A 18 0.37 -6.81 -7.47
C PRO A 18 -0.96 -6.19 -7.07
N LEU A 19 -1.95 -6.39 -7.93
CA LEU A 19 -3.27 -5.83 -7.76
C LEU A 19 -4.30 -6.96 -7.67
N ASP A 20 -4.12 -7.98 -8.50
CA ASP A 20 -5.03 -9.12 -8.60
C ASP A 20 -5.04 -9.92 -7.30
N ARG A 21 -3.87 -10.08 -6.65
CA ARG A 21 -3.76 -10.65 -5.30
C ARG A 21 -4.52 -9.84 -4.26
N LEU A 22 -4.43 -8.50 -4.32
CA LEU A 22 -4.98 -7.63 -3.29
C LEU A 22 -6.47 -7.45 -3.56
N SER A 23 -7.11 -6.57 -2.81
CA SER A 23 -8.52 -6.22 -2.93
C SER A 23 -8.56 -4.71 -3.07
N ILE A 24 -8.38 -4.21 -4.30
CA ILE A 24 -8.50 -2.80 -4.62
C ILE A 24 -9.99 -2.52 -4.73
N SER A 25 -10.42 -1.35 -4.25
CA SER A 25 -11.79 -0.89 -4.36
C SER A 25 -11.81 0.64 -4.39
N TYR A 26 -12.28 1.24 -5.48
CA TYR A 26 -12.48 2.69 -5.54
C TYR A 26 -13.84 3.06 -4.93
N CYS A 27 -13.95 4.26 -4.37
CA CYS A 27 -15.13 4.74 -3.64
C CYS A 27 -15.28 6.26 -3.82
N ARG A 28 -16.22 6.89 -3.12
CA ARG A 28 -16.46 8.34 -3.18
C ARG A 28 -15.31 9.13 -2.56
N SER A 29 -15.12 8.96 -1.25
CA SER A 29 -14.13 9.57 -0.36
C SER A 29 -14.55 9.24 1.08
N SER A 30 -15.70 9.81 1.47
CA SER A 30 -16.47 9.72 2.71
C SER A 30 -16.29 11.01 3.52
N GLY A 31 -17.16 11.99 3.26
CA GLY A 31 -17.03 13.31 3.87
C GLY A 31 -18.21 14.22 3.48
N PRO A 32 -19.25 14.36 4.32
CA PRO A 32 -20.29 15.36 4.12
C PRO A 32 -19.68 16.76 4.30
N GLY A 33 -19.80 17.62 3.30
CA GLY A 33 -19.30 18.99 3.32
C GLY A 33 -18.30 19.19 2.19
N GLY A 34 -18.82 19.60 1.03
CA GLY A 34 -18.19 19.75 -0.28
C GLY A 34 -16.68 19.71 -0.32
N GLN A 35 -16.02 20.84 -0.06
CA GLN A 35 -14.62 21.11 -0.39
C GLN A 35 -14.40 20.87 -1.89
N ASN A 36 -14.05 19.65 -2.24
CA ASN A 36 -13.75 19.21 -3.60
C ASN A 36 -14.81 18.23 -4.07
N VAL A 37 -15.27 17.36 -3.16
CA VAL A 37 -16.18 16.26 -3.41
C VAL A 37 -17.58 16.81 -3.64
N ASN A 38 -17.80 17.27 -4.86
CA ASN A 38 -19.08 17.71 -5.41
C ASN A 38 -20.00 16.52 -5.66
N LYS A 39 -19.43 15.42 -6.15
CA LYS A 39 -20.16 14.22 -6.52
C LYS A 39 -19.37 13.04 -5.98
N VAL A 40 -18.17 12.90 -6.50
CA VAL A 40 -17.30 11.77 -6.31
C VAL A 40 -15.87 12.29 -6.42
N ASN A 41 -15.09 12.24 -5.32
CA ASN A 41 -13.71 12.72 -5.34
C ASN A 41 -12.80 11.78 -6.12
N SER A 42 -13.18 10.50 -6.18
CA SER A 42 -12.42 9.30 -6.48
C SER A 42 -11.49 8.94 -5.32
N LYS A 43 -11.99 8.08 -4.43
CA LYS A 43 -11.20 7.39 -3.40
C LYS A 43 -10.60 6.14 -4.03
N ALA A 44 -9.51 5.64 -3.44
CA ALA A 44 -8.99 4.30 -3.65
C ALA A 44 -8.79 3.70 -2.26
N GLU A 45 -9.26 2.48 -2.07
CA GLU A 45 -8.96 1.63 -0.95
C GLU A 45 -8.23 0.39 -1.50
N VAL A 46 -7.39 -0.21 -0.67
CA VAL A 46 -6.79 -1.51 -0.88
C VAL A 46 -6.86 -2.25 0.44
N ARG A 47 -7.12 -3.55 0.35
CA ARG A 47 -7.16 -4.48 1.46
C ARG A 47 -6.43 -5.74 1.04
N PHE A 48 -5.64 -6.34 1.93
CA PHE A 48 -5.03 -7.64 1.70
C PHE A 48 -4.84 -8.41 2.99
N HIS A 49 -4.99 -9.74 3.00
CA HIS A 49 -4.56 -10.56 4.12
C HIS A 49 -3.04 -10.65 4.07
N LEU A 50 -2.45 -9.86 4.96
CA LEU A 50 -1.01 -9.72 5.14
C LEU A 50 -0.40 -11.10 5.38
N ALA A 51 -0.99 -11.93 6.25
CA ALA A 51 -0.43 -13.23 6.59
C ALA A 51 -0.29 -14.10 5.34
N SER A 52 -1.20 -13.98 4.38
CA SER A 52 -1.17 -14.71 3.12
C SER A 52 -0.47 -13.91 2.02
N ALA A 53 0.22 -12.80 2.34
CA ALA A 53 0.88 -11.99 1.31
C ALA A 53 1.90 -12.81 0.54
N ASP A 54 2.98 -13.27 1.20
CA ASP A 54 4.08 -14.03 0.60
C ASP A 54 4.94 -13.21 -0.38
N TRP A 55 4.42 -12.10 -0.88
CA TRP A 55 5.17 -11.04 -1.57
C TRP A 55 5.80 -10.04 -0.56
N ILE A 56 5.39 -10.08 0.72
CA ILE A 56 6.02 -9.35 1.84
C ILE A 56 6.98 -10.32 2.55
N GLU A 57 8.12 -9.78 2.98
CA GLU A 57 9.15 -10.43 3.79
C GLU A 57 8.56 -10.87 5.11
N GLU A 58 8.97 -12.02 5.62
CA GLU A 58 8.57 -12.41 6.96
C GLU A 58 8.84 -11.38 8.03
N PRO A 59 10.06 -10.82 8.12
CA PRO A 59 10.37 -9.98 9.27
C PRO A 59 9.65 -8.62 9.15
N VAL A 60 9.03 -8.37 8.00
CA VAL A 60 8.24 -7.21 7.66
C VAL A 60 6.75 -7.51 7.86
N ARG A 61 6.25 -8.69 7.48
CA ARG A 61 4.85 -9.10 7.66
C ARG A 61 4.45 -8.83 9.09
N GLN A 62 5.14 -9.45 10.04
CA GLN A 62 4.80 -9.29 11.43
C GLN A 62 5.03 -7.86 11.90
N LYS A 63 5.95 -7.08 11.32
CA LYS A 63 6.01 -5.67 11.65
C LYS A 63 4.68 -5.00 11.31
N ILE A 64 4.23 -4.94 10.06
CA ILE A 64 2.97 -4.35 9.64
C ILE A 64 1.80 -4.96 10.43
N ALA A 65 1.86 -6.25 10.76
CA ALA A 65 0.82 -6.92 11.52
C ALA A 65 0.60 -6.25 12.89
N LEU A 66 1.68 -5.73 13.48
CA LEU A 66 1.75 -5.11 14.79
C LEU A 66 1.78 -3.59 14.71
N THR A 67 2.72 -3.04 13.95
CA THR A 67 3.03 -1.62 13.81
C THR A 67 1.89 -0.91 13.07
N HIS A 68 1.19 -1.63 12.20
CA HIS A 68 0.05 -1.12 11.46
C HIS A 68 -1.20 -1.87 11.89
N LYS A 69 -1.23 -2.40 13.11
CA LYS A 69 -2.43 -3.00 13.64
C LYS A 69 -3.60 -2.02 13.63
N ASN A 70 -3.39 -0.73 13.87
CA ASN A 70 -4.50 0.20 13.77
C ASN A 70 -5.06 0.27 12.34
N LYS A 71 -4.24 -0.01 11.33
CA LYS A 71 -4.67 -0.07 9.94
C LYS A 71 -5.29 -1.42 9.57
N ILE A 72 -5.20 -2.45 10.41
CA ILE A 72 -5.88 -3.71 10.16
C ILE A 72 -7.38 -3.48 10.31
N ASN A 73 -8.19 -4.31 9.64
CA ASN A 73 -9.63 -4.36 9.88
C ASN A 73 -9.90 -4.91 11.28
N LYS A 74 -9.96 -6.22 11.42
CA LYS A 74 -10.05 -6.97 12.66
C LYS A 74 -9.56 -8.38 12.39
N ALA A 75 -9.82 -8.93 11.21
CA ALA A 75 -9.36 -10.25 10.80
C ALA A 75 -7.83 -10.34 10.86
N GLY A 76 -7.13 -9.28 10.45
CA GLY A 76 -5.73 -9.36 10.09
C GLY A 76 -5.50 -8.94 8.65
N GLU A 77 -6.54 -8.60 7.88
CA GLU A 77 -6.35 -7.91 6.62
C GLU A 77 -5.88 -6.51 6.94
N LEU A 78 -4.84 -6.08 6.23
CA LEU A 78 -4.36 -4.72 6.27
C LEU A 78 -5.25 -3.93 5.32
N VAL A 79 -5.83 -2.81 5.75
CA VAL A 79 -6.67 -1.98 4.90
C VAL A 79 -6.12 -0.56 4.95
N LEU A 80 -6.01 0.12 3.80
CA LEU A 80 -5.69 1.53 3.74
C LEU A 80 -6.34 2.18 2.54
N THR A 81 -6.45 3.51 2.58
CA THR A 81 -7.05 4.30 1.52
C THR A 81 -6.16 5.54 1.37
N SER A 82 -5.97 6.05 0.15
CA SER A 82 -5.09 7.18 -0.11
C SER A 82 -5.75 8.03 -1.19
N GLU A 83 -6.11 9.28 -0.90
CA GLU A 83 -6.95 10.08 -1.79
C GLU A 83 -6.34 11.46 -1.99
N SER A 84 -6.07 11.81 -3.24
CA SER A 84 -5.89 13.19 -3.69
C SER A 84 -6.34 13.38 -5.14
N SER A 85 -6.52 12.33 -5.95
CA SER A 85 -6.84 12.45 -7.36
C SER A 85 -8.32 12.22 -7.65
N ARG A 86 -8.74 12.61 -8.86
CA ARG A 86 -10.03 12.28 -9.50
C ARG A 86 -10.01 10.95 -10.27
N TYR A 87 -8.86 10.31 -10.39
CA TYR A 87 -8.67 9.10 -11.19
C TYR A 87 -8.88 7.85 -10.33
N GLN A 88 -8.90 6.67 -10.94
CA GLN A 88 -8.83 5.41 -10.20
C GLN A 88 -7.36 5.09 -9.88
N PHE A 89 -6.60 4.58 -10.85
CA PHE A 89 -5.27 4.04 -10.62
C PHE A 89 -4.29 5.08 -10.06
N ARG A 90 -4.45 6.38 -10.32
CA ARG A 90 -3.55 7.40 -9.74
C ARG A 90 -3.61 7.40 -8.22
N ASN A 91 -4.82 7.36 -7.64
CA ASN A 91 -4.99 7.30 -6.19
C ASN A 91 -4.44 5.97 -5.68
N LEU A 92 -4.72 4.91 -6.44
CA LEU A 92 -4.32 3.55 -6.15
C LEU A 92 -2.80 3.43 -6.10
N ALA A 93 -2.08 4.12 -7.00
CA ALA A 93 -0.63 4.16 -7.03
C ALA A 93 -0.09 4.58 -5.68
N GLU A 94 -0.71 5.57 -5.03
CA GLU A 94 -0.33 6.07 -3.72
C GLU A 94 -0.62 5.03 -2.63
N CYS A 95 -1.77 4.35 -2.71
CA CYS A 95 -2.11 3.26 -1.80
C CYS A 95 -0.99 2.21 -1.81
N LEU A 96 -0.65 1.74 -3.01
CA LEU A 96 0.41 0.76 -3.23
C LEU A 96 1.80 1.34 -2.96
N GLN A 97 1.95 2.66 -2.96
CA GLN A 97 3.19 3.33 -2.64
C GLN A 97 3.40 3.35 -1.12
N LYS A 98 2.36 3.56 -0.28
CA LYS A 98 2.60 3.51 1.17
C LYS A 98 2.90 2.08 1.57
N ILE A 99 2.25 1.06 0.99
CA ILE A 99 2.69 -0.33 1.11
C ILE A 99 4.21 -0.45 1.03
N ARG A 100 4.89 0.26 0.12
CA ARG A 100 6.33 0.21 -0.01
C ARG A 100 7.01 0.77 1.23
N ASP A 101 6.57 1.95 1.70
CA ASP A 101 7.19 2.64 2.82
C ASP A 101 6.97 1.84 4.10
N MET A 102 5.75 1.33 4.29
CA MET A 102 5.37 0.44 5.38
C MET A 102 6.31 -0.76 5.42
N ILE A 103 6.71 -1.30 4.26
CA ILE A 103 7.58 -2.46 4.14
C ILE A 103 9.02 -2.03 4.35
N ALA A 104 9.44 -0.89 3.83
CA ALA A 104 10.78 -0.35 3.96
C ALA A 104 11.10 -0.06 5.42
N GLU A 105 10.21 0.67 6.11
CA GLU A 105 10.45 1.10 7.47
C GLU A 105 10.47 -0.09 8.42
N ALA A 106 9.67 -1.12 8.11
CA ALA A 106 9.63 -2.39 8.80
C ALA A 106 10.79 -3.32 8.42
N SER A 107 11.46 -3.12 7.29
CA SER A 107 12.55 -3.98 6.85
C SER A 107 13.80 -3.61 7.65
N GLY A 108 14.07 -2.30 7.79
CA GLY A 108 15.15 -1.78 8.58
C GLY A 108 14.96 -2.02 10.09
N PRO A 109 15.97 -1.61 10.87
CA PRO A 109 16.05 -1.86 12.30
C PRO A 109 15.23 -0.78 13.02
N SER A 110 13.91 -0.94 13.06
CA SER A 110 12.98 -0.09 13.78
C SER A 110 12.51 -0.84 15.04
N SER A 111 12.64 -0.22 16.21
CA SER A 111 12.39 -0.84 17.51
C SER A 111 11.80 0.21 18.45
N GLY A 112 10.49 0.14 18.73
CA GLY A 112 9.90 1.04 19.69
C GLY A 112 8.39 0.93 19.63
#